data_4JAY
#
_entry.id   4JAY
#
_cell.length_a   153.700
_cell.length_b   154.350
_cell.length_c   64.470
_cell.angle_alpha   90.000
_cell.angle_beta   102.260
_cell.angle_gamma   90.000
#
_symmetry.space_group_name_H-M   'C 1 2 1'
#
loop_
_entity.id
_entity.type
_entity.pdbx_description
1 polymer 'UDP-N-acetylenolpyruvoylglucosamine reductase'
2 non-polymer 'FLAVIN-ADENINE DINUCLEOTIDE'
3 non-polymer 'NADP NICOTINAMIDE-ADENINE-DINUCLEOTIDE PHOSPHATE'
4 non-polymer 2-[3-(2-HYDROXY-1,1-DIHYDROXYMETHYL-ETHYLAMINO)-PROPYLAMINO]-2-HYDROXYMETHYL-PROPANE-1,3-DIOL
5 non-polymer 'POTASSIUM ION'
6 water water
#
_entity_poly.entity_id   1
_entity_poly.type   'polypeptide(L)'
_entity_poly.pdbx_seq_one_letter_code
;SMSLELQEHCSLKPYNTFGIDVRARLLAHARDEADVREALALARERGLPLLVIGGGSNLLLTRDVEALVLRMASQGRRIV
SDAADSVLVEAEAGEAWDPFVQWSLERGLAGLENLSLIPGTVGAAPMQNIGAYGVELKDVFDSLTALDRQDGTLREFDRQ
ACRFGYRDSLFKQEPDRWLILRVRLRLTRRERLHLDYGPVRQRLEEEGIASPTARDVSRVICAIRREKLPDPAVLGNAGS
FFKNPLVDATQAERLRQAFPDLVGYPQADGRLKLAAGWLIDKGGWKGFRDGPVGVHAQQALVLVNHGGATGAQVRALAER
IQEDVRRRFGVELEPEPNLY
;
_entity_poly.pdbx_strand_id   A,B,C,D
#
# COMPACT_ATOMS: atom_id res chain seq x y z
N SER A 3 19.75 25.24 -17.27
CA SER A 3 18.44 25.88 -17.47
C SER A 3 17.57 25.23 -18.56
N LEU A 4 18.18 24.80 -19.64
CA LEU A 4 17.48 24.03 -20.63
C LEU A 4 16.85 22.72 -20.07
N GLU A 5 17.42 22.14 -19.02
CA GLU A 5 16.92 20.83 -18.51
C GLU A 5 16.16 21.00 -17.21
N LEU A 6 16.09 22.22 -16.73
CA LEU A 6 15.52 22.54 -15.44
C LEU A 6 14.06 22.12 -15.48
N GLN A 7 13.61 21.55 -14.38
CA GLN A 7 12.30 20.91 -14.32
C GLN A 7 11.61 21.34 -13.01
N GLU A 8 10.32 21.73 -13.10
CA GLU A 8 9.53 22.25 -11.94
C GLU A 8 8.40 21.32 -11.54
N HIS A 9 8.19 21.17 -10.24
CA HIS A 9 7.10 20.36 -9.71
C HIS A 9 7.14 18.95 -10.26
N CYS A 10 8.30 18.35 -10.13
CA CYS A 10 8.68 17.17 -10.89
C CYS A 10 8.83 15.95 -10.00
N SER A 11 8.31 14.82 -10.46
CA SER A 11 8.42 13.58 -9.69
C SER A 11 9.87 13.08 -9.51
N LEU A 12 10.25 12.78 -8.27
CA LEU A 12 11.57 12.25 -7.98
C LEU A 12 11.63 10.73 -8.05
N LYS A 13 10.53 10.10 -8.44
CA LYS A 13 10.49 8.65 -8.35
C LYS A 13 11.56 7.91 -9.18
N PRO A 14 11.83 8.36 -10.42
CA PRO A 14 12.91 7.74 -11.23
C PRO A 14 14.31 7.95 -10.66
N TYR A 15 14.46 8.80 -9.64
CA TYR A 15 15.78 9.21 -9.16
C TYR A 15 16.14 8.78 -7.75
N ASN A 16 15.37 7.81 -7.19
CA ASN A 16 15.74 7.21 -5.91
C ASN A 16 15.49 5.70 -5.99
N THR A 17 16.39 4.90 -5.45
CA THR A 17 16.30 3.48 -5.65
C THR A 17 15.12 2.90 -4.87
N PHE A 18 14.74 3.56 -3.79
CA PHE A 18 13.56 3.16 -3.06
C PHE A 18 12.31 3.30 -3.87
N GLY A 19 12.31 4.21 -4.82
CA GLY A 19 11.17 4.37 -5.75
C GLY A 19 10.05 5.11 -5.07
N ILE A 20 10.39 5.95 -4.09
CA ILE A 20 9.40 6.80 -3.42
C ILE A 20 9.02 7.93 -4.38
N ASP A 21 7.72 8.15 -4.54
CA ASP A 21 7.22 9.19 -5.39
C ASP A 21 6.80 10.46 -4.60
N VAL A 22 7.72 11.41 -4.47
CA VAL A 22 7.43 12.73 -3.96
C VAL A 22 7.86 13.75 -5.01
N ARG A 23 7.48 15.00 -4.85
CA ARG A 23 7.80 15.98 -5.87
C ARG A 23 8.90 16.95 -5.45
N ALA A 24 9.71 17.35 -6.43
CA ALA A 24 10.75 18.36 -6.22
C ALA A 24 10.22 19.69 -6.70
N ARG A 25 10.43 20.75 -5.91
CA ARG A 25 10.03 22.09 -6.34
C ARG A 25 10.69 22.45 -7.65
N LEU A 26 12.00 22.23 -7.71
CA LEU A 26 12.79 22.33 -8.93
C LEU A 26 13.75 21.18 -8.98
N LEU A 27 13.97 20.66 -10.16
CA LEU A 27 14.95 19.62 -10.38
C LEU A 27 15.91 20.04 -11.50
N ALA A 28 17.19 20.07 -11.16
CA ALA A 28 18.22 20.43 -12.11
C ALA A 28 19.18 19.28 -12.35
N HIS A 29 19.57 19.15 -13.59
CA HIS A 29 20.46 18.11 -14.00
C HIS A 29 21.78 18.80 -14.32
N ALA A 30 22.71 18.79 -13.37
CA ALA A 30 23.99 19.47 -13.58
C ALA A 30 24.99 18.58 -14.31
N ARG A 31 25.57 19.09 -15.39
CA ARG A 31 26.49 18.33 -16.22
C ARG A 31 27.91 18.79 -16.07
N ASP A 32 28.11 19.93 -15.42
CA ASP A 32 29.43 20.48 -15.22
C ASP A 32 29.42 21.53 -14.10
N GLU A 33 30.60 22.07 -13.80
CA GLU A 33 30.73 23.00 -12.68
C GLU A 33 29.90 24.25 -12.93
N ALA A 34 29.79 24.68 -14.17
CA ALA A 34 29.04 25.89 -14.46
C ALA A 34 27.54 25.71 -14.15
N ASP A 35 27.02 24.53 -14.46
CA ASP A 35 25.67 24.13 -14.06
C ASP A 35 25.48 24.19 -12.53
N VAL A 36 26.39 23.57 -11.81
CA VAL A 36 26.29 23.56 -10.37
C VAL A 36 26.18 24.99 -9.82
N ARG A 37 26.98 25.93 -10.31
CA ARG A 37 26.95 27.32 -9.82
C ARG A 37 25.65 28.05 -10.18
N GLU A 38 25.15 27.84 -11.39
CA GLU A 38 23.82 28.34 -11.80
C GLU A 38 22.70 27.83 -10.86
N ALA A 39 22.70 26.54 -10.57
CA ALA A 39 21.73 25.94 -9.66
C ALA A 39 21.85 26.49 -8.23
N LEU A 40 23.07 26.65 -7.72
CA LEU A 40 23.28 27.27 -6.41
C LEU A 40 22.72 28.65 -6.41
N ALA A 41 23.00 29.39 -7.47
CA ALA A 41 22.65 30.80 -7.58
C ALA A 41 21.13 30.96 -7.68
N LEU A 42 20.50 30.01 -8.35
CA LEU A 42 19.07 30.03 -8.54
C LEU A 42 18.34 29.65 -7.26
N ALA A 43 18.80 28.60 -6.59
CA ALA A 43 18.28 28.29 -5.27
C ALA A 43 18.37 29.53 -4.34
N ARG A 44 19.48 30.26 -4.38
CA ARG A 44 19.58 31.57 -3.70
C ARG A 44 18.54 32.56 -4.18
N GLU A 45 18.44 32.76 -5.49
CA GLU A 45 17.45 33.68 -6.04
C GLU A 45 16.03 33.36 -5.51
N ARG A 46 15.67 32.08 -5.52
CA ARG A 46 14.32 31.66 -5.16
C ARG A 46 14.11 31.47 -3.66
N GLY A 47 15.17 31.63 -2.86
CA GLY A 47 15.09 31.42 -1.43
C GLY A 47 14.97 29.96 -1.01
N LEU A 48 15.45 29.04 -1.84
CA LEU A 48 15.24 27.61 -1.58
C LEU A 48 16.50 26.89 -1.10
N PRO A 49 16.34 25.90 -0.20
CA PRO A 49 17.40 24.92 0.09
C PRO A 49 17.82 24.20 -1.17
N LEU A 50 19.00 23.61 -1.11
CA LEU A 50 19.48 22.81 -2.21
C LEU A 50 19.74 21.41 -1.66
N LEU A 51 19.23 20.41 -2.40
CA LEU A 51 19.38 19.02 -2.04
C LEU A 51 20.14 18.41 -3.17
N VAL A 52 21.29 17.79 -2.85
CA VAL A 52 22.14 17.19 -3.87
C VAL A 52 21.88 15.70 -3.97
N ILE A 53 21.75 15.19 -5.17
CA ILE A 53 21.65 13.78 -5.34
C ILE A 53 22.51 13.26 -6.49
N GLY A 54 22.91 12.00 -6.36
CA GLY A 54 23.62 11.31 -7.38
C GLY A 54 22.64 10.35 -8.01
N GLY A 55 22.73 9.09 -7.64
CA GLY A 55 21.83 8.05 -8.18
C GLY A 55 20.71 7.75 -7.23
N GLY A 56 20.69 8.42 -6.09
CA GLY A 56 19.57 8.30 -5.17
C GLY A 56 19.44 6.88 -4.68
N SER A 57 20.60 6.23 -4.51
CA SER A 57 20.64 4.89 -3.99
C SER A 57 20.98 4.78 -2.48
N ASN A 58 21.14 5.92 -1.78
CA ASN A 58 21.33 5.91 -0.29
C ASN A 58 20.51 7.06 0.36
N LEU A 59 19.28 7.14 -0.06
CA LEU A 59 18.49 8.30 0.10
C LEU A 59 17.08 7.85 0.38
N LEU A 60 16.50 8.40 1.43
CA LEU A 60 15.11 8.11 1.73
C LEU A 60 14.34 9.43 1.73
N LEU A 61 13.47 9.60 0.73
CA LEU A 61 12.62 10.78 0.65
C LEU A 61 11.29 10.56 1.35
N THR A 62 10.98 11.43 2.32
CA THR A 62 9.79 11.27 3.16
C THR A 62 8.68 12.29 2.92
N ARG A 63 8.91 13.29 2.10
CA ARG A 63 7.89 14.30 1.80
C ARG A 63 8.32 15.10 0.61
N ASP A 64 7.38 15.87 0.07
CA ASP A 64 7.66 16.76 -1.05
C ASP A 64 8.88 17.63 -0.72
N VAL A 65 9.77 17.74 -1.68
CA VAL A 65 11.03 18.42 -1.46
C VAL A 65 10.87 19.87 -1.86
N GLU A 66 10.81 20.73 -0.86
CA GLU A 66 10.72 22.16 -1.11
C GLU A 66 12.15 22.69 -1.16
N ALA A 67 12.76 22.44 -2.31
CA ALA A 67 14.17 22.68 -2.50
C ALA A 67 14.44 22.57 -3.98
N LEU A 68 15.61 23.05 -4.37
CA LEU A 68 16.13 22.76 -5.68
C LEU A 68 16.90 21.46 -5.51
N VAL A 69 16.51 20.43 -6.26
CA VAL A 69 17.19 19.18 -6.21
C VAL A 69 18.18 19.21 -7.35
N LEU A 70 19.44 18.97 -7.01
CA LEU A 70 20.54 19.09 -7.93
C LEU A 70 21.13 17.71 -8.20
N ARG A 71 20.82 17.18 -9.37
CA ARG A 71 21.27 15.88 -9.74
C ARG A 71 22.61 16.02 -10.44
N MET A 72 23.61 15.31 -9.92
CA MET A 72 24.96 15.44 -10.44
C MET A 72 25.08 14.52 -11.65
N ALA A 73 25.09 15.09 -12.83
CA ALA A 73 25.18 14.27 -14.01
C ALA A 73 26.45 14.59 -14.79
N SER A 74 27.46 15.13 -14.11
CA SER A 74 28.74 15.32 -14.74
C SER A 74 29.36 13.99 -15.18
N GLN A 75 30.14 14.01 -16.23
CA GLN A 75 30.66 12.82 -16.85
C GLN A 75 32.14 13.12 -17.05
N GLY A 76 32.99 12.10 -17.07
CA GLY A 76 34.42 12.29 -17.28
C GLY A 76 35.23 11.29 -16.45
N ARG A 77 36.05 10.50 -17.14
CA ARG A 77 36.92 9.50 -16.53
C ARG A 77 38.29 9.63 -17.19
N ARG A 78 39.34 9.82 -16.41
CA ARG A 78 40.66 9.80 -17.04
C ARG A 78 41.78 9.31 -16.11
N ILE A 79 42.90 8.99 -16.73
CA ILE A 79 44.08 8.61 -15.99
C ILE A 79 44.83 9.91 -15.83
N VAL A 80 45.05 10.33 -14.59
CA VAL A 80 45.75 11.58 -14.32
C VAL A 80 47.23 11.42 -14.51
N SER A 81 47.73 10.25 -14.12
CA SER A 81 49.16 10.02 -13.86
C SER A 81 49.38 8.50 -13.71
N ASP A 82 50.45 7.98 -14.29
CA ASP A 82 50.69 6.55 -14.43
C ASP A 82 52.18 6.36 -14.32
N ALA A 83 52.65 6.13 -13.10
CA ALA A 83 54.08 6.16 -12.82
C ALA A 83 54.52 5.01 -11.90
N ALA A 84 55.39 4.14 -12.42
CA ALA A 84 55.97 3.04 -11.67
C ALA A 84 54.91 2.17 -11.01
N ASP A 85 53.96 1.69 -11.81
CA ASP A 85 52.90 0.76 -11.34
C ASP A 85 51.84 1.44 -10.49
N SER A 86 52.04 2.70 -10.08
CA SER A 86 51.03 3.43 -9.31
C SER A 86 50.26 4.37 -10.24
N VAL A 87 48.95 4.27 -10.23
CA VAL A 87 48.15 4.94 -11.24
C VAL A 87 47.09 5.71 -10.55
N LEU A 88 47.02 6.99 -10.90
CA LEU A 88 46.10 7.90 -10.26
C LEU A 88 45.01 8.21 -11.27
N VAL A 89 43.76 8.00 -10.86
CA VAL A 89 42.61 8.19 -11.76
C VAL A 89 41.61 9.18 -11.22
N GLU A 90 40.87 9.76 -12.15
CA GLU A 90 39.94 10.79 -11.82
C GLU A 90 38.60 10.52 -12.47
N ALA A 91 37.55 10.75 -11.69
CA ALA A 91 36.21 10.66 -12.23
C ALA A 91 35.39 11.82 -11.73
N GLU A 92 34.56 12.33 -12.63
CA GLU A 92 33.62 13.41 -12.34
C GLU A 92 32.53 12.82 -11.51
N ALA A 93 32.01 13.63 -10.59
CA ALA A 93 31.04 13.23 -9.60
C ALA A 93 29.88 12.47 -10.21
N GLY A 94 29.44 12.84 -11.42
CA GLY A 94 28.24 12.21 -11.97
C GLY A 94 28.40 10.83 -12.63
N GLU A 95 29.63 10.35 -12.72
CA GLU A 95 29.87 9.03 -13.22
C GLU A 95 29.29 7.93 -12.33
N ALA A 96 28.69 6.96 -13.01
CA ALA A 96 28.15 5.74 -12.40
C ALA A 96 29.26 4.92 -11.83
N TRP A 97 29.11 4.55 -10.59
CA TRP A 97 30.21 3.89 -9.89
C TRP A 97 30.58 2.58 -10.50
N ASP A 98 29.63 1.71 -10.79
CA ASP A 98 30.08 0.37 -11.23
C ASP A 98 30.73 0.39 -12.60
N PRO A 99 30.19 1.14 -13.54
CA PRO A 99 30.94 1.23 -14.84
C PRO A 99 32.34 1.83 -14.70
N PHE A 100 32.53 2.73 -13.74
CA PHE A 100 33.84 3.28 -13.44
C PHE A 100 34.74 2.21 -12.91
N VAL A 101 34.20 1.31 -12.09
CA VAL A 101 34.98 0.18 -11.65
C VAL A 101 35.38 -0.78 -12.81
N GLN A 102 34.43 -1.17 -13.65
CA GLN A 102 34.77 -2.01 -14.81
C GLN A 102 35.79 -1.32 -15.68
N TRP A 103 35.63 0.00 -15.82
CA TRP A 103 36.55 0.80 -16.59
C TRP A 103 37.97 0.67 -16.04
N SER A 104 38.11 0.82 -14.73
CA SER A 104 39.42 0.71 -14.12
C SER A 104 40.02 -0.69 -14.30
N LEU A 105 39.21 -1.71 -14.15
CA LEU A 105 39.70 -3.09 -14.22
C LEU A 105 40.11 -3.42 -15.63
N GLU A 106 39.38 -2.89 -16.60
CA GLU A 106 39.67 -3.23 -17.98
C GLU A 106 40.99 -2.62 -18.39
N ARG A 107 41.38 -1.56 -17.71
CA ARG A 107 42.73 -0.99 -17.88
C ARG A 107 43.87 -1.65 -17.06
N GLY A 108 43.57 -2.77 -16.40
CA GLY A 108 44.54 -3.46 -15.62
C GLY A 108 44.80 -2.82 -14.28
N LEU A 109 43.86 -2.03 -13.76
CA LEU A 109 44.11 -1.40 -12.46
C LEU A 109 43.46 -2.20 -11.37
N ALA A 110 44.12 -2.37 -10.24
CA ALA A 110 43.53 -3.10 -9.16
C ALA A 110 43.38 -2.14 -7.97
N GLY A 111 42.33 -2.37 -7.19
CA GLY A 111 41.99 -1.52 -6.05
C GLY A 111 40.49 -1.48 -5.79
N LEU A 112 39.68 -1.52 -6.83
CA LEU A 112 38.25 -1.33 -6.67
C LEU A 112 37.40 -2.61 -6.79
N GLU A 113 38.00 -3.74 -7.16
CA GLU A 113 37.25 -4.98 -7.47
C GLU A 113 36.22 -5.40 -6.39
N ASN A 114 36.59 -5.19 -5.11
CA ASN A 114 35.72 -5.49 -4.01
C ASN A 114 34.52 -4.60 -3.92
N LEU A 115 34.63 -3.43 -4.54
CA LEU A 115 33.54 -2.49 -4.64
C LEU A 115 32.77 -2.61 -5.93
N SER A 116 32.86 -3.73 -6.65
CA SER A 116 32.01 -3.94 -7.82
C SER A 116 30.52 -3.92 -7.51
N LEU A 117 29.76 -3.35 -8.44
CA LEU A 117 28.31 -3.42 -8.48
C LEU A 117 27.57 -2.62 -7.42
N ILE A 118 28.27 -1.86 -6.58
CA ILE A 118 27.63 -0.91 -5.68
C ILE A 118 27.01 0.17 -6.56
N PRO A 119 25.73 0.51 -6.34
CA PRO A 119 25.01 1.50 -7.13
C PRO A 119 25.46 2.89 -6.82
N GLY A 120 25.06 3.83 -7.65
CA GLY A 120 25.32 5.24 -7.33
C GLY A 120 26.43 5.78 -8.17
N THR A 121 26.90 6.94 -7.73
CA THR A 121 27.87 7.73 -8.41
C THR A 121 29.16 7.89 -7.64
N VAL A 122 30.15 8.33 -8.40
CA VAL A 122 31.50 8.57 -7.89
C VAL A 122 31.45 9.71 -6.85
N GLY A 123 30.70 10.73 -7.17
CA GLY A 123 30.56 11.87 -6.30
C GLY A 123 30.02 11.57 -4.93
N ALA A 124 29.10 10.60 -4.84
CA ALA A 124 28.54 10.18 -3.53
C ALA A 124 29.44 9.20 -2.75
N ALA A 125 30.36 8.53 -3.45
CA ALA A 125 31.18 7.47 -2.87
C ALA A 125 31.97 7.86 -1.63
N PRO A 126 32.54 9.06 -1.59
CA PRO A 126 33.20 9.55 -0.37
C PRO A 126 32.28 9.91 0.80
N MET A 127 31.02 10.18 0.51
CA MET A 127 30.10 10.61 1.58
C MET A 127 30.06 9.59 2.66
N GLN A 128 29.83 8.34 2.30
CA GLN A 128 29.83 7.31 3.36
C GLN A 128 30.99 6.38 3.28
N ASN A 129 32.04 6.78 2.57
CA ASN A 129 33.26 5.99 2.48
C ASN A 129 32.89 4.59 2.04
N ILE A 130 32.33 4.48 0.83
CA ILE A 130 31.67 3.25 0.47
C ILE A 130 32.58 2.07 0.68
N GLY A 131 31.98 0.98 1.13
CA GLY A 131 32.75 -0.22 1.41
C GLY A 131 31.94 -1.47 1.22
N ALA A 132 32.63 -2.53 0.89
CA ALA A 132 32.06 -3.86 0.79
C ALA A 132 33.22 -4.88 0.74
N TYR A 133 33.01 -6.06 1.28
CA TYR A 133 33.96 -7.11 1.20
C TYR A 133 35.34 -6.71 1.72
N GLY A 134 35.38 -5.98 2.83
CA GLY A 134 36.62 -5.61 3.50
C GLY A 134 37.41 -4.49 2.88
N VAL A 135 36.86 -3.83 1.87
CA VAL A 135 37.53 -2.71 1.25
C VAL A 135 36.66 -1.48 1.42
N GLU A 136 37.31 -0.35 1.61
CA GLU A 136 36.64 0.92 1.69
C GLU A 136 37.31 1.89 0.74
N LEU A 137 36.54 2.84 0.23
CA LEU A 137 37.10 3.90 -0.61
C LEU A 137 38.36 4.50 -0.01
N LYS A 138 38.43 4.68 1.29
CA LYS A 138 39.60 5.36 1.84
C LYS A 138 40.88 4.61 1.54
N ASP A 139 40.81 3.31 1.33
CA ASP A 139 42.00 2.49 1.13
C ASP A 139 42.68 2.83 -0.20
N VAL A 140 41.96 3.43 -1.12
CA VAL A 140 42.54 3.81 -2.40
C VAL A 140 42.37 5.30 -2.68
N PHE A 141 42.02 6.08 -1.67
CA PHE A 141 41.58 7.44 -1.96
C PHE A 141 42.75 8.40 -1.96
N ASP A 142 42.87 9.22 -3.01
CA ASP A 142 43.94 10.19 -3.05
C ASP A 142 43.43 11.55 -2.64
N SER A 143 42.43 12.05 -3.36
CA SER A 143 41.87 13.37 -3.09
C SER A 143 40.58 13.63 -3.81
N LEU A 144 39.93 14.72 -3.44
CA LEU A 144 38.82 15.19 -4.22
C LEU A 144 38.79 16.71 -4.27
N THR A 145 37.99 17.22 -5.21
CA THR A 145 37.70 18.64 -5.35
C THR A 145 36.26 18.88 -5.01
N ALA A 146 36.04 19.78 -4.05
CA ALA A 146 34.72 20.10 -3.57
C ALA A 146 34.50 21.60 -3.63
N LEU A 147 33.25 21.96 -3.93
CA LEU A 147 32.83 23.34 -3.97
C LEU A 147 32.31 23.67 -2.59
N ASP A 148 32.85 24.73 -2.03
CA ASP A 148 32.42 25.25 -0.73
C ASP A 148 31.15 26.07 -0.89
N ARG A 149 30.02 25.58 -0.42
CA ARG A 149 28.74 26.26 -0.65
C ARG A 149 28.58 27.51 0.18
N GLN A 150 29.47 27.74 1.13
CA GLN A 150 29.50 28.99 1.88
C GLN A 150 30.13 30.14 1.07
N ASP A 151 31.20 29.86 0.33
CA ASP A 151 31.98 30.87 -0.38
C ASP A 151 31.83 30.80 -1.89
N GLY A 152 31.35 29.66 -2.41
CA GLY A 152 31.46 29.39 -3.83
C GLY A 152 32.88 29.10 -4.29
N THR A 153 33.80 28.83 -3.35
CA THR A 153 35.19 28.53 -3.70
C THR A 153 35.47 27.03 -3.73
N LEU A 154 36.51 26.64 -4.46
CA LEU A 154 36.95 25.24 -4.55
C LEU A 154 38.03 24.88 -3.53
N ARG A 155 37.92 23.69 -2.97
CA ARG A 155 38.89 23.21 -2.02
C ARG A 155 39.25 21.80 -2.44
N GLU A 156 40.50 21.44 -2.20
CA GLU A 156 40.94 20.10 -2.45
C GLU A 156 41.02 19.40 -1.13
N PHE A 157 40.53 18.17 -1.11
CA PHE A 157 40.59 17.37 0.10
C PHE A 157 41.49 16.18 -0.13
N ASP A 158 42.54 16.06 0.66
CA ASP A 158 43.35 14.86 0.62
C ASP A 158 42.74 13.82 1.57
N ARG A 159 43.33 12.64 1.63
CA ARG A 159 42.75 11.55 2.40
C ARG A 159 42.49 11.93 3.85
N GLN A 160 43.51 12.33 4.60
CA GLN A 160 43.30 12.71 5.99
C GLN A 160 42.21 13.77 6.14
N ALA A 161 42.16 14.76 5.25
CA ALA A 161 41.23 15.85 5.38
C ALA A 161 39.74 15.40 5.38
N CYS A 162 39.42 14.39 4.58
CA CYS A 162 38.10 13.82 4.54
C CYS A 162 37.62 13.10 5.83
N ARG A 163 38.54 12.77 6.73
CA ARG A 163 38.18 12.16 8.00
C ARG A 163 37.33 10.93 7.78
N PHE A 164 37.81 10.00 6.97
CA PHE A 164 37.04 8.83 6.71
C PHE A 164 36.96 7.97 7.94
N GLY A 165 35.79 7.38 8.11
CA GLY A 165 35.56 6.37 9.16
C GLY A 165 34.64 5.31 8.59
N TYR A 166 34.19 4.41 9.47
CA TYR A 166 33.25 3.37 9.06
C TYR A 166 31.89 4.05 8.73
N ARG A 167 31.51 3.98 7.46
CA ARG A 167 30.32 4.67 6.90
C ARG A 167 30.27 6.17 7.26
N ASP A 168 31.40 6.84 7.15
CA ASP A 168 31.49 8.20 7.64
C ASP A 168 32.59 8.99 6.94
N SER A 169 32.40 10.29 6.95
CA SER A 169 33.32 11.25 6.36
C SER A 169 32.99 12.60 6.91
N LEU A 170 33.90 13.54 6.69
CA LEU A 170 33.67 14.96 7.00
C LEU A 170 32.37 15.48 6.39
N PHE A 171 32.05 15.00 5.19
CA PHE A 171 30.93 15.52 4.42
C PHE A 171 29.59 15.08 4.97
N LYS A 172 29.59 13.89 5.58
CA LYS A 172 28.45 13.41 6.34
C LYS A 172 28.35 14.14 7.66
N GLN A 173 29.47 14.54 8.28
CA GLN A 173 29.47 15.26 9.59
C GLN A 173 29.11 16.74 9.47
N GLU A 174 29.49 17.35 8.38
CA GLU A 174 29.21 18.75 8.09
C GLU A 174 28.36 18.76 6.86
N PRO A 175 27.12 18.31 6.99
CA PRO A 175 26.33 18.14 5.77
C PRO A 175 25.95 19.49 5.14
N ASP A 176 25.64 19.46 3.83
CA ASP A 176 25.06 20.60 3.11
C ASP A 176 26.06 21.72 2.87
N ARG A 177 27.36 21.42 3.01
CA ARG A 177 28.39 22.43 2.90
C ARG A 177 29.21 22.18 1.66
N TRP A 178 29.59 20.93 1.43
CA TRP A 178 30.50 20.63 0.35
C TRP A 178 29.76 19.91 -0.72
N LEU A 179 30.12 20.25 -1.95
CA LEU A 179 29.54 19.65 -3.13
C LEU A 179 30.70 19.08 -3.89
N ILE A 180 30.72 17.77 -4.04
CA ILE A 180 31.84 17.09 -4.61
C ILE A 180 31.72 17.06 -6.10
N LEU A 181 32.75 17.59 -6.75
CA LEU A 181 32.77 17.73 -8.20
C LEU A 181 33.52 16.59 -8.88
N ARG A 182 34.62 16.15 -8.27
CA ARG A 182 35.38 15.02 -8.79
C ARG A 182 36.26 14.37 -7.72
N VAL A 183 36.69 13.16 -8.03
CA VAL A 183 37.30 12.28 -7.08
C VAL A 183 38.49 11.61 -7.77
N ARG A 184 39.61 11.62 -7.06
CA ARG A 184 40.81 11.00 -7.52
C ARG A 184 41.17 9.81 -6.63
N LEU A 185 41.41 8.67 -7.28
CA LEU A 185 41.77 7.45 -6.60
C LEU A 185 43.11 6.95 -7.08
N ARG A 186 43.88 6.36 -6.18
CA ARG A 186 45.18 5.80 -6.54
C ARG A 186 45.10 4.29 -6.62
N LEU A 187 45.27 3.76 -7.82
CA LEU A 187 45.16 2.34 -8.06
C LEU A 187 46.55 1.81 -8.50
N THR A 188 46.65 0.49 -8.71
CA THR A 188 47.90 -0.16 -9.06
C THR A 188 47.83 -1.01 -10.31
N ARG A 189 48.97 -1.22 -10.94
CA ARG A 189 49.07 -2.16 -12.05
C ARG A 189 49.59 -3.50 -11.57
N ARG A 190 50.09 -3.57 -10.35
CA ARG A 190 50.53 -4.84 -9.82
C ARG A 190 49.36 -5.55 -9.17
N GLU A 191 49.52 -6.85 -9.01
CA GLU A 191 48.45 -7.74 -8.57
C GLU A 191 48.16 -7.46 -7.09
N ARG A 192 46.90 -7.24 -6.74
CA ARG A 192 46.48 -7.08 -5.34
C ARG A 192 45.20 -7.82 -5.17
N LEU A 193 45.12 -8.60 -4.10
CA LEU A 193 43.90 -9.31 -3.76
C LEU A 193 43.58 -9.11 -2.30
N HIS A 194 42.37 -8.67 -2.00
CA HIS A 194 41.90 -8.58 -0.64
C HIS A 194 40.79 -9.60 -0.50
N LEU A 195 41.12 -10.82 -0.11
CA LEU A 195 40.15 -11.92 -0.11
C LEU A 195 39.72 -12.22 1.32
N ASP A 196 39.50 -11.15 2.10
CA ASP A 196 39.18 -11.26 3.51
C ASP A 196 37.91 -12.00 3.80
N TYR A 197 36.85 -11.79 3.03
CA TYR A 197 35.54 -12.34 3.40
C TYR A 197 35.47 -13.73 2.81
N GLY A 198 35.19 -14.72 3.67
CA GLY A 198 35.19 -16.12 3.29
C GLY A 198 34.42 -16.50 2.02
N PRO A 199 33.17 -16.02 1.86
CA PRO A 199 32.39 -16.40 0.68
C PRO A 199 33.06 -16.06 -0.64
N VAL A 200 33.86 -14.99 -0.67
CA VAL A 200 34.61 -14.62 -1.87
C VAL A 200 35.70 -15.63 -2.11
N ARG A 201 36.52 -15.82 -1.11
CA ARG A 201 37.55 -16.87 -1.13
C ARG A 201 36.97 -18.25 -1.53
N GLN A 202 35.85 -18.60 -0.93
CA GLN A 202 35.24 -19.90 -1.08
C GLN A 202 34.75 -20.09 -2.48
N ARG A 203 34.06 -19.10 -3.01
CA ARG A 203 33.57 -19.26 -4.37
C ARG A 203 34.69 -19.36 -5.38
N LEU A 204 35.77 -18.65 -5.13
CA LEU A 204 36.92 -18.64 -6.02
C LEU A 204 37.55 -20.03 -6.08
N GLU A 205 37.57 -20.72 -4.93
CA GLU A 205 38.06 -22.08 -4.87
C GLU A 205 37.10 -23.08 -5.52
N GLU A 206 35.81 -22.84 -5.41
CA GLU A 206 34.84 -23.75 -6.00
C GLU A 206 34.88 -23.71 -7.49
N GLU A 207 35.19 -22.54 -8.03
CA GLU A 207 35.29 -22.37 -9.45
C GLU A 207 36.70 -22.67 -9.91
N GLY A 208 37.56 -23.09 -8.98
CA GLY A 208 38.88 -23.61 -9.28
C GLY A 208 39.89 -22.59 -9.76
N ILE A 209 39.83 -21.36 -9.24
CA ILE A 209 40.81 -20.32 -9.61
C ILE A 209 41.77 -20.17 -8.42
N ALA A 210 42.89 -20.88 -8.51
CA ALA A 210 43.88 -20.93 -7.46
C ALA A 210 44.74 -19.67 -7.44
N SER A 211 44.93 -19.07 -8.62
CA SER A 211 45.69 -17.83 -8.78
C SER A 211 44.81 -16.73 -9.43
N PRO A 212 43.89 -16.17 -8.67
CA PRO A 212 42.96 -15.22 -9.25
C PRO A 212 43.56 -13.86 -9.51
N THR A 213 42.96 -13.14 -10.45
CA THR A 213 43.27 -11.74 -10.73
C THR A 213 42.17 -10.84 -10.15
N ALA A 214 42.42 -9.55 -10.12
CA ALA A 214 41.44 -8.63 -9.55
C ALA A 214 40.14 -8.68 -10.35
N ARG A 215 40.24 -8.97 -11.65
CA ARG A 215 39.03 -9.17 -12.47
C ARG A 215 38.21 -10.35 -12.03
N ASP A 216 38.86 -11.47 -11.73
CA ASP A 216 38.14 -12.68 -11.22
C ASP A 216 37.40 -12.41 -9.93
N VAL A 217 38.04 -11.68 -9.04
CA VAL A 217 37.42 -11.29 -7.83
C VAL A 217 36.20 -10.45 -8.13
N SER A 218 36.34 -9.44 -8.98
CA SER A 218 35.20 -8.59 -9.34
C SER A 218 34.02 -9.39 -9.86
N ARG A 219 34.26 -10.35 -10.72
CA ARG A 219 33.19 -11.16 -11.27
C ARG A 219 32.53 -11.99 -10.18
N VAL A 220 33.33 -12.52 -9.28
CA VAL A 220 32.81 -13.33 -8.19
C VAL A 220 31.95 -12.46 -7.30
N ILE A 221 32.42 -11.24 -7.08
CA ILE A 221 31.72 -10.32 -6.21
C ILE A 221 30.41 -9.94 -6.86
N CYS A 222 30.45 -9.71 -8.16
CA CYS A 222 29.22 -9.38 -8.86
C CYS A 222 28.23 -10.52 -8.74
N ALA A 223 28.70 -11.76 -8.94
CA ALA A 223 27.80 -12.92 -8.88
C ALA A 223 27.15 -13.07 -7.50
N ILE A 224 27.94 -12.96 -6.44
CA ILE A 224 27.40 -13.09 -5.06
C ILE A 224 26.38 -11.99 -4.80
N ARG A 225 26.74 -10.77 -5.13
CA ARG A 225 25.83 -9.66 -4.97
C ARG A 225 24.55 -9.85 -5.77
N ARG A 226 24.63 -10.33 -6.98
CA ARG A 226 23.41 -10.55 -7.77
C ARG A 226 22.53 -11.59 -7.14
N GLU A 227 23.14 -12.66 -6.67
CA GLU A 227 22.38 -13.70 -6.00
C GLU A 227 21.66 -13.19 -4.81
N LYS A 228 22.29 -12.38 -3.97
CA LYS A 228 21.68 -12.21 -2.67
C LYS A 228 21.00 -10.87 -2.39
N LEU A 229 21.41 -9.80 -3.04
CA LEU A 229 20.79 -8.51 -2.87
C LEU A 229 19.60 -8.32 -3.79
N PRO A 230 18.50 -7.81 -3.23
CA PRO A 230 17.35 -7.43 -4.03
C PRO A 230 17.70 -6.35 -5.01
N ASP A 231 17.38 -6.54 -6.30
CA ASP A 231 17.56 -5.50 -7.25
C ASP A 231 16.47 -4.45 -7.03
N PRO A 232 16.85 -3.16 -6.92
CA PRO A 232 15.84 -2.07 -6.77
C PRO A 232 14.75 -2.10 -7.81
N ALA A 233 15.08 -2.53 -9.02
CA ALA A 233 14.07 -2.64 -10.10
C ALA A 233 12.90 -3.57 -9.71
N VAL A 234 13.17 -4.63 -8.99
CA VAL A 234 12.11 -5.53 -8.53
C VAL A 234 11.44 -5.04 -7.26
N LEU A 235 12.27 -4.54 -6.36
CA LEU A 235 11.90 -4.29 -4.99
C LEU A 235 12.70 -3.06 -4.53
N GLY A 236 12.08 -1.88 -4.54
CA GLY A 236 12.77 -0.65 -4.14
C GLY A 236 13.44 -0.72 -2.80
N ASN A 237 14.70 -0.28 -2.76
CA ASN A 237 15.48 -0.31 -1.54
C ASN A 237 16.67 0.58 -1.68
N ALA A 238 17.32 0.84 -0.54
CA ALA A 238 18.53 1.61 -0.51
C ALA A 238 19.62 0.76 0.15
N GLY A 239 19.62 -0.53 -0.19
CA GLY A 239 20.56 -1.46 0.41
C GLY A 239 20.42 -1.56 1.93
N SER A 240 21.54 -1.70 2.62
CA SER A 240 21.55 -1.78 4.06
C SER A 240 21.00 -0.54 4.64
N PHE A 241 19.93 -0.66 5.44
CA PHE A 241 19.28 0.53 5.98
C PHE A 241 19.97 1.05 7.24
N PHE A 242 20.72 0.21 7.90
CA PHE A 242 21.35 0.59 9.15
C PHE A 242 22.84 0.32 9.14
N LYS A 243 23.61 1.14 9.85
CA LYS A 243 25.02 0.84 10.11
C LYS A 243 25.17 -0.23 11.16
N ASN A 244 26.19 -1.06 10.99
CA ASN A 244 26.62 -1.99 12.02
C ASN A 244 27.17 -1.24 13.20
N PRO A 245 26.59 -1.41 14.39
CA PRO A 245 27.07 -0.64 15.53
C PRO A 245 28.39 -1.18 16.08
N LEU A 246 29.19 -0.27 16.64
CA LEU A 246 30.38 -0.62 17.40
C LEU A 246 30.17 -0.41 18.89
N VAL A 247 30.53 -1.41 19.69
CA VAL A 247 30.42 -1.32 21.12
C VAL A 247 31.76 -1.66 21.75
N ASP A 248 31.93 -1.22 23.00
CA ASP A 248 33.13 -1.48 23.80
C ASP A 248 33.12 -2.88 24.38
N ALA A 249 34.29 -3.36 24.79
CA ALA A 249 34.44 -4.72 25.36
C ALA A 249 33.59 -4.92 26.63
N THR A 250 33.35 -3.84 27.38
CA THR A 250 32.43 -3.86 28.52
C THR A 250 31.05 -4.36 28.10
N GLN A 251 30.47 -3.63 27.16
CA GLN A 251 29.14 -3.92 26.70
C GLN A 251 29.18 -5.23 25.92
N ALA A 252 30.30 -5.47 25.24
CA ALA A 252 30.47 -6.69 24.44
C ALA A 252 30.47 -7.94 25.29
N GLU A 253 31.10 -7.85 26.47
CA GLU A 253 31.09 -8.96 27.41
C GLU A 253 29.71 -9.16 27.95
N ARG A 254 29.08 -8.08 28.39
CA ARG A 254 27.74 -8.19 28.92
C ARG A 254 26.75 -8.70 27.89
N LEU A 255 26.88 -8.26 26.65
CA LEU A 255 26.02 -8.76 25.58
C LEU A 255 26.21 -10.24 25.32
N ARG A 256 27.46 -10.69 25.33
CA ARG A 256 27.78 -12.09 25.00
C ARG A 256 27.25 -13.08 26.03
N GLN A 257 27.25 -12.68 27.30
CA GLN A 257 26.67 -13.52 28.33
C GLN A 257 25.19 -13.71 28.10
N ALA A 258 24.53 -12.60 27.83
CA ALA A 258 23.11 -12.61 27.55
C ALA A 258 22.82 -13.29 26.22
N PHE A 259 23.76 -13.19 25.27
CA PHE A 259 23.58 -13.73 23.94
C PHE A 259 24.85 -14.40 23.41
N PRO A 260 25.05 -15.69 23.74
CA PRO A 260 26.28 -16.36 23.28
C PRO A 260 26.43 -16.45 21.76
N ASP A 261 25.31 -16.64 21.05
CA ASP A 261 25.28 -16.70 19.58
C ASP A 261 25.55 -15.36 18.84
N LEU A 262 25.75 -14.30 19.60
CA LEU A 262 26.04 -12.95 19.08
C LEU A 262 27.09 -12.87 17.98
N VAL A 263 26.74 -12.26 16.85
CA VAL A 263 27.69 -12.08 15.76
C VAL A 263 28.38 -10.72 15.86
N GLY A 264 29.69 -10.77 16.01
CA GLY A 264 30.49 -9.57 16.15
C GLY A 264 31.92 -9.77 15.67
N TYR A 265 32.53 -8.67 15.25
CA TYR A 265 33.89 -8.69 14.77
C TYR A 265 34.70 -7.72 15.58
N PRO A 266 35.69 -8.25 16.35
CA PRO A 266 36.42 -7.30 17.19
C PRO A 266 37.42 -6.58 16.35
N GLN A 267 37.60 -5.34 16.73
CA GLN A 267 38.33 -4.43 15.91
C GLN A 267 39.74 -4.40 16.44
N ALA A 268 40.66 -3.96 15.60
CA ALA A 268 42.02 -3.66 16.03
C ALA A 268 42.00 -2.83 17.33
N ASP A 269 41.16 -1.81 17.42
CA ASP A 269 41.04 -1.05 18.68
C ASP A 269 40.54 -1.93 19.82
N GLY A 270 39.97 -3.09 19.49
CA GLY A 270 39.44 -4.01 20.50
C GLY A 270 37.94 -3.90 20.77
N ARG A 271 37.30 -2.81 20.33
CA ARG A 271 35.82 -2.70 20.35
C ARG A 271 35.22 -3.70 19.38
N LEU A 272 33.93 -3.92 19.52
CA LEU A 272 33.25 -4.94 18.74
C LEU A 272 32.22 -4.38 17.76
N LYS A 273 32.37 -4.79 16.51
CA LYS A 273 31.38 -4.52 15.47
C LYS A 273 30.34 -5.64 15.39
N LEU A 274 29.10 -5.32 15.71
CA LEU A 274 28.02 -6.28 15.69
C LEU A 274 27.43 -6.37 14.31
N ALA A 275 27.01 -7.55 13.90
CA ALA A 275 26.22 -7.65 12.69
C ALA A 275 24.82 -7.13 13.03
N ALA A 276 24.49 -5.96 12.49
CA ALA A 276 23.17 -5.39 12.63
C ALA A 276 22.13 -6.39 12.22
N GLY A 277 22.41 -7.10 11.14
CA GLY A 277 21.48 -8.08 10.57
C GLY A 277 21.11 -9.15 11.55
N TRP A 278 22.07 -9.56 12.35
CA TRP A 278 21.82 -10.61 13.32
C TRP A 278 20.87 -10.07 14.37
N LEU A 279 21.13 -8.86 14.85
CA LEU A 279 20.30 -8.28 15.90
C LEU A 279 18.86 -8.16 15.43
N ILE A 280 18.69 -7.75 14.18
CA ILE A 280 17.39 -7.54 13.58
C ILE A 280 16.64 -8.87 13.37
N ASP A 281 17.33 -9.85 12.81
CA ASP A 281 16.84 -11.22 12.68
C ASP A 281 16.36 -11.75 14.03
N LYS A 282 17.14 -11.55 15.08
CA LYS A 282 16.70 -11.98 16.42
C LYS A 282 15.46 -11.27 16.91
N GLY A 283 15.20 -10.08 16.39
CA GLY A 283 13.93 -9.42 16.65
C GLY A 283 12.76 -10.03 15.90
N GLY A 284 13.05 -10.94 14.96
CA GLY A 284 12.01 -11.58 14.16
C GLY A 284 11.55 -10.78 12.94
N TRP A 285 12.33 -9.77 12.54
CA TRP A 285 11.89 -8.82 11.52
C TRP A 285 12.03 -9.32 10.10
N LYS A 286 12.73 -10.42 9.95
CA LYS A 286 13.10 -10.86 8.65
C LYS A 286 11.87 -11.36 7.90
N GLY A 287 11.69 -10.85 6.68
CA GLY A 287 10.56 -11.18 5.83
C GLY A 287 9.29 -10.46 6.25
N PHE A 288 9.37 -9.63 7.32
CA PHE A 288 8.19 -8.90 7.77
C PHE A 288 7.63 -7.98 6.65
N ARG A 289 6.33 -7.80 6.66
CA ARG A 289 5.73 -6.97 5.68
C ARG A 289 4.52 -6.32 6.29
N ASP A 290 4.46 -4.98 6.18
CA ASP A 290 3.27 -4.22 6.51
C ASP A 290 2.89 -3.32 5.35
N GLY A 291 1.93 -3.80 4.57
CA GLY A 291 1.42 -3.13 3.40
C GLY A 291 2.56 -2.99 2.43
N PRO A 292 2.86 -1.75 2.04
CA PRO A 292 3.82 -1.58 0.98
C PRO A 292 5.29 -1.61 1.44
N VAL A 293 5.56 -1.66 2.75
CA VAL A 293 6.95 -1.76 3.20
C VAL A 293 7.27 -3.07 3.92
N GLY A 294 8.55 -3.38 4.01
CA GLY A 294 8.93 -4.62 4.64
C GLY A 294 10.41 -4.76 4.85
N VAL A 295 10.79 -5.89 5.43
CA VAL A 295 12.17 -6.29 5.60
C VAL A 295 12.43 -7.48 4.68
N HIS A 296 13.49 -7.45 3.90
CA HIS A 296 13.78 -8.54 3.02
C HIS A 296 13.88 -9.87 3.80
N ALA A 297 13.53 -10.99 3.16
CA ALA A 297 13.44 -12.29 3.86
C ALA A 297 14.78 -13.00 4.17
N GLN A 298 15.87 -12.64 3.49
CA GLN A 298 17.20 -13.16 3.75
C GLN A 298 18.16 -12.02 4.20
N GLN A 299 18.00 -10.81 3.65
CA GLN A 299 18.85 -9.66 4.05
C GLN A 299 18.17 -8.75 5.10
N ALA A 300 18.39 -9.08 6.35
CA ALA A 300 17.66 -8.42 7.40
C ALA A 300 17.88 -6.91 7.45
N LEU A 301 19.01 -6.45 6.95
CA LEU A 301 19.30 -5.01 6.93
C LEU A 301 18.53 -4.23 5.88
N VAL A 302 18.01 -4.94 4.89
CA VAL A 302 17.37 -4.27 3.75
C VAL A 302 15.87 -4.07 3.97
N LEU A 303 15.50 -2.82 4.20
CA LEU A 303 14.12 -2.40 4.16
C LEU A 303 13.71 -2.32 2.70
N VAL A 304 12.50 -2.77 2.38
CA VAL A 304 12.00 -2.78 1.00
C VAL A 304 10.65 -2.11 0.79
N ASN A 305 10.40 -1.74 -0.47
CA ASN A 305 9.17 -1.16 -0.94
C ASN A 305 8.59 -2.17 -1.93
N HIS A 306 7.42 -2.72 -1.59
CA HIS A 306 6.80 -3.73 -2.38
C HIS A 306 6.02 -3.06 -3.46
N GLY A 307 5.96 -1.72 -3.45
CA GLY A 307 5.11 -0.93 -4.37
C GLY A 307 4.25 0.12 -3.66
N GLY A 308 4.44 1.40 -4.02
CA GLY A 308 3.63 2.49 -3.52
C GLY A 308 3.97 2.99 -2.13
N ALA A 309 5.10 2.60 -1.59
CA ALA A 309 5.41 3.04 -0.22
C ALA A 309 5.60 4.52 -0.15
N THR A 310 5.13 5.15 0.93
CA THR A 310 5.56 6.51 1.20
C THR A 310 6.83 6.43 1.96
N GLY A 311 7.64 7.46 1.95
CA GLY A 311 8.86 7.46 2.76
C GLY A 311 8.59 7.44 4.27
N ALA A 312 7.50 8.06 4.69
CA ALA A 312 7.06 8.05 6.08
C ALA A 312 6.80 6.62 6.60
N GLN A 313 6.25 5.78 5.72
CA GLN A 313 6.00 4.36 6.08
C GLN A 313 7.29 3.58 6.25
N VAL A 314 8.23 3.82 5.35
CA VAL A 314 9.55 3.25 5.48
C VAL A 314 10.21 3.68 6.77
N ARG A 315 10.12 4.95 7.10
CA ARG A 315 10.72 5.47 8.31
C ARG A 315 10.05 4.95 9.56
N ALA A 316 8.72 4.87 9.56
CA ALA A 316 7.99 4.27 10.67
C ALA A 316 8.44 2.83 10.91
N LEU A 317 8.66 2.09 9.83
CA LEU A 317 9.15 0.72 9.96
C LEU A 317 10.53 0.69 10.56
N ALA A 318 11.43 1.53 10.06
CA ALA A 318 12.78 1.61 10.60
C ALA A 318 12.80 2.01 12.08
N GLU A 319 11.88 2.86 12.46
CA GLU A 319 11.76 3.33 13.84
C GLU A 319 11.28 2.21 14.77
N ARG A 320 10.40 1.35 14.28
CA ARG A 320 9.99 0.20 15.05
C ARG A 320 11.12 -0.76 15.28
N ILE A 321 11.94 -0.96 14.25
CA ILE A 321 13.06 -1.87 14.33
C ILE A 321 14.13 -1.32 15.26
N GLN A 322 14.42 -0.03 15.15
CA GLN A 322 15.37 0.59 16.05
C GLN A 322 14.94 0.45 17.48
N GLU A 323 13.68 0.72 17.78
CA GLU A 323 13.21 0.58 19.15
C GLU A 323 13.28 -0.86 19.71
N ASP A 324 12.91 -1.83 18.87
CA ASP A 324 12.98 -3.24 19.22
C ASP A 324 14.41 -3.66 19.58
N VAL A 325 15.37 -3.23 18.77
CA VAL A 325 16.77 -3.52 19.05
C VAL A 325 17.27 -2.79 20.31
N ARG A 326 16.84 -1.53 20.55
CA ARG A 326 17.25 -0.81 21.77
C ARG A 326 16.76 -1.56 22.99
N ARG A 327 15.52 -2.00 22.94
CA ARG A 327 14.96 -2.72 24.06
C ARG A 327 15.59 -4.09 24.27
N ARG A 328 15.72 -4.85 23.20
CA ARG A 328 16.29 -6.19 23.28
C ARG A 328 17.77 -6.21 23.65
N PHE A 329 18.56 -5.31 23.05
CA PHE A 329 20.01 -5.35 23.17
C PHE A 329 20.67 -4.13 23.78
N GLY A 330 19.90 -3.08 24.10
CA GLY A 330 20.49 -1.87 24.65
C GLY A 330 21.41 -1.18 23.65
N VAL A 331 21.17 -1.41 22.37
CA VAL A 331 22.06 -0.94 21.34
C VAL A 331 21.29 -0.01 20.39
N GLU A 332 21.92 1.12 20.07
CA GLU A 332 21.32 2.07 19.14
C GLU A 332 21.72 1.74 17.70
N LEU A 333 20.74 1.70 16.80
CA LEU A 333 21.03 1.51 15.40
C LEU A 333 20.86 2.82 14.71
N GLU A 334 21.86 3.22 13.94
CA GLU A 334 21.83 4.42 13.13
C GLU A 334 21.45 4.04 11.71
N PRO A 335 20.49 4.78 11.11
CA PRO A 335 20.31 4.49 9.70
C PRO A 335 21.50 4.95 8.88
N GLU A 336 21.66 4.29 7.75
CA GLU A 336 22.66 4.61 6.79
C GLU A 336 22.12 5.56 5.72
N PRO A 337 20.92 5.30 5.20
CA PRO A 337 20.51 6.21 4.14
C PRO A 337 20.27 7.60 4.66
N ASN A 338 20.62 8.61 3.88
CA ASN A 338 20.28 9.95 4.22
C ASN A 338 18.78 10.11 4.18
N LEU A 339 18.22 10.61 5.27
CA LEU A 339 16.81 10.82 5.36
C LEU A 339 16.48 12.29 5.14
N TYR A 340 15.74 12.60 4.08
CA TYR A 340 15.19 13.94 3.92
C TYR A 340 13.70 13.94 4.36
N SER B 3 -32.23 -28.06 26.63
CA SER B 3 -32.94 -29.17 27.32
C SER B 3 -33.26 -30.39 26.42
N LEU B 4 -33.64 -30.12 25.18
CA LEU B 4 -33.76 -31.19 24.20
C LEU B 4 -32.45 -32.00 24.00
N GLU B 5 -31.28 -31.41 24.20
CA GLU B 5 -30.01 -32.11 23.95
C GLU B 5 -29.26 -32.50 25.23
N LEU B 6 -29.86 -32.15 26.34
CA LEU B 6 -29.28 -32.35 27.66
C LEU B 6 -29.08 -33.85 27.91
N GLN B 7 -27.95 -34.19 28.49
CA GLN B 7 -27.47 -35.57 28.55
C GLN B 7 -26.95 -35.83 29.94
N GLU B 8 -27.33 -36.95 30.54
CA GLU B 8 -26.97 -37.31 31.94
C GLU B 8 -26.05 -38.53 32.02
N HIS B 9 -25.10 -38.49 32.95
CA HIS B 9 -24.18 -39.61 33.17
C HIS B 9 -23.48 -40.05 31.88
N CYS B 10 -22.90 -39.08 31.21
CA CYS B 10 -22.53 -39.19 29.81
C CYS B 10 -21.00 -39.13 29.64
N SER B 11 -20.50 -40.01 28.77
CA SER B 11 -19.07 -40.06 28.51
C SER B 11 -18.53 -38.77 27.88
N LEU B 12 -17.47 -38.22 28.46
CA LEU B 12 -16.80 -37.07 27.88
C LEU B 12 -15.69 -37.42 26.87
N LYS B 13 -15.53 -38.71 26.57
CA LYS B 13 -14.41 -39.09 25.71
C LYS B 13 -14.39 -38.47 24.30
N PRO B 14 -15.56 -38.36 23.62
CA PRO B 14 -15.58 -37.67 22.32
C PRO B 14 -15.31 -36.18 22.39
N TYR B 15 -15.24 -35.60 23.59
CA TYR B 15 -15.15 -34.15 23.76
C TYR B 15 -13.85 -33.63 24.41
N ASN B 16 -12.81 -34.48 24.50
CA ASN B 16 -11.50 -34.01 24.85
C ASN B 16 -10.46 -34.62 23.91
N THR B 17 -9.46 -33.85 23.50
CA THR B 17 -8.51 -34.33 22.51
C THR B 17 -7.63 -35.42 23.09
N PHE B 18 -7.42 -35.38 24.39
CA PHE B 18 -6.68 -36.45 25.05
C PHE B 18 -7.37 -37.77 24.94
N GLY B 19 -8.69 -37.72 24.79
CA GLY B 19 -9.47 -38.94 24.65
C GLY B 19 -9.61 -39.67 25.98
N ILE B 20 -9.60 -38.93 27.09
CA ILE B 20 -9.82 -39.52 28.42
C ILE B 20 -11.33 -39.80 28.56
N ASP B 21 -11.64 -41.00 29.01
CA ASP B 21 -13.02 -41.40 29.22
C ASP B 21 -13.44 -41.30 30.72
N VAL B 22 -14.03 -40.18 31.10
CA VAL B 22 -14.66 -40.00 32.39
C VAL B 22 -16.08 -39.54 32.11
N ARG B 23 -16.94 -39.52 33.12
CA ARG B 23 -18.33 -39.20 32.91
C ARG B 23 -18.71 -37.84 33.44
N ALA B 24 -19.61 -37.18 32.73
CA ALA B 24 -20.20 -35.92 33.18
C ALA B 24 -21.53 -36.19 33.83
N ARG B 25 -21.79 -35.54 34.97
CA ARG B 25 -23.08 -35.67 35.65
C ARG B 25 -24.18 -35.24 34.72
N LEU B 26 -23.99 -34.06 34.12
CA LEU B 26 -24.86 -33.57 33.05
C LEU B 26 -24.03 -32.95 31.98
N LEU B 27 -24.42 -33.15 30.73
CA LEU B 27 -23.74 -32.53 29.63
C LEU B 27 -24.75 -31.76 28.77
N ALA B 28 -24.48 -30.49 28.59
CA ALA B 28 -25.32 -29.64 27.79
C ALA B 28 -24.59 -29.09 26.56
N HIS B 29 -25.31 -29.02 25.47
CA HIS B 29 -24.78 -28.55 24.24
C HIS B 29 -25.42 -27.19 23.97
N ALA B 30 -24.73 -26.12 24.34
CA ALA B 30 -25.33 -24.78 24.21
C ALA B 30 -25.13 -24.21 22.82
N ARG B 31 -26.20 -23.78 22.18
CA ARG B 31 -26.13 -23.28 20.83
C ARG B 31 -26.32 -21.83 20.76
N ASP B 32 -26.71 -21.20 21.86
CA ASP B 32 -26.89 -19.75 21.89
C ASP B 32 -26.90 -19.24 23.34
N GLU B 33 -27.02 -17.92 23.50
CA GLU B 33 -27.03 -17.32 24.81
C GLU B 33 -28.17 -17.85 25.68
N ALA B 34 -29.33 -18.12 25.12
CA ALA B 34 -30.46 -18.59 25.89
C ALA B 34 -30.17 -19.98 26.52
N ASP B 35 -29.53 -20.85 25.74
CA ASP B 35 -29.06 -22.12 26.23
C ASP B 35 -28.08 -21.95 27.40
N VAL B 36 -27.12 -21.07 27.23
CA VAL B 36 -26.13 -20.85 28.29
C VAL B 36 -26.83 -20.49 29.60
N ARG B 37 -27.83 -19.61 29.55
CA ARG B 37 -28.54 -19.19 30.76
C ARG B 37 -29.37 -20.31 31.40
N GLU B 38 -30.05 -21.09 30.58
CA GLU B 38 -30.75 -22.30 31.06
C GLU B 38 -29.79 -23.25 31.79
N ALA B 39 -28.64 -23.50 31.20
CA ALA B 39 -27.62 -24.38 31.81
C ALA B 39 -27.08 -23.82 33.13
N LEU B 40 -26.81 -22.51 33.19
CA LEU B 40 -26.39 -21.87 34.42
C LEU B 40 -27.45 -22.02 35.48
N ALA B 41 -28.69 -21.79 35.08
CA ALA B 41 -29.82 -21.82 35.99
C ALA B 41 -30.08 -23.23 36.53
N LEU B 42 -29.86 -24.22 35.67
CA LEU B 42 -30.06 -25.59 36.02
C LEU B 42 -28.94 -26.07 36.94
N ALA B 43 -27.69 -25.74 36.60
CA ALA B 43 -26.59 -26.04 37.53
C ALA B 43 -26.85 -25.44 38.93
N ARG B 44 -27.38 -24.23 38.99
CA ARG B 44 -27.90 -23.66 40.25
C ARG B 44 -29.01 -24.49 40.87
N GLU B 45 -30.02 -24.84 40.09
CA GLU B 45 -31.13 -25.65 40.61
C GLU B 45 -30.58 -26.93 41.26
N ARG B 46 -29.66 -27.60 40.58
CA ARG B 46 -29.19 -28.92 41.01
C ARG B 46 -28.05 -28.82 42.02
N GLY B 47 -27.60 -27.62 42.33
CA GLY B 47 -26.47 -27.42 43.24
C GLY B 47 -25.12 -27.82 42.67
N LEU B 48 -24.98 -27.81 41.35
CA LEU B 48 -23.76 -28.32 40.70
C LEU B 48 -22.84 -27.23 40.15
N PRO B 49 -21.50 -27.43 40.25
CA PRO B 49 -20.54 -26.61 39.52
C PRO B 49 -20.83 -26.66 38.04
N LEU B 50 -20.31 -25.70 37.33
CA LEU B 50 -20.43 -25.69 35.89
C LEU B 50 -19.02 -25.68 35.32
N LEU B 51 -18.77 -26.57 34.39
CA LEU B 51 -17.49 -26.71 33.72
C LEU B 51 -17.76 -26.38 32.29
N VAL B 52 -17.04 -25.38 31.77
CA VAL B 52 -17.24 -24.95 30.39
C VAL B 52 -16.21 -25.59 29.45
N ILE B 53 -16.66 -26.11 28.31
CA ILE B 53 -15.72 -26.62 27.36
C ILE B 53 -16.05 -26.21 25.94
N GLY B 54 -14.99 -26.14 25.14
CA GLY B 54 -15.14 -25.83 23.74
C GLY B 54 -14.88 -27.13 23.01
N GLY B 55 -13.69 -27.27 22.46
CA GLY B 55 -13.30 -28.50 21.73
C GLY B 55 -12.50 -29.43 22.59
N GLY B 56 -12.26 -29.04 23.84
CA GLY B 56 -11.64 -29.95 24.79
C GLY B 56 -10.24 -30.32 24.30
N SER B 57 -9.58 -29.34 23.67
CA SER B 57 -8.22 -29.52 23.21
C SER B 57 -7.15 -28.91 24.11
N ASN B 58 -7.54 -28.30 25.24
CA ASN B 58 -6.54 -27.80 26.22
C ASN B 58 -7.00 -28.15 27.63
N LEU B 59 -7.37 -29.40 27.78
CA LEU B 59 -8.14 -29.82 28.89
C LEU B 59 -7.63 -31.20 29.26
N LEU B 60 -7.37 -31.41 30.54
CA LEU B 60 -7.06 -32.74 31.03
C LEU B 60 -8.08 -33.12 32.07
N LEU B 61 -8.89 -34.11 31.75
CA LEU B 61 -9.86 -34.62 32.74
C LEU B 61 -9.29 -35.77 33.55
N THR B 62 -9.32 -35.65 34.87
CA THR B 62 -8.73 -36.66 35.77
C THR B 62 -9.68 -37.48 36.61
N ARG B 63 -10.95 -37.16 36.58
CA ARG B 63 -11.95 -37.94 37.31
C ARG B 63 -13.33 -37.59 36.80
N ASP B 64 -14.30 -38.39 37.21
CA ASP B 64 -15.69 -38.12 36.88
C ASP B 64 -16.04 -36.68 37.24
N VAL B 65 -16.73 -36.03 36.33
CA VAL B 65 -17.04 -34.61 36.50
C VAL B 65 -18.40 -34.47 37.17
N GLU B 66 -18.37 -34.09 38.44
CA GLU B 66 -19.59 -33.87 39.17
C GLU B 66 -19.96 -32.41 38.98
N ALA B 67 -20.50 -32.14 37.81
CA ALA B 67 -20.75 -30.80 37.36
C ALA B 67 -21.64 -30.88 36.17
N LEU B 68 -22.25 -29.76 35.83
CA LEU B 68 -22.87 -29.62 34.52
C LEU B 68 -21.74 -29.20 33.61
N VAL B 69 -21.51 -29.97 32.54
CA VAL B 69 -20.52 -29.63 31.58
C VAL B 69 -21.26 -28.93 30.47
N LEU B 70 -20.80 -27.74 30.14
CA LEU B 70 -21.45 -26.90 29.17
C LEU B 70 -20.55 -26.77 27.94
N ARG B 71 -20.94 -27.47 26.88
CA ARG B 71 -20.22 -27.44 25.64
C ARG B 71 -20.73 -26.29 24.78
N MET B 72 -19.83 -25.41 24.38
CA MET B 72 -20.22 -24.19 23.67
C MET B 72 -20.33 -24.58 22.21
N ALA B 73 -21.54 -24.70 21.71
CA ALA B 73 -21.71 -25.05 20.32
C ALA B 73 -22.39 -23.92 19.53
N SER B 74 -22.31 -22.70 20.02
CA SER B 74 -22.80 -21.56 19.25
C SER B 74 -22.05 -21.39 17.93
N GLN B 75 -22.73 -20.87 16.93
CA GLN B 75 -22.24 -20.83 15.59
C GLN B 75 -22.54 -19.40 15.13
N GLY B 76 -21.74 -18.84 14.24
CA GLY B 76 -21.96 -17.50 13.75
C GLY B 76 -20.64 -16.82 13.46
N ARG B 77 -20.49 -16.36 12.23
CA ARG B 77 -19.31 -15.64 11.75
C ARG B 77 -19.77 -14.47 10.90
N ARG B 78 -19.34 -13.27 11.22
CA ARG B 78 -19.68 -12.15 10.35
C ARG B 78 -18.65 -11.03 10.33
N ILE B 79 -18.77 -10.19 9.32
CA ILE B 79 -17.96 -8.99 9.24
C ILE B 79 -18.78 -7.93 9.92
N VAL B 80 -18.27 -7.36 11.00
CA VAL B 80 -18.98 -6.32 11.73
C VAL B 80 -18.91 -4.99 11.01
N SER B 81 -17.77 -4.71 10.40
CA SER B 81 -17.35 -3.36 9.98
C SER B 81 -16.12 -3.50 9.07
N ASP B 82 -16.10 -2.77 7.97
CA ASP B 82 -15.11 -2.92 6.91
C ASP B 82 -14.85 -1.53 6.42
N ALA B 83 -13.83 -0.87 6.98
CA ALA B 83 -13.59 0.56 6.72
C ALA B 83 -12.11 0.88 6.53
N ALA B 84 -11.78 1.37 5.34
CA ALA B 84 -10.42 1.77 4.98
C ALA B 84 -9.36 0.68 5.24
N ASP B 85 -9.56 -0.51 4.66
CA ASP B 85 -8.63 -1.64 4.77
C ASP B 85 -8.63 -2.28 6.15
N SER B 86 -9.29 -1.69 7.14
CA SER B 86 -9.37 -2.29 8.48
C SER B 86 -10.71 -2.98 8.65
N VAL B 87 -10.68 -4.26 9.04
CA VAL B 87 -11.89 -5.05 9.00
C VAL B 87 -12.05 -5.72 10.31
N LEU B 88 -13.22 -5.53 10.91
CA LEU B 88 -13.52 -6.04 12.21
C LEU B 88 -14.47 -7.20 12.04
N VAL B 89 -14.10 -8.34 12.62
CA VAL B 89 -14.89 -9.57 12.49
C VAL B 89 -15.34 -10.14 13.81
N GLU B 90 -16.43 -10.89 13.73
CA GLU B 90 -17.02 -11.47 14.92
C GLU B 90 -17.33 -12.93 14.73
N ALA B 91 -17.01 -13.70 15.75
CA ALA B 91 -17.34 -15.11 15.76
C ALA B 91 -17.91 -15.50 17.10
N GLU B 92 -18.94 -16.35 17.05
CA GLU B 92 -19.58 -16.90 18.23
C GLU B 92 -18.64 -17.88 18.84
N ALA B 93 -18.68 -17.97 20.17
CA ALA B 93 -17.76 -18.78 20.95
C ALA B 93 -17.65 -20.23 20.46
N GLY B 94 -18.73 -20.80 19.94
CA GLY B 94 -18.67 -22.20 19.53
C GLY B 94 -18.04 -22.50 18.19
N GLU B 95 -17.67 -21.47 17.45
CA GLU B 95 -17.03 -21.68 16.16
C GLU B 95 -15.66 -22.34 16.30
N ALA B 96 -15.43 -23.29 15.42
CA ALA B 96 -14.16 -23.96 15.27
C ALA B 96 -13.10 -22.98 14.80
N TRP B 97 -12.01 -22.94 15.51
CA TRP B 97 -11.01 -21.95 15.24
C TRP B 97 -10.44 -22.06 13.84
N ASP B 98 -10.04 -23.25 13.39
CA ASP B 98 -9.31 -23.27 12.13
C ASP B 98 -10.21 -22.93 10.96
N PRO B 99 -11.44 -23.45 10.91
CA PRO B 99 -12.31 -23.03 9.80
C PRO B 99 -12.58 -21.52 9.82
N PHE B 100 -12.60 -20.91 11.00
CA PHE B 100 -12.74 -19.47 11.13
C PHE B 100 -11.57 -18.78 10.50
N VAL B 101 -10.38 -19.33 10.70
CA VAL B 101 -9.18 -18.78 10.10
C VAL B 101 -9.24 -18.88 8.58
N GLN B 102 -9.59 -20.05 8.04
CA GLN B 102 -9.69 -20.20 6.60
C GLN B 102 -10.72 -19.22 6.08
N TRP B 103 -11.80 -19.08 6.84
CA TRP B 103 -12.89 -18.20 6.45
C TRP B 103 -12.36 -16.77 6.28
N SER B 104 -11.59 -16.31 7.26
CA SER B 104 -11.03 -14.97 7.22
C SER B 104 -10.07 -14.78 6.03
N LEU B 105 -9.24 -15.78 5.77
CA LEU B 105 -8.27 -15.68 4.71
C LEU B 105 -8.96 -15.65 3.37
N GLU B 106 -10.02 -16.43 3.25
CA GLU B 106 -10.68 -16.56 1.96
C GLU B 106 -11.35 -15.26 1.61
N ARG B 107 -11.66 -14.47 2.63
CA ARG B 107 -12.14 -13.09 2.41
C ARG B 107 -11.06 -12.00 2.21
N GLY B 108 -9.80 -12.42 2.09
CA GLY B 108 -8.73 -11.50 1.87
C GLY B 108 -8.33 -10.77 3.14
N LEU B 109 -8.61 -11.34 4.31
CA LEU B 109 -8.19 -10.68 5.54
C LEU B 109 -6.87 -11.29 6.01
N ALA B 110 -5.96 -10.46 6.50
CA ALA B 110 -4.73 -10.97 7.04
C ALA B 110 -4.68 -10.66 8.52
N GLY B 111 -4.04 -11.55 9.28
CA GLY B 111 -3.94 -11.42 10.73
C GLY B 111 -3.84 -12.76 11.45
N LEU B 112 -4.51 -13.76 10.93
CA LEU B 112 -4.61 -15.03 11.64
C LEU B 112 -3.80 -16.16 11.05
N GLU B 113 -3.20 -15.97 9.89
CA GLU B 113 -2.50 -17.04 9.16
C GLU B 113 -1.53 -17.88 10.03
N ASN B 114 -0.83 -17.21 10.93
CA ASN B 114 0.14 -17.88 11.79
C ASN B 114 -0.52 -18.80 12.80
N LEU B 115 -1.80 -18.52 13.05
CA LEU B 115 -2.60 -19.33 13.93
C LEU B 115 -3.40 -20.38 13.20
N SER B 116 -3.07 -20.68 11.96
CA SER B 116 -3.74 -21.78 11.24
C SER B 116 -3.61 -23.14 11.95
N LEU B 117 -4.69 -23.92 11.85
CA LEU B 117 -4.72 -25.32 12.26
C LEU B 117 -4.63 -25.58 13.77
N ILE B 118 -4.58 -24.56 14.62
CA ILE B 118 -4.71 -24.72 16.07
C ILE B 118 -6.12 -25.23 16.36
N PRO B 119 -6.25 -26.31 17.17
CA PRO B 119 -7.58 -26.90 17.45
C PRO B 119 -8.40 -26.03 18.36
N GLY B 120 -9.67 -26.33 18.49
CA GLY B 120 -10.48 -25.69 19.50
C GLY B 120 -11.39 -24.67 18.86
N THR B 121 -11.91 -23.82 19.73
CA THR B 121 -12.93 -22.86 19.41
C THR B 121 -12.51 -21.45 19.69
N VAL B 122 -13.31 -20.56 19.10
CA VAL B 122 -13.09 -19.14 19.15
C VAL B 122 -13.27 -18.65 20.57
N GLY B 123 -14.27 -19.20 21.23
CA GLY B 123 -14.53 -18.87 22.61
C GLY B 123 -13.41 -19.16 23.58
N ALA B 124 -12.66 -20.26 23.35
CA ALA B 124 -11.52 -20.62 24.21
C ALA B 124 -10.23 -19.85 23.86
N ALA B 125 -10.17 -19.32 22.65
CA ALA B 125 -8.94 -18.67 22.15
C ALA B 125 -8.36 -17.54 23.03
N PRO B 126 -9.20 -16.67 23.59
CA PRO B 126 -8.73 -15.68 24.55
C PRO B 126 -8.28 -16.21 25.91
N MET B 127 -8.73 -17.40 26.29
CA MET B 127 -8.38 -17.94 27.60
C MET B 127 -6.89 -18.02 27.79
N GLN B 128 -6.19 -18.65 26.86
CA GLN B 128 -4.74 -18.66 26.96
C GLN B 128 -4.02 -17.80 25.93
N ASN B 129 -4.74 -16.84 25.36
CA ASN B 129 -4.15 -15.93 24.39
C ASN B 129 -3.43 -16.73 23.35
N ILE B 130 -4.18 -17.52 22.58
CA ILE B 130 -3.54 -18.55 21.79
C ILE B 130 -2.46 -17.94 20.93
N GLY B 131 -1.37 -18.69 20.78
CA GLY B 131 -0.26 -18.22 19.96
C GLY B 131 0.54 -19.32 19.31
N ALA B 132 1.14 -18.98 18.18
CA ALA B 132 2.00 -19.90 17.43
C ALA B 132 2.77 -19.09 16.37
N TYR B 133 3.99 -19.50 16.07
CA TYR B 133 4.77 -18.86 15.05
C TYR B 133 4.88 -17.36 15.22
N GLY B 134 5.04 -16.90 16.45
CA GLY B 134 5.30 -15.51 16.75
C GLY B 134 4.10 -14.60 16.73
N VAL B 135 2.91 -15.16 16.62
CA VAL B 135 1.68 -14.38 16.66
C VAL B 135 0.82 -14.86 17.85
N GLU B 136 0.13 -13.92 18.48
CA GLU B 136 -0.79 -14.18 19.54
C GLU B 136 -2.12 -13.53 19.23
N LEU B 137 -3.21 -14.13 19.73
CA LEU B 137 -4.52 -13.51 19.59
C LEU B 137 -4.49 -12.01 19.97
N LYS B 138 -3.75 -11.63 20.98
CA LYS B 138 -3.85 -10.25 21.42
C LYS B 138 -3.46 -9.29 20.34
N ASP B 139 -2.63 -9.74 19.40
CA ASP B 139 -2.10 -8.85 18.35
C ASP B 139 -3.21 -8.39 17.42
N VAL B 140 -4.31 -9.12 17.37
CA VAL B 140 -5.41 -8.74 16.48
C VAL B 140 -6.70 -8.59 17.27
N PHE B 141 -6.61 -8.51 18.57
CA PHE B 141 -7.83 -8.65 19.34
C PHE B 141 -8.49 -7.30 19.54
N ASP B 142 -9.80 -7.20 19.27
CA ASP B 142 -10.49 -5.96 19.48
C ASP B 142 -11.25 -6.01 20.80
N SER B 143 -12.14 -6.97 20.91
CA SER B 143 -12.99 -7.09 22.08
C SER B 143 -13.74 -8.40 22.14
N LEU B 144 -14.33 -8.67 23.28
CA LEU B 144 -15.26 -9.78 23.39
C LEU B 144 -16.42 -9.43 24.29
N THR B 145 -17.47 -10.25 24.20
CA THR B 145 -18.63 -10.20 25.08
C THR B 145 -18.66 -11.45 25.95
N ALA B 146 -18.71 -11.22 27.26
CA ALA B 146 -18.70 -12.28 28.23
C ALA B 146 -19.89 -12.14 29.15
N LEU B 147 -20.41 -13.29 29.55
CA LEU B 147 -21.47 -13.37 30.52
C LEU B 147 -20.82 -13.48 31.89
N ASP B 148 -21.22 -12.58 32.78
CA ASP B 148 -20.77 -12.58 34.15
C ASP B 148 -21.55 -13.63 34.91
N ARG B 149 -20.91 -14.71 35.30
CA ARG B 149 -21.63 -15.79 35.98
C ARG B 149 -22.04 -15.44 37.40
N GLN B 150 -21.55 -14.33 37.91
CA GLN B 150 -22.00 -13.85 39.21
C GLN B 150 -23.37 -13.20 39.16
N ASP B 151 -23.60 -12.41 38.10
CA ASP B 151 -24.81 -11.58 37.98
C ASP B 151 -25.75 -12.07 36.92
N GLY B 152 -25.25 -12.89 36.01
CA GLY B 152 -25.96 -13.16 34.77
C GLY B 152 -25.95 -11.99 33.77
N THR B 153 -25.10 -10.99 33.99
CA THR B 153 -25.07 -9.81 33.12
C THR B 153 -23.93 -9.89 32.09
N LEU B 154 -24.07 -9.16 31.01
CA LEU B 154 -23.08 -9.12 29.96
C LEU B 154 -22.08 -7.98 30.12
N ARG B 155 -20.83 -8.27 29.80
CA ARG B 155 -19.79 -7.28 29.88
C ARG B 155 -18.99 -7.37 28.60
N GLU B 156 -18.51 -6.23 28.14
CA GLU B 156 -17.64 -6.18 26.99
C GLU B 156 -16.25 -5.99 27.51
N PHE B 157 -15.34 -6.73 26.91
CA PHE B 157 -13.93 -6.64 27.27
C PHE B 157 -13.16 -6.14 26.07
N ASP B 158 -12.50 -4.99 26.21
CA ASP B 158 -11.58 -4.54 25.18
C ASP B 158 -10.20 -5.17 25.45
N ARG B 159 -9.24 -4.88 24.58
CA ARG B 159 -7.95 -5.54 24.64
C ARG B 159 -7.27 -5.38 25.99
N GLN B 160 -7.04 -4.16 26.42
CA GLN B 160 -6.41 -3.97 27.73
C GLN B 160 -7.17 -4.69 28.86
N ALA B 161 -8.48 -4.69 28.84
CA ALA B 161 -9.24 -5.28 29.92
C ALA B 161 -8.98 -6.78 30.11
N CYS B 162 -8.77 -7.50 29.02
CA CYS B 162 -8.43 -8.90 29.06
C CYS B 162 -7.07 -9.25 29.69
N ARG B 163 -6.18 -8.28 29.85
CA ARG B 163 -4.88 -8.50 30.47
C ARG B 163 -4.16 -9.67 29.86
N PHE B 164 -4.00 -9.65 28.54
CA PHE B 164 -3.32 -10.73 27.89
C PHE B 164 -1.84 -10.75 28.25
N GLY B 165 -1.32 -11.95 28.40
CA GLY B 165 0.11 -12.19 28.62
C GLY B 165 0.49 -13.45 27.89
N TYR B 166 1.69 -13.92 28.12
CA TYR B 166 2.14 -15.16 27.48
C TYR B 166 1.37 -16.37 28.09
N ARG B 167 0.54 -17.03 27.27
CA ARG B 167 -0.39 -18.10 27.70
C ARG B 167 -1.28 -17.72 28.88
N ASP B 168 -1.77 -16.49 28.85
CA ASP B 168 -2.45 -15.94 30.01
C ASP B 168 -3.43 -14.82 29.63
N SER B 169 -4.43 -14.65 30.50
CA SER B 169 -5.50 -13.68 30.36
C SER B 169 -6.15 -13.53 31.71
N LEU B 170 -6.97 -12.49 31.83
CA LEU B 170 -7.85 -12.29 32.98
C LEU B 170 -8.70 -13.52 33.28
N PHE B 171 -9.16 -14.20 32.24
CA PHE B 171 -10.10 -15.33 32.36
C PHE B 171 -9.44 -16.58 32.91
N LYS B 172 -8.16 -16.73 32.62
CA LYS B 172 -7.32 -17.75 33.25
C LYS B 172 -6.96 -17.39 34.70
N GLN B 173 -6.82 -16.10 35.02
CA GLN B 173 -6.51 -15.64 36.38
C GLN B 173 -7.71 -15.65 37.32
N GLU B 174 -8.89 -15.36 36.78
CA GLU B 174 -10.14 -15.33 37.52
C GLU B 174 -11.00 -16.40 36.93
N PRO B 175 -10.61 -17.66 37.13
CA PRO B 175 -11.34 -18.71 36.43
C PRO B 175 -12.79 -18.86 36.93
N ASP B 176 -13.65 -19.45 36.09
CA ASP B 176 -15.00 -19.83 36.46
C ASP B 176 -15.97 -18.65 36.64
N ARG B 177 -15.58 -17.49 36.14
CA ARG B 177 -16.37 -16.29 36.33
C ARG B 177 -16.98 -15.82 35.03
N TRP B 178 -16.20 -15.84 33.97
CA TRP B 178 -16.67 -15.29 32.73
C TRP B 178 -16.89 -16.40 31.78
N LEU B 179 -17.93 -16.24 30.98
CA LEU B 179 -18.28 -17.18 29.98
C LEU B 179 -18.29 -16.36 28.71
N ILE B 180 -17.41 -16.70 27.79
CA ILE B 180 -17.22 -15.94 26.58
C ILE B 180 -18.21 -16.43 25.52
N LEU B 181 -18.99 -15.47 25.03
CA LEU B 181 -20.06 -15.74 24.11
C LEU B 181 -19.66 -15.44 22.69
N ARG B 182 -18.88 -14.36 22.51
CA ARG B 182 -18.34 -14.06 21.19
C ARG B 182 -17.10 -13.18 21.26
N VAL B 183 -16.37 -13.18 20.15
CA VAL B 183 -15.03 -12.59 20.06
C VAL B 183 -14.96 -11.78 18.78
N ARG B 184 -14.46 -10.57 18.92
CA ARG B 184 -14.25 -9.66 17.81
C ARG B 184 -12.74 -9.44 17.60
N LEU B 185 -12.31 -9.64 16.36
CA LEU B 185 -10.90 -9.48 15.96
C LEU B 185 -10.79 -8.46 14.86
N ARG B 186 -9.75 -7.66 14.89
CA ARG B 186 -9.53 -6.65 13.87
C ARG B 186 -8.46 -7.13 12.88
N LEU B 187 -8.86 -7.34 11.65
CA LEU B 187 -7.96 -7.85 10.63
C LEU B 187 -7.80 -6.79 9.56
N THR B 188 -6.97 -7.09 8.56
CA THR B 188 -6.68 -6.15 7.50
C THR B 188 -6.86 -6.66 6.11
N ARG B 189 -7.07 -5.77 5.16
CA ARG B 189 -7.08 -6.14 3.76
C ARG B 189 -5.74 -5.87 3.10
N ARG B 190 -4.85 -5.16 3.77
CA ARG B 190 -3.53 -4.95 3.22
C ARG B 190 -2.63 -6.10 3.64
N GLU B 191 -1.54 -6.24 2.92
CA GLU B 191 -0.66 -7.37 3.05
C GLU B 191 0.08 -7.26 4.39
N ARG B 192 0.11 -8.34 5.18
CA ARG B 192 0.89 -8.39 6.42
C ARG B 192 1.52 -9.77 6.54
N LEU B 193 2.80 -9.81 6.85
CA LEU B 193 3.51 -11.06 7.01
C LEU B 193 4.33 -11.00 8.26
N HIS B 194 4.19 -12.01 9.12
CA HIS B 194 4.99 -12.14 10.31
C HIS B 194 5.80 -13.40 10.15
N LEU B 195 6.99 -13.30 9.56
CA LEU B 195 7.74 -14.49 9.18
C LEU B 195 8.89 -14.69 10.14
N ASP B 196 8.61 -14.48 11.43
CA ASP B 196 9.63 -14.49 12.48
C ASP B 196 10.31 -15.81 12.66
N TYR B 197 9.58 -16.92 12.56
CA TYR B 197 10.17 -18.22 12.88
C TYR B 197 10.83 -18.76 11.63
N GLY B 198 12.13 -19.10 11.71
CA GLY B 198 12.92 -19.52 10.54
C GLY B 198 12.35 -20.62 9.64
N PRO B 199 11.81 -21.70 10.22
CA PRO B 199 11.24 -22.77 9.40
C PRO B 199 10.13 -22.32 8.47
N VAL B 200 9.36 -21.32 8.86
CA VAL B 200 8.31 -20.77 7.99
C VAL B 200 8.94 -20.03 6.82
N ARG B 201 9.80 -19.08 7.15
CA ARG B 201 10.60 -18.38 6.16
C ARG B 201 11.32 -19.34 5.19
N GLN B 202 11.94 -20.36 5.76
CA GLN B 202 12.78 -21.29 5.02
C GLN B 202 11.94 -22.09 4.05
N ARG B 203 10.81 -22.60 4.52
CA ARG B 203 9.99 -23.40 3.63
C ARG B 203 9.43 -22.57 2.48
N LEU B 204 9.15 -21.32 2.76
CA LEU B 204 8.59 -20.41 1.78
C LEU B 204 9.61 -20.17 0.66
N GLU B 205 10.88 -20.09 1.04
CA GLU B 205 11.95 -19.95 0.07
C GLU B 205 12.20 -21.23 -0.72
N GLU B 206 12.05 -22.38 -0.09
CA GLU B 206 12.29 -23.64 -0.77
C GLU B 206 11.23 -23.90 -1.81
N GLU B 207 10.02 -23.44 -1.55
CA GLU B 207 8.93 -23.59 -2.47
C GLU B 207 8.89 -22.42 -3.42
N GLY B 208 9.89 -21.54 -3.31
CA GLY B 208 10.14 -20.50 -4.28
C GLY B 208 9.11 -19.38 -4.33
N ILE B 209 8.57 -19.01 -3.17
CA ILE B 209 7.60 -17.90 -3.09
C ILE B 209 8.31 -16.70 -2.47
N ALA B 210 8.81 -15.83 -3.35
CA ALA B 210 9.62 -14.67 -2.96
C ALA B 210 8.73 -13.56 -2.44
N SER B 211 7.51 -13.49 -2.96
CA SER B 211 6.50 -12.52 -2.52
C SER B 211 5.24 -13.21 -2.00
N PRO B 212 5.32 -13.77 -0.81
CA PRO B 212 4.19 -14.54 -0.32
C PRO B 212 3.03 -13.70 0.16
N THR B 213 1.86 -14.28 0.14
CA THR B 213 0.64 -13.70 0.70
C THR B 213 0.32 -14.40 2.01
N ALA B 214 -0.60 -13.85 2.76
CA ALA B 214 -0.96 -14.42 4.04
C ALA B 214 -1.53 -15.83 3.86
N ARG B 215 -2.19 -16.10 2.72
CA ARG B 215 -2.65 -17.46 2.41
C ARG B 215 -1.49 -18.44 2.25
N ASP B 216 -0.45 -18.05 1.55
CA ASP B 216 0.74 -18.91 1.38
C ASP B 216 1.36 -19.29 2.72
N VAL B 217 1.47 -18.30 3.59
CA VAL B 217 1.99 -18.52 4.90
C VAL B 217 1.11 -19.55 5.58
N SER B 218 -0.21 -19.33 5.56
CA SER B 218 -1.13 -20.26 6.23
C SER B 218 -0.93 -21.69 5.74
N ARG B 219 -0.81 -21.87 4.44
CA ARG B 219 -0.61 -23.21 3.88
C ARG B 219 0.70 -23.81 4.37
N VAL B 220 1.74 -23.00 4.41
CA VAL B 220 3.05 -23.44 4.87
C VAL B 220 2.99 -23.81 6.35
N ILE B 221 2.24 -23.02 7.10
CA ILE B 221 2.08 -23.31 8.50
C ILE B 221 1.28 -24.58 8.71
N CYS B 222 0.25 -24.76 7.93
CA CYS B 222 -0.51 -25.99 8.02
C CYS B 222 0.37 -27.18 7.72
N ALA B 223 1.20 -27.07 6.67
CA ALA B 223 2.05 -28.21 6.27
C ALA B 223 3.07 -28.57 7.36
N ILE B 224 3.72 -27.57 7.94
CA ILE B 224 4.69 -27.85 9.01
C ILE B 224 3.99 -28.49 10.19
N ARG B 225 2.86 -27.94 10.59
CA ARG B 225 2.12 -28.46 11.73
C ARG B 225 1.66 -29.87 11.47
N ARG B 226 1.21 -30.18 10.26
CA ARG B 226 0.79 -31.54 9.95
C ARG B 226 1.96 -32.50 10.06
N GLU B 227 3.11 -32.11 9.53
CA GLU B 227 4.29 -32.94 9.60
C GLU B 227 4.66 -33.22 11.01
N LYS B 228 4.65 -32.25 11.91
CA LYS B 228 5.37 -32.51 13.16
C LYS B 228 4.54 -32.75 14.42
N LEU B 229 3.32 -32.23 14.46
CA LEU B 229 2.46 -32.46 15.59
C LEU B 229 1.66 -33.74 15.44
N PRO B 230 1.63 -34.56 16.51
CA PRO B 230 0.76 -35.72 16.56
C PRO B 230 -0.70 -35.29 16.41
N ASP B 231 -1.41 -35.93 15.49
CA ASP B 231 -2.83 -35.69 15.40
C ASP B 231 -3.51 -36.43 16.58
N PRO B 232 -4.39 -35.73 17.35
CA PRO B 232 -5.14 -36.36 18.45
C PRO B 232 -5.90 -37.62 18.03
N ALA B 233 -6.38 -37.65 16.80
CA ALA B 233 -7.03 -38.87 16.26
C ALA B 233 -6.12 -40.14 16.34
N VAL B 234 -4.84 -39.99 16.13
CA VAL B 234 -3.92 -41.13 16.23
C VAL B 234 -3.47 -41.38 17.65
N LEU B 235 -3.22 -40.29 18.34
CA LEU B 235 -2.50 -40.28 19.59
C LEU B 235 -3.06 -39.12 20.43
N GLY B 236 -3.95 -39.42 21.37
CA GLY B 236 -4.57 -38.38 22.20
C GLY B 236 -3.59 -37.47 22.87
N ASN B 237 -3.82 -36.17 22.73
CA ASN B 237 -2.97 -35.17 23.36
C ASN B 237 -3.67 -33.84 23.46
N ALA B 238 -3.05 -32.94 24.20
CA ALA B 238 -3.54 -31.58 24.30
C ALA B 238 -2.47 -30.64 23.87
N GLY B 239 -1.75 -31.01 22.80
CA GLY B 239 -0.59 -30.25 22.35
C GLY B 239 0.51 -30.08 23.41
N SER B 240 1.12 -28.91 23.47
CA SER B 240 2.14 -28.63 24.46
C SER B 240 1.54 -28.73 25.84
N PHE B 241 2.11 -29.60 26.69
CA PHE B 241 1.57 -29.80 28.02
C PHE B 241 2.07 -28.77 29.01
N PHE B 242 3.16 -28.11 28.73
CA PHE B 242 3.74 -27.16 29.68
C PHE B 242 3.99 -25.82 29.02
N LYS B 243 3.90 -24.75 29.80
CA LYS B 243 4.35 -23.44 29.34
C LYS B 243 5.87 -23.34 29.39
N ASN B 244 6.43 -22.61 28.43
CA ASN B 244 7.82 -22.23 28.47
C ASN B 244 8.07 -21.27 29.62
N PRO B 245 8.95 -21.63 30.55
CA PRO B 245 9.16 -20.74 31.71
C PRO B 245 9.99 -19.52 31.38
N LEU B 246 9.70 -18.43 32.09
CA LEU B 246 10.52 -17.24 32.05
C LEU B 246 11.34 -17.10 33.32
N VAL B 247 12.62 -16.83 33.14
CA VAL B 247 13.50 -16.60 34.27
C VAL B 247 14.22 -15.28 34.10
N ASP B 248 14.72 -14.77 35.21
CA ASP B 248 15.51 -13.51 35.26
C ASP B 248 16.93 -13.73 34.79
N ALA B 249 17.60 -12.63 34.41
CA ALA B 249 19.00 -12.69 33.97
C ALA B 249 19.95 -13.29 35.03
N THR B 250 19.64 -13.10 36.32
CA THR B 250 20.37 -13.75 37.42
C THR B 250 20.41 -15.25 37.24
N GLN B 251 19.22 -15.83 37.18
CA GLN B 251 19.08 -17.26 37.07
C GLN B 251 19.52 -17.69 35.68
N ALA B 252 19.31 -16.83 34.70
CA ALA B 252 19.70 -17.11 33.32
C ALA B 252 21.22 -17.22 33.15
N GLU B 253 21.95 -16.35 33.86
CA GLU B 253 23.41 -16.43 33.84
C GLU B 253 23.86 -17.68 34.55
N ARG B 254 23.29 -17.93 35.73
CA ARG B 254 23.69 -19.11 36.47
C ARG B 254 23.33 -20.40 35.74
N LEU B 255 22.18 -20.41 35.08
CA LEU B 255 21.81 -21.57 34.25
C LEU B 255 22.74 -21.82 33.07
N ARG B 256 23.15 -20.73 32.40
CA ARG B 256 24.01 -20.83 31.20
C ARG B 256 25.42 -21.33 31.49
N GLN B 257 25.96 -20.97 32.65
CA GLN B 257 27.25 -21.49 33.06
C GLN B 257 27.18 -22.99 33.28
N ALA B 258 26.13 -23.42 33.98
CA ALA B 258 25.89 -24.84 34.22
C ALA B 258 25.51 -25.56 32.93
N PHE B 259 24.85 -24.86 32.01
CA PHE B 259 24.35 -25.45 30.77
C PHE B 259 24.55 -24.52 29.59
N PRO B 260 25.73 -24.59 28.94
CA PRO B 260 25.98 -23.67 27.82
C PRO B 260 25.04 -23.88 26.64
N ASP B 261 24.66 -25.11 26.39
CA ASP B 261 23.75 -25.48 25.27
C ASP B 261 22.27 -25.07 25.48
N LEU B 262 21.98 -24.46 26.62
CA LEU B 262 20.65 -23.96 26.98
C LEU B 262 19.90 -23.17 25.90
N VAL B 263 18.69 -23.59 25.58
CA VAL B 263 17.89 -22.87 24.58
C VAL B 263 16.96 -21.87 25.27
N GLY B 264 17.13 -20.61 24.92
CA GLY B 264 16.38 -19.53 25.52
C GLY B 264 16.26 -18.35 24.61
N TYR B 265 15.21 -17.58 24.79
CA TYR B 265 14.97 -16.39 24.01
C TYR B 265 14.84 -15.23 24.96
N PRO B 266 15.83 -14.31 24.94
CA PRO B 266 15.69 -13.18 25.86
C PRO B 266 14.64 -12.19 25.40
N GLN B 267 13.96 -11.65 26.39
CA GLN B 267 12.77 -10.90 26.13
C GLN B 267 13.17 -9.45 26.08
N ALA B 268 12.32 -8.65 25.46
CA ALA B 268 12.46 -7.21 25.53
C ALA B 268 12.72 -6.74 26.98
N ASP B 269 11.97 -7.28 27.94
CA ASP B 269 12.25 -6.96 29.37
C ASP B 269 13.62 -7.42 29.80
N GLY B 270 14.23 -8.33 29.02
CA GLY B 270 15.57 -8.84 29.34
C GLY B 270 15.59 -10.17 30.08
N ARG B 271 14.46 -10.59 30.65
CA ARG B 271 14.29 -11.95 31.19
C ARG B 271 14.36 -12.97 30.05
N LEU B 272 14.57 -14.24 30.42
CA LEU B 272 14.79 -15.28 29.43
C LEU B 272 13.67 -16.31 29.39
N LYS B 273 13.16 -16.54 28.19
CA LYS B 273 12.21 -17.60 27.92
C LYS B 273 12.97 -18.87 27.50
N LEU B 274 12.90 -19.90 28.32
CA LEU B 274 13.53 -21.18 28.02
C LEU B 274 12.65 -22.02 27.16
N ALA B 275 13.23 -22.78 26.26
CA ALA B 275 12.46 -23.83 25.59
C ALA B 275 12.21 -24.98 26.58
N ALA B 276 10.96 -25.12 27.01
CA ALA B 276 10.58 -26.20 27.91
C ALA B 276 10.98 -27.53 27.31
N GLY B 277 10.77 -27.66 26.00
CA GLY B 277 11.13 -28.88 25.28
C GLY B 277 12.58 -29.29 25.46
N TRP B 278 13.47 -28.31 25.50
CA TRP B 278 14.85 -28.60 25.63
C TRP B 278 15.09 -29.16 27.00
N LEU B 279 14.55 -28.51 28.02
CA LEU B 279 14.79 -28.95 29.40
C LEU B 279 14.32 -30.37 29.58
N ILE B 280 13.18 -30.68 28.98
CA ILE B 280 12.57 -32.00 29.10
C ILE B 280 13.37 -33.07 28.35
N ASP B 281 13.77 -32.78 27.13
CA ASP B 281 14.68 -33.60 26.35
C ASP B 281 15.96 -33.93 27.12
N LYS B 282 16.55 -32.93 27.76
CA LYS B 282 17.75 -33.15 28.59
C LYS B 282 17.48 -34.05 29.77
N GLY B 283 16.24 -34.12 30.24
CA GLY B 283 15.86 -35.11 31.23
C GLY B 283 15.76 -36.52 30.70
N GLY B 284 15.81 -36.67 29.37
CA GLY B 284 15.68 -37.97 28.72
C GLY B 284 14.26 -38.48 28.47
N TRP B 285 13.27 -37.57 28.58
CA TRP B 285 11.86 -37.96 28.55
C TRP B 285 11.29 -38.23 27.19
N LYS B 286 12.03 -37.86 26.17
CA LYS B 286 11.53 -37.91 24.84
C LYS B 286 11.35 -39.35 24.38
N GLY B 287 10.14 -39.64 23.89
CA GLY B 287 9.74 -40.97 23.46
C GLY B 287 9.41 -41.91 24.62
N PHE B 288 9.48 -41.42 25.87
CA PHE B 288 9.23 -42.28 27.01
C PHE B 288 7.78 -42.80 26.99
N ARG B 289 7.60 -43.98 27.52
CA ARG B 289 6.30 -44.56 27.52
C ARG B 289 6.17 -45.41 28.75
N ASP B 290 5.09 -45.16 29.49
CA ASP B 290 4.69 -46.02 30.60
C ASP B 290 3.23 -46.40 30.45
N GLY B 291 3.02 -47.61 29.91
CA GLY B 291 1.70 -48.16 29.66
C GLY B 291 1.01 -47.27 28.67
N PRO B 292 -0.17 -46.78 29.04
CA PRO B 292 -0.94 -46.01 28.10
C PRO B 292 -0.54 -44.52 27.95
N VAL B 293 0.39 -44.00 28.77
CA VAL B 293 0.83 -42.62 28.58
C VAL B 293 2.31 -42.51 28.18
N GLY B 294 2.67 -41.36 27.62
CA GLY B 294 4.02 -41.15 27.21
C GLY B 294 4.33 -39.72 26.80
N VAL B 295 5.59 -39.51 26.40
CA VAL B 295 6.06 -38.29 25.82
C VAL B 295 6.33 -38.54 24.35
N HIS B 296 5.86 -37.69 23.47
CA HIS B 296 6.08 -37.87 22.06
C HIS B 296 7.60 -37.94 21.77
N ALA B 297 7.98 -38.67 20.72
CA ALA B 297 9.43 -38.93 20.44
C ALA B 297 10.21 -37.77 19.83
N GLN B 298 9.53 -36.80 19.23
CA GLN B 298 10.16 -35.61 18.65
C GLN B 298 9.66 -34.35 19.35
N GLN B 299 8.40 -34.32 19.78
CA GLN B 299 7.85 -33.16 20.48
C GLN B 299 7.86 -33.39 22.00
N ALA B 300 8.96 -33.02 22.63
CA ALA B 300 9.13 -33.29 24.02
C ALA B 300 8.02 -32.69 24.92
N LEU B 301 7.38 -31.61 24.46
CA LEU B 301 6.33 -30.96 25.26
C LEU B 301 5.00 -31.70 25.25
N VAL B 302 4.84 -32.59 24.28
CA VAL B 302 3.57 -33.25 24.10
C VAL B 302 3.51 -34.58 24.87
N LEU B 303 2.71 -34.59 25.91
CA LEU B 303 2.30 -35.79 26.56
C LEU B 303 1.24 -36.45 25.72
N VAL B 304 1.29 -37.78 25.61
CA VAL B 304 0.37 -38.53 24.75
C VAL B 304 -0.33 -39.70 25.45
N ASN B 305 -1.43 -40.12 24.84
CA ASN B 305 -2.25 -41.24 25.26
C ASN B 305 -2.20 -42.24 24.13
N HIS B 306 -1.60 -43.40 24.42
CA HIS B 306 -1.41 -44.40 23.42
C HIS B 306 -2.67 -45.20 23.30
N GLY B 307 -3.67 -44.93 24.16
CA GLY B 307 -4.90 -45.73 24.26
C GLY B 307 -5.26 -46.14 25.69
N GLY B 308 -6.43 -45.70 26.16
CA GLY B 308 -6.95 -46.09 27.47
C GLY B 308 -6.38 -45.37 28.66
N ALA B 309 -5.66 -44.29 28.45
CA ALA B 309 -5.06 -43.60 29.62
C ALA B 309 -6.09 -43.01 30.53
N THR B 310 -5.86 -43.05 31.84
CA THR B 310 -6.69 -42.26 32.77
C THR B 310 -6.06 -40.91 32.84
N GLY B 311 -6.81 -39.88 33.20
CA GLY B 311 -6.21 -38.56 33.39
C GLY B 311 -5.21 -38.52 34.53
N ALA B 312 -5.45 -39.32 35.56
CA ALA B 312 -4.50 -39.46 36.70
C ALA B 312 -3.12 -39.98 36.30
N GLN B 313 -3.10 -40.87 35.32
CA GLN B 313 -1.84 -41.36 34.75
C GLN B 313 -1.09 -40.31 33.97
N VAL B 314 -1.81 -39.57 33.15
CA VAL B 314 -1.24 -38.44 32.46
C VAL B 314 -0.68 -37.44 33.45
N ARG B 315 -1.42 -37.14 34.50
CA ARG B 315 -0.94 -36.20 35.50
C ARG B 315 0.25 -36.70 36.26
N ALA B 316 0.25 -37.98 36.63
CA ALA B 316 1.41 -38.58 37.31
C ALA B 316 2.65 -38.44 36.44
N LEU B 317 2.50 -38.61 35.13
CA LEU B 317 3.62 -38.50 34.22
C LEU B 317 4.11 -37.08 34.17
N ALA B 318 3.20 -36.14 34.02
CA ALA B 318 3.57 -34.75 34.05
C ALA B 318 4.27 -34.36 35.34
N GLU B 319 3.85 -34.94 36.45
CA GLU B 319 4.40 -34.63 37.75
C GLU B 319 5.83 -35.14 37.89
N ARG B 320 6.11 -36.29 37.30
CA ARG B 320 7.46 -36.81 37.29
C ARG B 320 8.39 -35.93 36.49
N ILE B 321 7.89 -35.42 35.38
CA ILE B 321 8.67 -34.56 34.50
C ILE B 321 8.92 -33.24 35.20
N GLN B 322 7.91 -32.68 35.85
CA GLN B 322 8.07 -31.43 36.56
C GLN B 322 9.12 -31.54 37.63
N GLU B 323 9.06 -32.61 38.41
CA GLU B 323 10.03 -32.81 39.45
C GLU B 323 11.48 -32.97 38.92
N ASP B 324 11.64 -33.74 37.85
CA ASP B 324 12.91 -33.97 37.23
C ASP B 324 13.50 -32.63 36.81
N VAL B 325 12.70 -31.78 36.19
CA VAL B 325 13.17 -30.48 35.77
C VAL B 325 13.49 -29.58 36.95
N ARG B 326 12.70 -29.61 38.02
CA ARG B 326 12.99 -28.78 39.19
C ARG B 326 14.33 -29.17 39.77
N ARG B 327 14.59 -30.47 39.84
CA ARG B 327 15.82 -30.93 40.40
C ARG B 327 17.00 -30.65 39.49
N ARG B 328 16.87 -30.94 38.21
CA ARG B 328 17.95 -30.72 37.25
C ARG B 328 18.29 -29.24 37.04
N PHE B 329 17.28 -28.39 36.94
CA PHE B 329 17.47 -27.01 36.53
C PHE B 329 17.02 -25.95 37.55
N GLY B 330 16.40 -26.36 38.65
CA GLY B 330 15.87 -25.39 39.60
C GLY B 330 14.73 -24.56 39.01
N VAL B 331 14.04 -25.11 38.02
CA VAL B 331 13.02 -24.37 37.28
C VAL B 331 11.66 -25.04 37.39
N GLU B 332 10.65 -24.23 37.67
CA GLU B 332 9.30 -24.78 37.79
C GLU B 332 8.61 -24.78 36.44
N LEU B 333 8.01 -25.90 36.08
CA LEU B 333 7.21 -25.96 34.84
C LEU B 333 5.76 -25.94 35.19
N GLU B 334 5.01 -25.04 34.56
CA GLU B 334 3.56 -24.95 34.75
C GLU B 334 2.89 -25.70 33.62
N PRO B 335 1.91 -26.55 33.93
CA PRO B 335 1.16 -27.05 32.80
C PRO B 335 0.31 -25.98 32.12
N GLU B 336 0.06 -26.24 30.86
CA GLU B 336 -0.76 -25.41 30.06
C GLU B 336 -2.20 -25.90 30.06
N PRO B 337 -2.41 -27.22 29.93
CA PRO B 337 -3.81 -27.59 29.82
C PRO B 337 -4.51 -27.38 31.13
N ASN B 338 -5.75 -26.96 31.10
CA ASN B 338 -6.54 -26.86 32.29
C ASN B 338 -6.75 -28.26 32.85
N LEU B 339 -6.41 -28.43 34.11
CA LEU B 339 -6.56 -29.69 34.75
C LEU B 339 -7.83 -29.65 35.59
N TYR B 340 -8.80 -30.50 35.27
CA TYR B 340 -9.92 -30.72 36.18
C TYR B 340 -9.73 -32.04 36.97
N SER C 3 -12.19 17.61 -5.40
CA SER C 3 -11.55 18.64 -6.26
C SER C 3 -11.85 18.48 -7.77
N LEU C 4 -11.90 17.25 -8.23
CA LEU C 4 -12.37 16.98 -9.58
C LEU C 4 -13.81 17.53 -9.86
N GLU C 5 -14.66 17.62 -8.85
CA GLU C 5 -16.07 18.00 -9.09
C GLU C 5 -16.36 19.40 -8.62
N LEU C 6 -15.32 20.02 -8.04
CA LEU C 6 -15.42 21.34 -7.47
C LEU C 6 -15.83 22.32 -8.55
N GLN C 7 -16.72 23.21 -8.18
CA GLN C 7 -17.40 24.07 -9.12
C GLN C 7 -17.40 25.49 -8.56
N GLU C 8 -17.08 26.48 -9.40
CA GLU C 8 -16.99 27.91 -8.98
C GLU C 8 -18.08 28.79 -9.62
N HIS C 9 -18.61 29.74 -8.86
CA HIS C 9 -19.59 30.70 -9.37
C HIS C 9 -20.78 30.00 -10.04
N CYS C 10 -21.34 29.08 -9.30
CA CYS C 10 -22.20 28.05 -9.84
C CYS C 10 -23.63 28.19 -9.32
N SER C 11 -24.59 28.03 -10.22
CA SER C 11 -25.98 28.18 -9.86
C SER C 11 -26.45 27.11 -8.86
N LEU C 12 -27.09 27.54 -7.78
CA LEU C 12 -27.67 26.61 -6.82
C LEU C 12 -29.11 26.18 -7.15
N LYS C 13 -29.64 26.61 -8.29
CA LYS C 13 -31.03 26.36 -8.57
C LYS C 13 -31.44 24.87 -8.64
N PRO C 14 -30.65 24.01 -9.30
CA PRO C 14 -30.93 22.55 -9.26
C PRO C 14 -30.84 21.91 -7.88
N TYR C 15 -30.33 22.62 -6.86
CA TYR C 15 -30.04 22.03 -5.57
C TYR C 15 -30.93 22.54 -4.41
N ASN C 16 -32.03 23.25 -4.70
CA ASN C 16 -32.97 23.66 -3.66
C ASN C 16 -34.38 23.50 -4.19
N THR C 17 -35.28 22.96 -3.37
CA THR C 17 -36.57 22.55 -3.86
C THR C 17 -37.41 23.75 -4.19
N PHE C 18 -37.13 24.86 -3.54
CA PHE C 18 -37.77 26.09 -3.90
C PHE C 18 -37.45 26.56 -5.29
N GLY C 19 -36.27 26.18 -5.77
CA GLY C 19 -35.87 26.50 -7.14
C GLY C 19 -35.42 27.93 -7.22
N ILE C 20 -34.88 28.48 -6.13
CA ILE C 20 -34.32 29.84 -6.14
C ILE C 20 -32.96 29.79 -6.84
N ASP C 21 -32.75 30.72 -7.77
CA ASP C 21 -31.50 30.79 -8.52
C ASP C 21 -30.55 31.86 -7.98
N VAL C 22 -29.68 31.47 -7.07
CA VAL C 22 -28.59 32.32 -6.58
C VAL C 22 -27.29 31.55 -6.82
N ARG C 23 -26.14 32.20 -6.69
CA ARG C 23 -24.90 31.55 -7.03
C ARG C 23 -24.08 31.21 -5.81
N ALA C 24 -23.37 30.10 -5.89
CA ALA C 24 -22.42 29.71 -4.86
C ALA C 24 -21.01 30.11 -5.30
N ARG C 25 -20.24 30.67 -4.39
CA ARG C 25 -18.86 31.00 -4.68
C ARG C 25 -18.10 29.76 -5.10
N LEU C 26 -18.23 28.71 -4.30
CA LEU C 26 -17.73 27.39 -4.65
C LEU C 26 -18.76 26.38 -4.29
N LEU C 27 -18.88 25.34 -5.11
CA LEU C 27 -19.78 24.25 -4.81
C LEU C 27 -19.01 22.91 -4.90
N ALA C 28 -19.05 22.17 -3.82
CA ALA C 28 -18.39 20.90 -3.74
C ALA C 28 -19.37 19.78 -3.53
N HIS C 29 -19.12 18.68 -4.20
CA HIS C 29 -19.93 17.51 -4.11
C HIS C 29 -19.17 16.45 -3.31
N ALA C 30 -19.44 16.37 -2.02
CA ALA C 30 -18.66 15.45 -1.18
C ALA C 30 -19.22 14.05 -1.22
N ARG C 31 -18.38 13.05 -1.52
CA ARG C 31 -18.82 11.67 -1.63
C ARG C 31 -18.34 10.82 -0.51
N ASP C 32 -17.45 11.34 0.33
CA ASP C 32 -16.97 10.61 1.50
C ASP C 32 -16.36 11.56 2.54
N GLU C 33 -15.92 11.00 3.66
CA GLU C 33 -15.34 11.79 4.72
C GLU C 33 -14.11 12.54 4.23
N ALA C 34 -13.32 11.94 3.37
CA ALA C 34 -12.08 12.59 2.90
C ALA C 34 -12.40 13.88 2.09
N ASP C 35 -13.45 13.80 1.28
CA ASP C 35 -13.99 14.98 0.59
C ASP C 35 -14.40 16.07 1.59
N VAL C 36 -15.16 15.68 2.59
CA VAL C 36 -15.62 16.67 3.56
C VAL C 36 -14.44 17.44 4.17
N ARG C 37 -13.36 16.74 4.53
CA ARG C 37 -12.19 17.37 5.14
C ARG C 37 -11.42 18.29 4.19
N GLU C 38 -11.25 17.85 2.95
CA GLU C 38 -10.71 18.72 1.89
C GLU C 38 -11.52 20.02 1.75
N ALA C 39 -12.85 19.91 1.69
CA ALA C 39 -13.71 21.07 1.55
C ALA C 39 -13.59 22.01 2.75
N LEU C 40 -13.56 21.46 3.97
CA LEU C 40 -13.38 22.26 5.20
C LEU C 40 -12.08 22.99 5.16
N ALA C 41 -11.04 22.28 4.74
CA ALA C 41 -9.70 22.81 4.68
C ALA C 41 -9.57 23.91 3.62
N LEU C 42 -10.28 23.73 2.51
CA LEU C 42 -10.25 24.68 1.43
C LEU C 42 -11.04 25.94 1.81
N ALA C 43 -12.21 25.77 2.39
CA ALA C 43 -12.94 26.93 2.88
C ALA C 43 -12.05 27.74 3.84
N ARG C 44 -11.30 27.05 4.71
CA ARG C 44 -10.28 27.71 5.54
C ARG C 44 -9.21 28.39 4.71
N GLU C 45 -8.63 27.69 3.74
CA GLU C 45 -7.61 28.30 2.88
C GLU C 45 -8.14 29.61 2.26
N ARG C 46 -9.36 29.58 1.73
CA ARG C 46 -9.92 30.72 0.99
C ARG C 46 -10.57 31.77 1.89
N GLY C 47 -10.63 31.51 3.20
CA GLY C 47 -11.27 32.43 4.13
C GLY C 47 -12.78 32.45 4.03
N LEU C 48 -13.38 31.36 3.56
CA LEU C 48 -14.84 31.33 3.31
C LEU C 48 -15.64 30.51 4.35
N PRO C 49 -16.84 30.99 4.70
CA PRO C 49 -17.81 30.16 5.42
C PRO C 49 -18.09 28.88 4.66
N LEU C 50 -18.62 27.89 5.34
CA LEU C 50 -19.04 26.67 4.71
C LEU C 50 -20.54 26.49 4.98
N LEU C 51 -21.29 26.22 3.91
CA LEU C 51 -22.73 26.03 3.99
C LEU C 51 -22.93 24.61 3.58
N VAL C 52 -23.56 23.81 4.44
CA VAL C 52 -23.80 22.41 4.16
C VAL C 52 -25.19 22.18 3.64
N ILE C 53 -25.32 21.39 2.58
CA ILE C 53 -26.63 21.06 2.10
C ILE C 53 -26.75 19.60 1.72
N GLY C 54 -27.98 19.12 1.78
CA GLY C 54 -28.30 17.75 1.38
C GLY C 54 -29.06 17.86 0.11
N GLY C 55 -30.37 17.72 0.16
CA GLY C 55 -31.22 17.84 -1.03
C GLY C 55 -31.81 19.22 -1.19
N GLY C 56 -31.54 20.10 -0.23
CA GLY C 56 -31.99 21.49 -0.34
C GLY C 56 -33.51 21.57 -0.34
N SER C 57 -34.13 20.65 0.40
CA SER C 57 -35.56 20.63 0.53
C SER C 57 -36.09 21.30 1.81
N ASN C 58 -35.22 21.87 2.64
CA ASN C 58 -35.65 22.67 3.83
C ASN C 58 -34.81 23.92 3.97
N LEU C 59 -34.67 24.60 2.86
CA LEU C 59 -33.66 25.60 2.70
C LEU C 59 -34.26 26.73 1.90
N LEU C 60 -34.09 27.96 2.38
CA LEU C 60 -34.48 29.12 1.60
C LEU C 60 -33.26 29.99 1.35
N LEU C 61 -32.83 30.06 0.09
CA LEU C 61 -31.71 30.90 -0.27
C LEU C 61 -32.16 32.29 -0.69
N THR C 62 -31.64 33.33 -0.03
CA THR C 62 -32.09 34.70 -0.26
C THR C 62 -31.10 35.62 -0.94
N ARG C 63 -29.88 35.14 -1.15
CA ARG C 63 -28.86 35.95 -1.84
C ARG C 63 -27.71 35.05 -2.26
N ASP C 64 -26.84 35.60 -3.10
CA ASP C 64 -25.64 34.88 -3.52
C ASP C 64 -24.88 34.36 -2.30
N VAL C 65 -24.45 33.12 -2.37
CA VAL C 65 -23.81 32.48 -1.24
C VAL C 65 -22.29 32.66 -1.32
N GLU C 66 -21.78 33.52 -0.45
CA GLU C 66 -20.33 33.77 -0.40
C GLU C 66 -19.75 32.80 0.59
N ALA C 67 -19.63 31.57 0.13
CA ALA C 67 -19.29 30.45 0.97
C ALA C 67 -18.95 29.29 0.08
N LEU C 68 -18.32 28.29 0.66
CA LEU C 68 -18.18 27.02 0.01
C LEU C 68 -19.45 26.27 0.37
N VAL C 69 -20.20 25.85 -0.64
CA VAL C 69 -21.39 25.09 -0.40
C VAL C 69 -20.98 23.64 -0.56
N LEU C 70 -21.25 22.85 0.45
CA LEU C 70 -20.82 21.48 0.52
C LEU C 70 -22.05 20.59 0.45
N ARG C 71 -22.23 19.97 -0.71
CA ARG C 71 -23.34 19.08 -0.94
C ARG C 71 -22.94 17.65 -0.54
N MET C 72 -23.72 17.07 0.34
CA MET C 72 -23.38 15.77 0.90
C MET C 72 -23.90 14.76 -0.08
N ALA C 73 -23.01 14.15 -0.83
CA ALA C 73 -23.43 13.13 -1.74
C ALA C 73 -22.86 11.75 -1.36
N SER C 74 -22.49 11.55 -0.10
CA SER C 74 -22.03 10.23 0.35
C SER C 74 -23.15 9.19 0.23
N GLN C 75 -22.78 7.95 0.01
CA GLN C 75 -23.71 6.91 -0.34
C GLN C 75 -23.31 5.75 0.54
N GLY C 76 -24.24 4.86 0.87
CA GLY C 76 -23.93 3.72 1.72
C GLY C 76 -25.08 3.40 2.65
N ARG C 77 -25.55 2.18 2.56
CA ARG C 77 -26.68 1.69 3.36
C ARG C 77 -26.33 0.30 3.81
N ARG C 78 -26.38 0.04 5.09
CA ARG C 78 -26.14 -1.34 5.52
C ARG C 78 -26.87 -1.70 6.82
N ILE C 79 -26.92 -2.99 7.08
CA ILE C 79 -27.41 -3.50 8.33
C ILE C 79 -26.19 -3.63 9.21
N VAL C 80 -26.15 -2.91 10.32
CA VAL C 80 -25.05 -2.99 11.25
C VAL C 80 -25.09 -4.27 12.09
N SER C 81 -26.29 -4.66 12.49
CA SER C 81 -26.56 -5.62 13.59
C SER C 81 -28.04 -6.04 13.55
N ASP C 82 -28.30 -7.33 13.73
CA ASP C 82 -29.61 -7.94 13.47
C ASP C 82 -29.76 -9.02 14.50
N ALA C 83 -30.35 -8.68 15.63
CA ALA C 83 -30.36 -9.55 16.79
C ALA C 83 -31.72 -9.55 17.50
N ALA C 84 -32.36 -10.71 17.50
CA ALA C 84 -33.62 -10.93 18.21
C ALA C 84 -34.69 -9.93 17.80
N ASP C 85 -34.95 -9.84 16.49
CA ASP C 85 -36.00 -8.98 15.94
C ASP C 85 -35.63 -7.51 15.96
N SER C 86 -34.56 -7.12 16.64
CA SER C 86 -34.14 -5.71 16.67
C SER C 86 -33.00 -5.53 15.68
N VAL C 87 -33.15 -4.57 14.79
CA VAL C 87 -32.22 -4.45 13.69
C VAL C 87 -31.73 -3.03 13.61
N LEU C 88 -30.42 -2.89 13.60
CA LEU C 88 -29.80 -1.60 13.63
C LEU C 88 -29.24 -1.37 12.24
N VAL C 89 -29.61 -0.23 11.65
CA VAL C 89 -29.18 0.13 10.31
C VAL C 89 -28.44 1.45 10.23
N GLU C 90 -27.63 1.55 9.18
CA GLU C 90 -26.78 2.70 9.00
C GLU C 90 -26.88 3.23 7.60
N ALA C 91 -26.92 4.55 7.50
CA ALA C 91 -26.91 5.19 6.22
C ALA C 91 -26.00 6.39 6.25
N GLU C 92 -25.28 6.57 5.14
CA GLU C 92 -24.39 7.67 4.95
C GLU C 92 -25.22 8.88 4.69
N ALA C 93 -24.73 10.03 5.13
CA ALA C 93 -25.46 11.29 5.14
C ALA C 93 -26.04 11.63 3.80
N GLY C 94 -25.35 11.29 2.73
CA GLY C 94 -25.87 11.66 1.42
C GLY C 94 -26.99 10.81 0.81
N GLU C 95 -27.37 9.73 1.47
CA GLU C 95 -28.45 8.90 0.97
C GLU C 95 -29.79 9.61 0.97
N ALA C 96 -30.49 9.45 -0.12
CA ALA C 96 -31.85 9.97 -0.28
C ALA C 96 -32.78 9.29 0.73
N TRP C 97 -33.55 10.09 1.44
CA TRP C 97 -34.34 9.58 2.54
C TRP C 97 -35.40 8.60 2.09
N ASP C 98 -36.16 8.91 1.06
CA ASP C 98 -37.24 7.99 0.75
C ASP C 98 -36.76 6.66 0.20
N PRO C 99 -35.77 6.65 -0.70
CA PRO C 99 -35.29 5.30 -1.11
C PRO C 99 -34.71 4.49 0.06
N PHE C 100 -34.11 5.15 1.04
CA PHE C 100 -33.64 4.52 2.25
C PHE C 100 -34.81 3.90 2.98
N VAL C 101 -35.95 4.60 3.02
CA VAL C 101 -37.12 4.07 3.65
C VAL C 101 -37.64 2.81 2.90
N GLN C 102 -37.77 2.90 1.59
CA GLN C 102 -38.19 1.74 0.80
C GLN C 102 -37.24 0.58 1.02
N TRP C 103 -35.95 0.91 1.07
CA TRP C 103 -34.93 -0.07 1.30
C TRP C 103 -35.18 -0.84 2.60
N SER C 104 -35.46 -0.09 3.66
CA SER C 104 -35.69 -0.70 4.94
C SER C 104 -36.92 -1.59 4.92
N LEU C 105 -37.97 -1.13 4.28
CA LEU C 105 -39.21 -1.85 4.29
C LEU C 105 -39.09 -3.11 3.49
N GLU C 106 -38.33 -3.06 2.42
CA GLU C 106 -38.23 -4.20 1.53
C GLU C 106 -37.46 -5.29 2.25
N ARG C 107 -36.64 -4.91 3.22
CA ARG C 107 -36.00 -5.90 4.10
C ARG C 107 -36.85 -6.38 5.30
N GLY C 108 -38.11 -5.99 5.35
CA GLY C 108 -38.98 -6.39 6.42
C GLY C 108 -38.75 -5.61 7.71
N LEU C 109 -38.18 -4.42 7.62
CA LEU C 109 -37.99 -3.65 8.85
C LEU C 109 -39.12 -2.66 9.00
N ALA C 110 -39.62 -2.51 10.22
CA ALA C 110 -40.67 -1.56 10.44
C ALA C 110 -40.14 -0.48 11.37
N GLY C 111 -40.62 0.75 11.16
CA GLY C 111 -40.17 1.91 11.92
C GLY C 111 -40.27 3.22 11.13
N LEU C 112 -40.04 3.16 9.83
CA LEU C 112 -39.97 4.35 9.05
C LEU C 112 -41.16 4.61 8.14
N GLU C 113 -42.09 3.68 8.05
CA GLU C 113 -43.20 3.76 7.08
C GLU C 113 -43.96 5.11 7.08
N ASN C 114 -44.13 5.69 8.26
CA ASN C 114 -44.81 6.95 8.39
C ASN C 114 -44.02 8.11 7.81
N LEU C 115 -42.71 7.91 7.71
CA LEU C 115 -41.86 8.88 7.13
C LEU C 115 -41.60 8.63 5.67
N SER C 116 -42.42 7.83 5.00
CA SER C 116 -42.31 7.68 3.56
C SER C 116 -42.45 8.99 2.79
N LEU C 117 -41.65 9.09 1.72
CA LEU C 117 -41.76 10.14 0.71
C LEU C 117 -41.36 11.54 1.14
N ILE C 118 -40.90 11.72 2.37
CA ILE C 118 -40.30 12.97 2.79
C ILE C 118 -39.03 13.17 1.97
N PRO C 119 -38.82 14.38 1.39
CA PRO C 119 -37.64 14.64 0.57
C PRO C 119 -36.41 14.79 1.38
N GLY C 120 -35.28 14.79 0.74
CA GLY C 120 -34.04 15.13 1.40
C GLY C 120 -33.23 13.88 1.64
N THR C 121 -32.25 14.07 2.49
CA THR C 121 -31.25 13.10 2.81
C THR C 121 -31.27 12.65 4.25
N VAL C 122 -30.61 11.52 4.47
CA VAL C 122 -30.45 10.92 5.75
C VAL C 122 -29.66 11.82 6.70
N GLY C 123 -28.62 12.43 6.18
CA GLY C 123 -27.83 13.37 6.94
C GLY C 123 -28.55 14.57 7.50
N ALA C 124 -29.52 15.14 6.74
CA ALA C 124 -30.32 16.27 7.22
C ALA C 124 -31.48 15.85 8.18
N ALA C 125 -31.89 14.60 8.12
CA ALA C 125 -33.06 14.12 8.88
C ALA C 125 -33.02 14.45 10.40
N PRO C 126 -31.88 14.28 11.06
CA PRO C 126 -31.78 14.61 12.45
C PRO C 126 -31.83 16.11 12.73
N MET C 127 -31.54 16.94 11.74
CA MET C 127 -31.48 18.37 11.97
C MET C 127 -32.79 18.86 12.53
N GLN C 128 -33.88 18.54 11.86
CA GLN C 128 -35.18 18.96 12.41
C GLN C 128 -36.00 17.83 12.95
N ASN C 129 -35.36 16.71 13.25
CA ASN C 129 -36.03 15.55 13.79
C ASN C 129 -37.24 15.25 12.94
N ILE C 130 -36.99 14.86 11.68
CA ILE C 130 -38.08 14.85 10.72
C ILE C 130 -39.24 14.01 11.24
N GLY C 131 -40.43 14.51 10.99
CA GLY C 131 -41.65 13.83 11.43
C GLY C 131 -42.83 14.02 10.53
N ALA C 132 -43.72 13.05 10.55
CA ALA C 132 -44.96 13.10 9.78
C ALA C 132 -45.86 11.99 10.31
N TYR C 133 -47.16 12.21 10.28
CA TYR C 133 -48.11 11.16 10.61
C TYR C 133 -47.88 10.54 11.97
N GLY C 134 -47.50 11.38 12.95
CA GLY C 134 -47.33 10.96 14.34
C GLY C 134 -46.03 10.21 14.67
N VAL C 135 -45.10 10.13 13.73
CA VAL C 135 -43.80 9.52 13.97
C VAL C 135 -42.70 10.59 13.78
N GLU C 136 -41.67 10.50 14.58
CA GLU C 136 -40.50 11.35 14.45
C GLU C 136 -39.25 10.50 14.42
N LEU C 137 -38.21 11.00 13.76
CA LEU C 137 -36.93 10.26 13.72
C LEU C 137 -36.53 9.80 15.10
N LYS C 138 -36.75 10.61 16.11
CA LYS C 138 -36.20 10.27 17.43
C LYS C 138 -36.76 8.95 17.88
N ASP C 139 -37.94 8.56 17.39
CA ASP C 139 -38.61 7.34 17.89
C ASP C 139 -37.86 6.10 17.49
N VAL C 140 -37.03 6.21 16.48
CA VAL C 140 -36.25 5.04 16.03
C VAL C 140 -34.75 5.35 16.03
N PHE C 141 -34.34 6.41 16.69
CA PHE C 141 -32.98 6.87 16.46
C PHE C 141 -32.03 6.22 17.44
N ASP C 142 -30.92 5.68 16.95
CA ASP C 142 -29.94 5.07 17.84
C ASP C 142 -28.80 6.03 18.08
N SER C 143 -28.15 6.44 17.02
CA SER C 143 -26.99 7.32 17.10
C SER C 143 -26.57 7.87 15.74
N LEU C 144 -25.71 8.85 15.78
CA LEU C 144 -25.04 9.28 14.57
C LEU C 144 -23.57 9.58 14.83
N THR C 145 -22.81 9.70 13.74
CA THR C 145 -21.43 10.17 13.73
C THR C 145 -21.36 11.53 13.04
N ALA C 146 -20.78 12.49 13.76
CA ALA C 146 -20.67 13.85 13.28
C ALA C 146 -19.24 14.31 13.40
N LEU C 147 -18.85 15.13 12.43
CA LEU C 147 -17.55 15.74 12.40
C LEU C 147 -17.66 17.06 13.10
N ASP C 148 -16.77 17.25 14.08
CA ASP C 148 -16.71 18.48 14.84
C ASP C 148 -15.93 19.49 14.02
N ARG C 149 -16.60 20.51 13.51
CA ARG C 149 -15.91 21.49 12.66
C ARG C 149 -14.97 22.40 13.43
N GLN C 150 -15.00 22.36 14.75
CA GLN C 150 -14.04 23.10 15.57
C GLN C 150 -12.68 22.40 15.60
N ASP C 151 -12.70 21.08 15.72
CA ASP C 151 -11.48 20.27 15.93
C ASP C 151 -11.09 19.43 14.73
N GLY C 152 -12.04 19.22 13.82
CA GLY C 152 -11.89 18.19 12.80
C GLY C 152 -11.98 16.76 13.37
N THR C 153 -12.46 16.61 14.61
CA THR C 153 -12.59 15.28 15.21
C THR C 153 -14.00 14.72 15.09
N LEU C 154 -14.14 13.42 15.19
CA LEU C 154 -15.41 12.74 15.15
C LEU C 154 -16.04 12.52 16.53
N ARG C 155 -17.35 12.69 16.61
CA ARG C 155 -18.07 12.44 17.83
C ARG C 155 -19.27 11.59 17.49
N GLU C 156 -19.64 10.73 18.42
CA GLU C 156 -20.83 9.92 18.27
C GLU C 156 -21.88 10.55 19.14
N PHE C 157 -23.08 10.63 18.58
CA PHE C 157 -24.19 11.16 19.31
C PHE C 157 -25.21 10.07 19.52
N ASP C 158 -25.53 9.76 20.76
CA ASP C 158 -26.65 8.87 21.05
C ASP C 158 -27.96 9.70 21.11
N ARG C 159 -29.08 9.05 21.31
CA ARG C 159 -30.37 9.69 21.24
C ARG C 159 -30.48 10.87 22.18
N GLN C 160 -30.31 10.68 23.47
CA GLN C 160 -30.37 11.81 24.38
C GLN C 160 -29.42 12.96 23.98
N ALA C 161 -28.22 12.65 23.53
CA ALA C 161 -27.25 13.69 23.21
C ALA C 161 -27.74 14.67 22.13
N CYS C 162 -28.48 14.16 21.15
CA CYS C 162 -29.05 14.99 20.10
C CYS C 162 -30.12 15.99 20.54
N ARG C 163 -30.66 15.82 21.74
CA ARG C 163 -31.66 16.74 22.27
C ARG C 163 -32.79 16.94 21.26
N PHE C 164 -33.42 15.86 20.83
CA PHE C 164 -34.50 16.01 19.90
C PHE C 164 -35.73 16.63 20.54
N GLY C 165 -36.41 17.46 19.77
CA GLY C 165 -37.66 18.07 20.16
C GLY C 165 -38.53 18.17 18.94
N TYR C 166 -39.65 18.87 19.08
CA TYR C 166 -40.55 19.08 17.95
C TYR C 166 -39.84 20.04 16.95
N ARG C 167 -39.51 19.52 15.75
CA ARG C 167 -38.75 20.23 14.69
C ARG C 167 -37.44 20.82 15.22
N ASP C 168 -36.74 20.06 16.04
CA ASP C 168 -35.60 20.59 16.75
C ASP C 168 -34.60 19.51 17.15
N SER C 169 -33.35 19.95 17.28
CA SER C 169 -32.23 19.12 17.68
C SER C 169 -31.12 20.03 18.15
N LEU C 170 -30.11 19.43 18.78
CA LEU C 170 -28.86 20.11 19.09
C LEU C 170 -28.24 20.81 17.90
N PHE C 171 -28.34 20.17 16.73
CA PHE C 171 -27.65 20.63 15.53
C PHE C 171 -28.31 21.88 14.96
N LYS C 172 -29.62 22.00 15.16
CA LYS C 172 -30.36 23.22 14.86
C LYS C 172 -30.06 24.32 15.89
N GLN C 173 -29.81 23.95 17.15
CA GLN C 173 -29.53 24.91 18.24
C GLN C 173 -28.10 25.44 18.22
N GLU C 174 -27.16 24.59 17.81
CA GLU C 174 -25.73 24.93 17.71
C GLU C 174 -25.38 24.82 16.27
N PRO C 175 -25.91 25.71 15.45
CA PRO C 175 -25.73 25.49 14.01
C PRO C 175 -24.26 25.68 13.59
N ASP C 176 -23.91 25.08 12.44
CA ASP C 176 -22.61 25.31 11.80
C ASP C 176 -21.42 24.69 12.53
N ARG C 177 -21.70 23.76 13.43
CA ARG C 177 -20.66 23.15 14.23
C ARG C 177 -20.48 21.69 13.82
N TRP C 178 -21.58 20.98 13.63
CA TRP C 178 -21.52 19.56 13.41
C TRP C 178 -21.89 19.28 11.98
N LEU C 179 -21.19 18.33 11.40
CA LEU C 179 -21.41 17.90 10.06
C LEU C 179 -21.68 16.42 10.16
N ILE C 180 -22.89 16.03 9.82
CA ILE C 180 -23.34 14.67 10.07
C ILE C 180 -22.91 13.82 8.91
N LEU C 181 -22.16 12.76 9.24
CA LEU C 181 -21.60 11.87 8.23
C LEU C 181 -22.44 10.65 8.01
N ARG C 182 -22.99 10.11 9.09
CA ARG C 182 -23.88 8.95 8.99
C ARG C 182 -24.81 8.79 10.20
N VAL C 183 -25.85 8.00 10.01
CA VAL C 183 -26.98 7.94 10.91
C VAL C 183 -27.38 6.51 11.08
N ARG C 184 -27.55 6.14 12.34
CA ARG C 184 -27.93 4.80 12.72
C ARG C 184 -29.30 4.82 13.34
N LEU C 185 -30.18 3.97 12.81
CA LEU C 185 -31.55 3.84 13.27
C LEU C 185 -31.82 2.43 13.71
N ARG C 186 -32.60 2.28 14.76
CA ARG C 186 -32.96 0.93 15.25
C ARG C 186 -34.37 0.58 14.83
N LEU C 187 -34.50 -0.43 13.98
CA LEU C 187 -35.79 -0.83 13.44
C LEU C 187 -36.10 -2.21 13.95
N THR C 188 -37.28 -2.72 13.58
CA THR C 188 -37.73 -4.02 14.03
C THR C 188 -38.17 -4.95 12.93
N ARG C 189 -38.13 -6.24 13.20
CA ARG C 189 -38.68 -7.24 12.29
C ARG C 189 -40.09 -7.63 12.70
N ARG C 190 -40.50 -7.26 13.89
CA ARG C 190 -41.86 -7.55 14.30
C ARG C 190 -42.78 -6.43 13.83
N GLU C 191 -44.06 -6.75 13.77
CA GLU C 191 -45.05 -5.88 13.19
C GLU C 191 -45.25 -4.67 14.11
N ARG C 192 -45.19 -3.46 13.57
CA ARG C 192 -45.48 -2.23 14.30
C ARG C 192 -46.30 -1.35 13.42
N LEU C 193 -47.38 -0.80 13.95
CA LEU C 193 -48.21 0.13 13.22
C LEU C 193 -48.49 1.34 14.11
N HIS C 194 -48.22 2.54 13.59
CA HIS C 194 -48.58 3.74 14.26
C HIS C 194 -49.65 4.42 13.39
N LEU C 195 -50.92 4.11 13.64
CA LEU C 195 -52.00 4.58 12.77
C LEU C 195 -52.75 5.72 13.42
N ASP C 196 -52.00 6.62 14.07
CA ASP C 196 -52.55 7.71 14.85
C ASP C 196 -53.38 8.66 14.03
N TYR C 197 -52.95 9.00 12.82
CA TYR C 197 -53.66 10.09 12.07
C TYR C 197 -54.81 9.47 11.31
N GLY C 198 -56.03 9.97 11.53
CA GLY C 198 -57.25 9.37 10.98
C GLY C 198 -57.25 9.05 9.48
N PRO C 199 -56.80 10.01 8.63
CA PRO C 199 -56.81 9.75 7.19
C PRO C 199 -56.02 8.52 6.78
N VAL C 200 -54.97 8.18 7.51
CA VAL C 200 -54.22 6.96 7.23
C VAL C 200 -55.08 5.74 7.56
N ARG C 201 -55.53 5.69 8.81
CA ARG C 201 -56.47 4.67 9.25
C ARG C 201 -57.67 4.51 8.29
N GLN C 202 -58.23 5.64 7.88
CA GLN C 202 -59.48 5.69 7.12
C GLN C 202 -59.22 5.13 5.75
N ARG C 203 -58.12 5.54 5.13
CA ARG C 203 -57.85 5.00 3.81
C ARG C 203 -57.58 3.51 3.82
N LEU C 204 -56.98 3.03 4.88
CA LEU C 204 -56.63 1.65 4.99
C LEU C 204 -57.91 0.81 5.08
N GLU C 205 -58.92 1.35 5.76
CA GLU C 205 -60.21 0.69 5.86
C GLU C 205 -60.99 0.74 4.55
N GLU C 206 -60.87 1.84 3.82
CA GLU C 206 -61.57 1.96 2.55
C GLU C 206 -61.03 1.00 1.52
N GLU C 207 -59.74 0.71 1.60
CA GLU C 207 -59.11 -0.20 0.68
C GLU C 207 -59.17 -1.60 1.26
N GLY C 208 -59.85 -1.75 2.39
CA GLY C 208 -60.22 -3.05 2.95
C GLY C 208 -59.06 -3.85 3.50
N ILE C 209 -58.07 -3.19 4.09
CA ILE C 209 -56.93 -3.91 4.69
C ILE C 209 -57.10 -3.86 6.20
N ALA C 210 -57.68 -4.93 6.72
CA ALA C 210 -58.04 -5.04 8.14
C ALA C 210 -56.81 -5.35 8.99
N SER C 211 -55.86 -6.07 8.39
CA SER C 211 -54.61 -6.41 9.04
C SER C 211 -53.40 -5.88 8.23
N PRO C 212 -53.15 -4.58 8.31
CA PRO C 212 -52.12 -4.02 7.46
C PRO C 212 -50.71 -4.28 7.95
N THR C 213 -49.76 -4.26 7.03
CA THR C 213 -48.34 -4.36 7.33
C THR C 213 -47.73 -2.96 7.19
N ALA C 214 -46.50 -2.81 7.65
CA ALA C 214 -45.85 -1.52 7.60
C ALA C 214 -45.69 -1.06 6.15
N ARG C 215 -45.55 -2.00 5.22
CA ARG C 215 -45.53 -1.66 3.79
C ARG C 215 -46.83 -1.04 3.30
N ASP C 216 -47.95 -1.61 3.71
CA ASP C 216 -49.27 -1.06 3.33
C ASP C 216 -49.42 0.34 3.80
N VAL C 217 -48.98 0.59 5.03
CA VAL C 217 -49.06 1.92 5.60
C VAL C 217 -48.23 2.85 4.75
N SER C 218 -46.99 2.45 4.45
CA SER C 218 -46.12 3.27 3.63
C SER C 218 -46.77 3.63 2.30
N ARG C 219 -47.40 2.68 1.65
CA ARG C 219 -48.01 2.95 0.36
C ARG C 219 -49.16 3.92 0.52
N VAL C 220 -49.92 3.74 1.58
CA VAL C 220 -51.04 4.62 1.86
C VAL C 220 -50.54 6.05 2.09
N ILE C 221 -49.44 6.13 2.82
CA ILE C 221 -48.88 7.40 3.14
C ILE C 221 -48.36 8.06 1.88
N CYS C 222 -47.72 7.28 1.04
CA CYS C 222 -47.23 7.83 -0.21
C CYS C 222 -48.38 8.36 -1.03
N ALA C 223 -49.47 7.60 -1.10
CA ALA C 223 -50.62 8.02 -1.91
C ALA C 223 -51.21 9.34 -1.38
N ILE C 224 -51.40 9.44 -0.08
CA ILE C 224 -52.00 10.67 0.49
C ILE C 224 -51.09 11.85 0.23
N ARG C 225 -49.79 11.68 0.49
CA ARG C 225 -48.82 12.73 0.24
C ARG C 225 -48.76 13.15 -1.23
N ARG C 226 -48.83 12.19 -2.14
CA ARG C 226 -48.89 12.54 -3.58
C ARG C 226 -50.11 13.34 -3.94
N GLU C 227 -51.26 12.95 -3.42
CA GLU C 227 -52.49 13.68 -3.64
C GLU C 227 -52.44 15.07 -3.14
N LYS C 228 -51.91 15.32 -1.96
CA LYS C 228 -52.16 16.65 -1.39
C LYS C 228 -51.00 17.66 -1.34
N LEU C 229 -49.77 17.18 -1.32
CA LEU C 229 -48.62 18.09 -1.34
C LEU C 229 -48.22 18.48 -2.76
N PRO C 230 -47.98 19.77 -2.99
CA PRO C 230 -47.41 20.24 -4.26
C PRO C 230 -46.05 19.60 -4.49
N ASP C 231 -45.85 18.99 -5.64
CA ASP C 231 -44.53 18.49 -5.98
C ASP C 231 -43.65 19.72 -6.34
N PRO C 232 -42.47 19.85 -5.69
CA PRO C 232 -41.49 20.90 -6.05
C PRO C 232 -41.21 21.03 -7.55
N ALA C 233 -41.22 19.92 -8.27
CA ALA C 233 -41.04 19.96 -9.74
C ALA C 233 -42.08 20.87 -10.43
N VAL C 234 -43.31 20.87 -9.95
CA VAL C 234 -44.33 21.73 -10.53
C VAL C 234 -44.30 23.14 -9.99
N LEU C 235 -44.10 23.20 -8.70
CA LEU C 235 -44.30 24.40 -7.94
C LEU C 235 -43.24 24.38 -6.82
N GLY C 236 -42.16 25.12 -6.98
CA GLY C 236 -41.08 25.17 -5.98
C GLY C 236 -41.55 25.49 -4.57
N ASN C 237 -41.10 24.66 -3.62
CA ASN C 237 -41.47 24.84 -2.22
C ASN C 237 -40.54 24.05 -1.34
N ALA C 238 -40.63 24.36 -0.05
CA ALA C 238 -39.85 23.64 0.93
C ALA C 238 -40.80 23.04 1.92
N GLY C 239 -41.92 22.52 1.42
CA GLY C 239 -42.97 21.98 2.28
C GLY C 239 -43.55 23.00 3.26
N SER C 240 -43.84 22.57 4.47
CA SER C 240 -44.38 23.46 5.48
C SER C 240 -43.38 24.54 5.79
N PHE C 241 -43.79 25.80 5.60
CA PHE C 241 -42.83 26.90 5.79
C PHE C 241 -42.71 27.30 7.25
N PHE C 242 -43.68 26.96 8.07
CA PHE C 242 -43.71 27.38 9.47
C PHE C 242 -43.91 26.20 10.41
N LYS C 243 -43.32 26.27 11.58
CA LYS C 243 -43.62 25.30 12.63
C LYS C 243 -44.96 25.61 13.26
N ASN C 244 -45.66 24.57 13.66
CA ASN C 244 -46.83 24.70 14.48
C ASN C 244 -46.43 25.22 15.84
N PRO C 245 -46.98 26.37 16.25
CA PRO C 245 -46.59 26.90 17.55
C PRO C 245 -47.22 26.17 18.73
N LEU C 246 -46.49 26.15 19.83
CA LEU C 246 -47.00 25.69 21.10
C LEU C 246 -47.27 26.85 22.05
N VAL C 247 -48.45 26.85 22.66
CA VAL C 247 -48.79 27.85 23.65
C VAL C 247 -49.27 27.21 24.92
N ASP C 248 -49.22 27.98 26.01
CA ASP C 248 -49.63 27.55 27.34
C ASP C 248 -51.14 27.58 27.48
N ALA C 249 -51.66 26.85 28.47
CA ALA C 249 -53.11 26.77 28.72
C ALA C 249 -53.72 28.16 29.01
N THR C 250 -52.93 29.07 29.58
CA THR C 250 -53.34 30.49 29.78
C THR C 250 -53.77 31.13 28.47
N GLN C 251 -52.83 31.12 27.54
CA GLN C 251 -53.03 31.71 26.26
C GLN C 251 -54.03 30.85 25.49
N ALA C 252 -54.01 29.54 25.71
CA ALA C 252 -54.90 28.62 25.01
C ALA C 252 -56.36 28.85 25.38
N GLU C 253 -56.59 29.15 26.65
CA GLU C 253 -57.94 29.47 27.10
C GLU C 253 -58.36 30.80 26.50
N ARG C 254 -57.48 31.80 26.59
CA ARG C 254 -57.81 33.09 26.06
C ARG C 254 -58.04 33.07 24.55
N LEU C 255 -57.24 32.27 23.85
CA LEU C 255 -57.44 32.11 22.42
C LEU C 255 -58.76 31.46 22.08
N ARG C 256 -59.14 30.45 22.84
CA ARG C 256 -60.34 29.65 22.53
C ARG C 256 -61.64 30.44 22.74
N GLN C 257 -61.64 31.32 23.73
CA GLN C 257 -62.77 32.21 23.92
C GLN C 257 -62.93 33.14 22.73
N ALA C 258 -61.83 33.71 22.30
CA ALA C 258 -61.82 34.59 21.14
C ALA C 258 -62.09 33.82 19.85
N PHE C 259 -61.67 32.56 19.82
CA PHE C 259 -61.77 31.72 18.63
C PHE C 259 -62.19 30.29 18.97
N PRO C 260 -63.50 30.03 19.05
CA PRO C 260 -63.95 28.69 19.43
C PRO C 260 -63.57 27.62 18.42
N ASP C 261 -63.58 27.97 17.13
CA ASP C 261 -63.21 27.04 16.04
C ASP C 261 -61.70 26.68 15.96
N LEU C 262 -60.90 27.26 16.86
CA LEU C 262 -59.44 27.03 16.95
C LEU C 262 -58.98 25.58 16.88
N VAL C 263 -58.09 25.28 15.95
CA VAL C 263 -57.54 23.94 15.84
C VAL C 263 -56.24 23.83 16.65
N GLY C 264 -56.27 22.94 17.64
CA GLY C 264 -55.14 22.71 18.51
C GLY C 264 -55.13 21.31 19.05
N TYR C 265 -53.94 20.84 19.39
CA TYR C 265 -53.78 19.53 19.99
C TYR C 265 -53.08 19.73 21.33
N PRO C 266 -53.80 19.47 22.43
CA PRO C 266 -53.10 19.59 23.70
C PRO C 266 -52.11 18.48 23.92
N GLN C 267 -51.02 18.87 24.55
CA GLN C 267 -49.87 18.02 24.66
C GLN C 267 -49.94 17.31 25.99
N ALA C 268 -49.21 16.21 26.10
CA ALA C 268 -49.03 15.57 27.38
C ALA C 268 -48.68 16.60 28.47
N ASP C 269 -47.79 17.55 28.16
CA ASP C 269 -47.46 18.64 29.12
C ASP C 269 -48.65 19.51 29.41
N GLY C 270 -49.66 19.44 28.55
CA GLY C 270 -50.86 20.22 28.73
C GLY C 270 -50.88 21.52 27.94
N ARG C 271 -49.72 21.95 27.43
CA ARG C 271 -49.66 23.08 26.47
C ARG C 271 -50.35 22.67 25.18
N LEU C 272 -50.67 23.67 24.36
CA LEU C 272 -51.43 23.43 23.15
C LEU C 272 -50.63 23.68 21.88
N LYS C 273 -50.63 22.68 20.99
CA LYS C 273 -50.10 22.79 19.64
C LYS C 273 -51.19 23.25 18.67
N LEU C 274 -51.03 24.45 18.13
CA LEU C 274 -51.99 25.00 17.19
C LEU C 274 -51.66 24.52 15.80
N ALA C 275 -52.68 24.30 14.99
CA ALA C 275 -52.43 24.09 13.55
C ALA C 275 -52.11 25.45 12.92
N ALA C 276 -50.84 25.63 12.54
CA ALA C 276 -50.40 26.85 11.92
C ALA C 276 -51.25 27.12 10.71
N GLY C 277 -51.57 26.06 9.96
CA GLY C 277 -52.39 26.16 8.76
C GLY C 277 -53.74 26.80 8.98
N TRP C 278 -54.34 26.51 10.12
CA TRP C 278 -55.62 27.06 10.44
C TRP C 278 -55.44 28.55 10.67
N LEU C 279 -54.44 28.94 11.45
CA LEU C 279 -54.26 30.37 11.76
C LEU C 279 -54.07 31.16 10.46
N ILE C 280 -53.32 30.58 9.55
CA ILE C 280 -52.96 31.24 8.31
C ILE C 280 -54.20 31.37 7.39
N ASP C 281 -54.93 30.27 7.26
CA ASP C 281 -56.20 30.24 6.54
C ASP C 281 -57.17 31.32 7.06
N LYS C 282 -57.27 31.46 8.37
CA LYS C 282 -58.08 32.50 8.96
C LYS C 282 -57.59 33.90 8.64
N GLY C 283 -56.31 34.07 8.34
CA GLY C 283 -55.82 35.33 7.81
C GLY C 283 -56.21 35.58 6.36
N GLY C 284 -56.77 34.57 5.69
CA GLY C 284 -57.16 34.68 4.31
C GLY C 284 -56.05 34.46 3.29
N TRP C 285 -54.93 33.89 3.73
CA TRP C 285 -53.72 33.76 2.89
C TRP C 285 -53.77 32.62 1.90
N LYS C 286 -54.71 31.74 2.05
CA LYS C 286 -54.74 30.54 1.24
C LYS C 286 -55.03 30.87 -0.20
N GLY C 287 -54.16 30.37 -1.08
CA GLY C 287 -54.24 30.61 -2.52
C GLY C 287 -53.75 31.99 -2.93
N PHE C 288 -53.27 32.79 -1.97
CA PHE C 288 -52.77 34.12 -2.27
C PHE C 288 -51.57 34.07 -3.19
N ARG C 289 -51.45 35.07 -4.03
CA ARG C 289 -50.37 35.09 -4.96
C ARG C 289 -49.99 36.54 -5.14
N ASP C 290 -48.69 36.80 -5.01
CA ASP C 290 -48.11 38.07 -5.42
C ASP C 290 -46.90 37.85 -6.31
N GLY C 291 -47.16 37.99 -7.61
CA GLY C 291 -46.17 37.77 -8.63
C GLY C 291 -45.70 36.34 -8.54
N PRO C 292 -44.38 36.15 -8.35
CA PRO C 292 -43.87 34.79 -8.47
C PRO C 292 -43.99 33.97 -7.19
N VAL C 293 -44.44 34.57 -6.08
CA VAL C 293 -44.63 33.79 -4.87
C VAL C 293 -46.08 33.71 -4.45
N GLY C 294 -46.38 32.75 -3.60
CA GLY C 294 -47.73 32.58 -3.12
C GLY C 294 -47.85 31.56 -2.01
N VAL C 295 -49.10 31.41 -1.57
CA VAL C 295 -49.48 30.39 -0.59
C VAL C 295 -50.31 29.36 -1.32
N HIS C 296 -50.00 28.09 -1.16
CA HIS C 296 -50.76 27.06 -1.84
C HIS C 296 -52.26 27.17 -1.47
N ALA C 297 -53.14 26.75 -2.40
CA ALA C 297 -54.59 26.97 -2.23
C ALA C 297 -55.29 26.01 -1.26
N GLN C 298 -54.69 24.85 -0.97
CA GLN C 298 -55.23 23.90 0.01
C GLN C 298 -54.28 23.74 1.19
N GLN C 299 -52.97 23.80 0.95
CA GLN C 299 -51.98 23.65 2.03
C GLN C 299 -51.48 25.04 2.49
N ALA C 300 -52.16 25.61 3.45
CA ALA C 300 -51.88 26.95 3.87
C ALA C 300 -50.45 27.14 4.37
N LEU C 301 -49.83 26.07 4.87
CA LEU C 301 -48.44 26.17 5.36
C LEU C 301 -47.39 26.27 4.26
N VAL C 302 -47.77 25.90 3.04
CA VAL C 302 -46.81 25.82 1.94
C VAL C 302 -46.72 27.11 1.13
N LEU C 303 -45.62 27.83 1.33
CA LEU C 303 -45.27 28.94 0.47
C LEU C 303 -44.73 28.35 -0.81
N VAL C 304 -45.10 28.94 -1.95
CA VAL C 304 -44.70 28.42 -3.26
C VAL C 304 -44.04 29.46 -4.15
N ASN C 305 -43.36 28.94 -5.18
CA ASN C 305 -42.69 29.70 -6.22
C ASN C 305 -43.36 29.29 -7.54
N HIS C 306 -44.04 30.24 -8.15
CA HIS C 306 -44.78 29.98 -9.36
C HIS C 306 -43.81 30.03 -10.53
N GLY C 307 -42.55 30.39 -10.28
CA GLY C 307 -41.54 30.64 -11.32
C GLY C 307 -40.81 31.97 -11.15
N GLY C 308 -39.49 31.91 -11.01
CA GLY C 308 -38.63 33.09 -10.98
C GLY C 308 -38.55 33.81 -9.65
N ALA C 309 -39.07 33.22 -8.59
CA ALA C 309 -39.06 33.95 -7.31
C ALA C 309 -37.65 34.18 -6.81
N THR C 310 -37.38 35.34 -6.22
CA THR C 310 -36.16 35.53 -5.46
C THR C 310 -36.45 35.06 -4.05
N GLY C 311 -35.42 34.69 -3.30
CA GLY C 311 -35.64 34.27 -1.93
C GLY C 311 -36.13 35.39 -1.03
N ALA C 312 -35.69 36.62 -1.32
CA ALA C 312 -36.19 37.82 -0.64
C ALA C 312 -37.71 38.02 -0.77
N GLN C 313 -38.27 37.69 -1.93
CA GLN C 313 -39.72 37.74 -2.14
C GLN C 313 -40.49 36.70 -1.35
N VAL C 314 -39.97 35.47 -1.33
CA VAL C 314 -40.49 34.45 -0.46
C VAL C 314 -40.45 34.90 0.98
N ARG C 315 -39.34 35.47 1.41
CA ARG C 315 -39.22 35.90 2.78
C ARG C 315 -40.16 37.04 3.10
N ALA C 316 -40.28 38.00 2.20
CA ALA C 316 -41.20 39.13 2.39
C ALA C 316 -42.63 38.61 2.58
N LEU C 317 -42.99 37.57 1.82
CA LEU C 317 -44.30 36.99 1.93
C LEU C 317 -44.46 36.33 3.27
N ALA C 318 -43.49 35.52 3.67
CA ALA C 318 -43.53 34.89 5.00
C ALA C 318 -43.62 35.92 6.12
N GLU C 319 -42.96 37.06 5.94
CA GLU C 319 -42.94 38.12 6.95
C GLU C 319 -44.30 38.80 7.09
N ARG C 320 -45.01 38.95 5.97
CA ARG C 320 -46.37 39.47 6.01
C ARG C 320 -47.31 38.54 6.73
N ILE C 321 -47.15 37.25 6.50
CA ILE C 321 -47.98 36.25 7.11
C ILE C 321 -47.69 36.17 8.62
N GLN C 322 -46.43 36.18 9.00
CA GLN C 322 -46.08 36.21 10.39
C GLN C 322 -46.68 37.38 11.09
N GLU C 323 -46.56 38.56 10.51
CA GLU C 323 -47.12 39.74 11.16
C GLU C 323 -48.64 39.67 11.33
N ASP C 324 -49.32 39.19 10.28
CA ASP C 324 -50.78 39.07 10.28
C ASP C 324 -51.22 38.14 11.39
N VAL C 325 -50.54 37.01 11.52
CA VAL C 325 -50.83 36.11 12.61
C VAL C 325 -50.51 36.72 13.98
N ARG C 326 -49.42 37.47 14.14
CA ARG C 326 -49.07 38.09 15.45
C ARG C 326 -50.17 39.07 15.84
N ARG C 327 -50.64 39.85 14.89
CA ARG C 327 -51.67 40.78 15.17
C ARG C 327 -53.01 40.11 15.46
N ARG C 328 -53.41 39.16 14.62
CA ARG C 328 -54.69 38.47 14.77
C ARG C 328 -54.78 37.60 16.02
N PHE C 329 -53.72 36.87 16.31
CA PHE C 329 -53.75 35.87 17.36
C PHE C 329 -52.75 36.08 18.50
N GLY C 330 -51.88 37.07 18.41
CA GLY C 330 -50.86 37.25 19.44
C GLY C 330 -49.86 36.10 19.48
N VAL C 331 -49.70 35.43 18.36
CA VAL C 331 -48.88 34.23 18.29
C VAL C 331 -47.73 34.40 17.30
N GLU C 332 -46.54 33.99 17.71
CA GLU C 332 -45.37 34.07 16.85
C GLU C 332 -45.22 32.81 16.05
N LEU C 333 -45.04 32.94 14.75
CA LEU C 333 -44.78 31.79 13.91
C LEU C 333 -43.31 31.77 13.58
N GLU C 334 -42.67 30.61 13.78
CA GLU C 334 -41.28 30.40 13.40
C GLU C 334 -41.23 29.71 12.06
N PRO C 335 -40.39 30.20 11.15
CA PRO C 335 -40.21 29.36 9.97
C PRO C 335 -39.48 28.07 10.27
N GLU C 336 -39.75 27.10 9.42
CA GLU C 336 -39.10 25.84 9.47
C GLU C 336 -37.89 25.78 8.55
N PRO C 337 -37.99 26.30 7.33
CA PRO C 337 -36.82 26.14 6.49
C PRO C 337 -35.67 26.97 6.97
N ASN C 338 -34.47 26.45 6.87
CA ASN C 338 -33.28 27.22 7.17
C ASN C 338 -33.17 28.37 6.20
N LEU C 339 -33.08 29.57 6.72
CA LEU C 339 -32.96 30.74 5.89
C LEU C 339 -31.50 31.15 5.82
N TYR C 340 -30.91 31.11 4.64
CA TYR C 340 -29.62 31.74 4.45
C TYR C 340 -29.84 33.14 3.79
N SER D 3 31.66 -17.77 -16.76
CA SER D 3 31.26 -18.90 -15.91
C SER D 3 31.14 -18.56 -14.39
N LEU D 4 32.03 -17.72 -13.91
CA LEU D 4 31.87 -17.15 -12.58
C LEU D 4 30.53 -16.40 -12.37
N GLU D 5 29.95 -15.79 -13.42
CA GLU D 5 28.74 -14.96 -13.27
C GLU D 5 27.49 -15.65 -13.82
N LEU D 6 27.69 -16.85 -14.34
CA LEU D 6 26.63 -17.62 -14.95
C LEU D 6 25.56 -17.93 -13.91
N GLN D 7 24.31 -17.81 -14.32
CA GLN D 7 23.18 -17.83 -13.42
C GLN D 7 22.09 -18.75 -14.01
N GLU D 8 21.52 -19.63 -13.19
CA GLU D 8 20.49 -20.63 -13.63
C GLU D 8 19.12 -20.38 -13.02
N HIS D 9 18.07 -20.59 -13.83
CA HIS D 9 16.68 -20.44 -13.38
C HIS D 9 16.42 -19.07 -12.75
N CYS D 10 16.82 -18.05 -13.48
CA CYS D 10 17.03 -16.72 -12.94
C CYS D 10 16.01 -15.70 -13.53
N SER D 11 15.47 -14.86 -12.66
CA SER D 11 14.48 -13.87 -13.08
C SER D 11 15.05 -12.83 -14.07
N LEU D 12 14.36 -12.61 -15.16
CA LEU D 12 14.76 -11.60 -16.13
C LEU D 12 14.14 -10.24 -15.87
N LYS D 13 13.44 -10.11 -14.76
CA LYS D 13 12.74 -8.86 -14.53
C LYS D 13 13.60 -7.60 -14.44
N PRO D 14 14.76 -7.65 -13.76
CA PRO D 14 15.69 -6.49 -13.75
C PRO D 14 16.31 -6.18 -15.11
N TYR D 15 16.10 -7.02 -16.12
CA TYR D 15 16.80 -6.88 -17.40
C TYR D 15 15.90 -6.57 -18.61
N ASN D 16 14.65 -6.18 -18.37
CA ASN D 16 13.78 -5.72 -19.45
C ASN D 16 13.01 -4.49 -18.97
N THR D 17 12.86 -3.49 -19.83
CA THR D 17 12.31 -2.21 -19.38
C THR D 17 10.83 -2.33 -19.12
N PHE D 18 10.20 -3.27 -19.78
CA PHE D 18 8.84 -3.58 -19.47
C PHE D 18 8.64 -4.09 -18.08
N GLY D 19 9.67 -4.71 -17.51
CA GLY D 19 9.60 -5.20 -16.15
C GLY D 19 8.78 -6.47 -16.08
N ILE D 20 8.76 -7.26 -17.17
CA ILE D 20 8.10 -8.56 -17.17
C ILE D 20 8.97 -9.57 -16.40
N ASP D 21 8.35 -10.32 -15.51
CA ASP D 21 9.03 -11.31 -14.72
C ASP D 21 8.81 -12.74 -15.23
N VAL D 22 9.74 -13.20 -16.08
CA VAL D 22 9.80 -14.58 -16.53
C VAL D 22 11.21 -15.08 -16.22
N ARG D 23 11.44 -16.37 -16.31
CA ARG D 23 12.72 -16.91 -15.93
C ARG D 23 13.56 -17.35 -17.11
N ALA D 24 14.87 -17.17 -16.99
CA ALA D 24 15.83 -17.65 -17.97
C ALA D 24 16.41 -18.96 -17.51
N ARG D 25 16.52 -19.94 -18.41
CA ARG D 25 17.10 -21.24 -18.08
C ARG D 25 18.54 -21.03 -17.61
N LEU D 26 19.30 -20.27 -18.38
CA LEU D 26 20.63 -19.79 -17.99
C LEU D 26 20.76 -18.36 -18.37
N LEU D 27 21.45 -17.59 -17.54
CA LEU D 27 21.72 -16.19 -17.82
C LEU D 27 23.21 -15.96 -17.69
N ALA D 28 23.80 -15.47 -18.77
CA ALA D 28 25.23 -15.15 -18.78
C ALA D 28 25.47 -13.64 -19.00
N HIS D 29 26.46 -13.14 -18.29
CA HIS D 29 26.81 -11.74 -18.35
C HIS D 29 28.14 -11.68 -19.10
N ALA D 30 28.10 -11.44 -20.41
CA ALA D 30 29.33 -11.46 -21.19
C ALA D 30 30.05 -10.10 -21.13
N ARG D 31 31.32 -10.12 -20.79
CA ARG D 31 32.09 -8.89 -20.64
C ARG D 31 33.06 -8.70 -21.74
N ASP D 32 33.26 -9.72 -22.57
CA ASP D 32 34.20 -9.64 -23.69
C ASP D 32 33.93 -10.76 -24.71
N GLU D 33 34.70 -10.78 -25.78
CA GLU D 33 34.52 -11.73 -26.84
C GLU D 33 34.71 -13.17 -26.33
N ALA D 34 35.63 -13.38 -25.41
CA ALA D 34 35.89 -14.72 -24.92
C ALA D 34 34.66 -15.29 -24.15
N ASP D 35 34.00 -14.43 -23.39
CA ASP D 35 32.74 -14.75 -22.75
C ASP D 35 31.67 -15.14 -23.78
N VAL D 36 31.54 -14.33 -24.81
CA VAL D 36 30.52 -14.62 -25.82
C VAL D 36 30.72 -16.03 -26.38
N ARG D 37 31.96 -16.42 -26.67
CA ARG D 37 32.25 -17.72 -27.28
C ARG D 37 31.99 -18.90 -26.33
N GLU D 38 32.37 -18.75 -25.09
CA GLU D 38 32.00 -19.69 -24.02
C GLU D 38 30.49 -19.90 -23.94
N ALA D 39 29.73 -18.80 -23.91
CA ALA D 39 28.27 -18.87 -23.87
C ALA D 39 27.66 -19.55 -25.09
N LEU D 40 28.16 -19.24 -26.29
CA LEU D 40 27.72 -19.92 -27.53
C LEU D 40 27.97 -21.39 -27.44
N ALA D 41 29.16 -21.73 -26.96
CA ALA D 41 29.62 -23.10 -26.89
C ALA D 41 28.81 -23.90 -25.87
N LEU D 42 28.44 -23.23 -24.79
CA LEU D 42 27.68 -23.85 -23.74
C LEU D 42 26.24 -24.06 -24.16
N ALA D 43 25.65 -23.05 -24.79
CA ALA D 43 24.31 -23.22 -25.34
C ALA D 43 24.29 -24.42 -26.30
N ARG D 44 25.33 -24.57 -27.12
CA ARG D 44 25.51 -25.80 -27.90
C ARG D 44 25.61 -27.05 -27.05
N GLU D 45 26.48 -27.03 -26.04
CA GLU D 45 26.64 -28.21 -25.18
C GLU D 45 25.28 -28.63 -24.61
N ARG D 46 24.49 -27.68 -24.15
CA ARG D 46 23.23 -27.98 -23.44
C ARG D 46 22.07 -28.19 -24.38
N GLY D 47 22.28 -28.00 -25.67
CA GLY D 47 21.21 -28.08 -26.64
C GLY D 47 20.22 -26.93 -26.57
N LEU D 48 20.66 -25.75 -26.10
CA LEU D 48 19.74 -24.61 -25.91
C LEU D 48 19.90 -23.49 -26.94
N PRO D 49 18.78 -22.84 -27.32
CA PRO D 49 18.82 -21.59 -28.08
C PRO D 49 19.58 -20.55 -27.31
N LEU D 50 20.02 -19.52 -28.02
CA LEU D 50 20.67 -18.42 -27.39
C LEU D 50 19.86 -17.15 -27.71
N LEU D 51 19.55 -16.38 -26.66
CA LEU D 51 18.81 -15.14 -26.78
C LEU D 51 19.75 -14.06 -26.32
N VAL D 52 19.99 -13.08 -27.18
CA VAL D 52 20.91 -11.99 -26.88
C VAL D 52 20.16 -10.79 -26.40
N ILE D 53 20.63 -10.18 -25.32
CA ILE D 53 20.04 -8.96 -24.87
C ILE D 53 21.06 -7.93 -24.45
N GLY D 54 20.65 -6.68 -24.57
CA GLY D 54 21.50 -5.55 -24.17
C GLY D 54 20.88 -5.02 -22.92
N GLY D 55 20.12 -3.93 -23.04
CA GLY D 55 19.44 -3.33 -21.89
C GLY D 55 18.01 -3.78 -21.79
N GLY D 56 17.56 -4.58 -22.74
CA GLY D 56 16.19 -5.13 -22.69
C GLY D 56 15.14 -4.03 -22.78
N SER D 57 15.48 -2.98 -23.54
CA SER D 57 14.58 -1.85 -23.70
C SER D 57 13.76 -1.88 -25.01
N ASN D 58 13.92 -2.92 -25.83
CA ASN D 58 13.09 -3.08 -27.05
C ASN D 58 12.68 -4.55 -27.18
N LEU D 59 12.22 -5.09 -26.09
CA LEU D 59 12.12 -6.49 -25.93
C LEU D 59 10.84 -6.75 -25.16
N LEU D 60 10.03 -7.69 -25.64
CA LEU D 60 8.85 -8.11 -24.91
C LEU D 60 8.95 -9.61 -24.63
N LEU D 61 9.13 -9.95 -23.36
CA LEU D 61 9.17 -11.35 -22.97
C LEU D 61 7.81 -11.87 -22.61
N THR D 62 7.37 -12.96 -23.27
CA THR D 62 6.03 -13.48 -23.08
C THR D 62 5.94 -14.81 -22.36
N ARG D 63 7.07 -15.44 -22.08
CA ARG D 63 7.06 -16.73 -21.38
C ARG D 63 8.45 -17.03 -20.89
N ASP D 64 8.55 -18.04 -20.04
CA ASP D 64 9.85 -18.49 -19.55
C ASP D 64 10.78 -18.77 -20.74
N VAL D 65 12.01 -18.32 -20.61
CA VAL D 65 12.96 -18.40 -21.70
C VAL D 65 13.78 -19.68 -21.55
N GLU D 66 13.48 -20.66 -22.40
CA GLU D 66 14.20 -21.91 -22.41
C GLU D 66 15.36 -21.73 -23.38
N ALA D 67 16.37 -21.03 -22.89
CA ALA D 67 17.48 -20.58 -23.71
C ALA D 67 18.55 -20.10 -22.77
N LEU D 68 19.75 -19.96 -23.30
CA LEU D 68 20.79 -19.24 -22.62
C LEU D 68 20.55 -17.79 -23.02
N VAL D 69 20.35 -16.92 -22.05
CA VAL D 69 20.20 -15.52 -22.30
C VAL D 69 21.56 -14.90 -22.06
N LEU D 70 22.03 -14.18 -23.06
CA LEU D 70 23.37 -13.65 -23.10
C LEU D 70 23.28 -12.14 -23.06
N ARG D 71 23.59 -11.60 -21.88
CA ARG D 71 23.56 -10.19 -21.66
C ARG D 71 24.92 -9.59 -22.02
N MET D 72 24.91 -8.62 -22.92
CA MET D 72 26.15 -8.06 -23.43
C MET D 72 26.57 -6.97 -22.48
N ALA D 73 27.58 -7.25 -21.69
CA ALA D 73 28.04 -6.27 -20.72
C ALA D 73 29.48 -5.85 -21.03
N SER D 74 29.92 -6.02 -22.27
CA SER D 74 31.21 -5.49 -22.66
C SER D 74 31.27 -3.95 -22.51
N GLN D 75 32.44 -3.43 -22.24
CA GLN D 75 32.64 -2.04 -21.89
C GLN D 75 33.85 -1.60 -22.71
N GLY D 76 33.92 -0.33 -23.09
CA GLY D 76 35.03 0.16 -23.88
C GLY D 76 34.55 1.24 -24.81
N ARG D 77 35.16 2.42 -24.69
CA ARG D 77 34.88 3.58 -25.55
C ARG D 77 36.20 4.21 -25.98
N ARG D 78 36.43 4.38 -27.26
CA ARG D 78 37.66 5.10 -27.66
C ARG D 78 37.54 5.86 -28.97
N ILE D 79 38.49 6.75 -29.17
CA ILE D 79 38.60 7.44 -30.42
C ILE D 79 39.54 6.58 -31.26
N VAL D 80 39.08 6.07 -32.39
CA VAL D 80 39.90 5.27 -33.26
C VAL D 80 40.89 6.13 -34.06
N SER D 81 40.43 7.30 -34.49
CA SER D 81 41.06 8.09 -35.56
C SER D 81 40.42 9.49 -35.56
N ASP D 82 41.23 10.52 -35.73
CA ASP D 82 40.84 11.91 -35.52
C ASP D 82 41.62 12.70 -36.52
N ALA D 83 41.05 12.91 -37.69
CA ALA D 83 41.78 13.47 -38.84
C ALA D 83 40.96 14.49 -39.63
N ALA D 84 41.43 15.74 -39.62
CA ALA D 84 40.81 16.84 -40.36
C ALA D 84 39.32 17.03 -40.03
N ASP D 85 39.02 17.19 -38.74
CA ASP D 85 37.65 17.42 -38.27
C ASP D 85 36.75 16.18 -38.32
N SER D 86 37.18 15.10 -38.94
CA SER D 86 36.37 13.87 -38.99
C SER D 86 36.91 12.91 -37.95
N VAL D 87 36.03 12.40 -37.10
CA VAL D 87 36.49 11.63 -35.97
C VAL D 87 35.72 10.36 -35.91
N LEU D 88 36.46 9.26 -35.84
CA LEU D 88 35.88 7.95 -35.89
C LEU D 88 36.00 7.38 -34.48
N VAL D 89 34.88 6.92 -33.94
CA VAL D 89 34.81 6.39 -32.59
C VAL D 89 34.28 4.98 -32.52
N GLU D 90 34.68 4.30 -31.45
CA GLU D 90 34.34 2.91 -31.26
C GLU D 90 33.82 2.67 -29.86
N ALA D 91 32.77 1.88 -29.78
CA ALA D 91 32.24 1.47 -28.52
C ALA D 91 31.92 -0.02 -28.57
N GLU D 92 32.20 -0.68 -27.45
CA GLU D 92 31.90 -2.08 -27.25
C GLU D 92 30.42 -2.21 -27.07
N ALA D 93 29.89 -3.33 -27.55
CA ALA D 93 28.45 -3.59 -27.60
C ALA D 93 27.76 -3.33 -26.29
N GLY D 94 28.42 -3.62 -25.17
CA GLY D 94 27.72 -3.47 -23.90
C GLY D 94 27.59 -2.06 -23.32
N GLU D 95 28.23 -1.08 -23.94
CA GLU D 95 28.14 0.31 -23.46
C GLU D 95 26.74 0.89 -23.57
N ALA D 96 26.36 1.58 -22.54
CA ALA D 96 25.07 2.24 -22.43
C ALA D 96 25.03 3.37 -23.42
N TRP D 97 23.98 3.40 -24.20
CA TRP D 97 23.94 4.31 -25.29
C TRP D 97 23.99 5.76 -24.82
N ASP D 98 23.19 6.15 -23.86
CA ASP D 98 23.16 7.57 -23.61
C ASP D 98 24.44 8.09 -23.01
N PRO D 99 25.06 7.37 -22.06
CA PRO D 99 26.37 7.86 -21.58
C PRO D 99 27.42 7.93 -22.68
N PHE D 100 27.31 7.06 -23.69
CA PHE D 100 28.18 7.11 -24.83
C PHE D 100 27.93 8.37 -25.59
N VAL D 101 26.68 8.75 -25.73
CA VAL D 101 26.36 10.00 -26.41
C VAL D 101 26.95 11.22 -25.62
N GLN D 102 26.75 11.29 -24.32
CA GLN D 102 27.29 12.39 -23.55
C GLN D 102 28.81 12.40 -23.68
N TRP D 103 29.40 11.21 -23.65
CA TRP D 103 30.83 11.06 -23.81
C TRP D 103 31.30 11.72 -25.11
N SER D 104 30.61 11.42 -26.21
CA SER D 104 30.98 11.98 -27.48
C SER D 104 30.86 13.51 -27.47
N LEU D 105 29.79 14.02 -26.89
CA LEU D 105 29.52 15.44 -26.96
C LEU D 105 30.53 16.16 -26.12
N GLU D 106 30.93 15.55 -25.02
CA GLU D 106 31.85 16.23 -24.09
C GLU D 106 33.22 16.36 -24.74
N ARG D 107 33.50 15.48 -25.69
CA ARG D 107 34.70 15.60 -26.53
C ARG D 107 34.59 16.54 -27.75
N GLY D 108 33.48 17.25 -27.88
CA GLY D 108 33.28 18.17 -28.98
C GLY D 108 32.90 17.46 -30.25
N LEU D 109 32.35 16.26 -30.18
CA LEU D 109 31.91 15.59 -31.42
C LEU D 109 30.43 15.83 -31.65
N ALA D 110 30.06 16.07 -32.90
CA ALA D 110 28.66 16.25 -33.20
C ALA D 110 28.24 15.12 -34.14
N GLY D 111 26.98 14.70 -34.00
CA GLY D 111 26.42 13.59 -34.73
C GLY D 111 25.30 12.85 -33.98
N LEU D 112 25.44 12.74 -32.67
CA LEU D 112 24.55 11.90 -31.94
C LEU D 112 23.53 12.66 -31.09
N GLU D 113 23.63 13.98 -31.00
CA GLU D 113 22.83 14.78 -30.09
C GLU D 113 21.31 14.48 -30.16
N ASN D 114 20.81 14.24 -31.36
CA ASN D 114 19.43 13.96 -31.54
C ASN D 114 19.03 12.63 -30.93
N LEU D 115 20.02 11.74 -30.74
CA LEU D 115 19.78 10.46 -30.19
C LEU D 115 20.04 10.45 -28.71
N SER D 116 20.08 11.60 -28.05
CA SER D 116 20.25 11.63 -26.63
C SER D 116 19.14 10.91 -25.90
N LEU D 117 19.52 10.28 -24.80
CA LEU D 117 18.59 9.69 -23.82
C LEU D 117 17.83 8.44 -24.26
N ILE D 118 18.08 7.92 -25.46
CA ILE D 118 17.48 6.66 -25.90
C ILE D 118 18.11 5.59 -25.05
N PRO D 119 17.30 4.72 -24.44
CA PRO D 119 17.82 3.63 -23.61
C PRO D 119 18.53 2.55 -24.39
N GLY D 120 19.22 1.67 -23.70
CA GLY D 120 19.81 0.52 -24.31
C GLY D 120 21.29 0.70 -24.52
N THR D 121 21.82 -0.16 -25.34
CA THR D 121 23.22 -0.30 -25.55
C THR D 121 23.61 -0.04 -26.98
N VAL D 122 24.93 0.14 -27.14
CA VAL D 122 25.53 0.41 -28.40
C VAL D 122 25.34 -0.80 -29.32
N GLY D 123 25.52 -1.98 -28.77
CA GLY D 123 25.40 -3.19 -29.52
C GLY D 123 24.05 -3.39 -30.18
N ALA D 124 22.98 -2.98 -29.50
CA ALA D 124 21.61 -3.11 -30.04
C ALA D 124 21.24 -1.97 -31.02
N ALA D 125 21.95 -0.86 -30.94
CA ALA D 125 21.60 0.33 -31.74
C ALA D 125 21.44 0.09 -33.25
N PRO D 126 22.31 -0.73 -33.86
CA PRO D 126 22.19 -1.02 -35.26
C PRO D 126 21.02 -1.94 -35.59
N MET D 127 20.54 -2.68 -34.62
CA MET D 127 19.49 -3.69 -34.91
C MET D 127 18.27 -3.04 -35.50
N GLN D 128 17.78 -1.97 -34.88
CA GLN D 128 16.68 -1.26 -35.49
C GLN D 128 17.04 0.10 -36.02
N ASN D 129 18.33 0.33 -36.26
CA ASN D 129 18.79 1.58 -36.81
C ASN D 129 18.22 2.72 -36.02
N ILE D 130 18.61 2.79 -34.74
CA ILE D 130 17.87 3.62 -33.85
C ILE D 130 17.75 5.03 -34.42
N GLY D 131 16.59 5.65 -34.15
CA GLY D 131 16.35 7.02 -34.62
C GLY D 131 15.38 7.80 -33.78
N ALA D 132 15.57 9.10 -33.77
CA ALA D 132 14.73 10.05 -33.05
C ALA D 132 15.05 11.45 -33.56
N TYR D 133 14.04 12.30 -33.61
CA TYR D 133 14.23 13.69 -33.98
C TYR D 133 14.93 13.87 -35.32
N GLY D 134 14.58 13.01 -36.28
CA GLY D 134 15.08 13.13 -37.67
C GLY D 134 16.50 12.62 -37.92
N VAL D 135 17.10 11.97 -36.94
CA VAL D 135 18.40 11.38 -37.10
C VAL D 135 18.30 9.87 -36.89
N GLU D 136 19.10 9.15 -37.63
CA GLU D 136 19.20 7.72 -37.50
C GLU D 136 20.65 7.33 -37.38
N LEU D 137 20.91 6.21 -36.71
CA LEU D 137 22.27 5.69 -36.62
C LEU D 137 22.95 5.60 -37.97
N LYS D 138 22.22 5.24 -39.03
CA LYS D 138 22.88 5.08 -40.31
C LYS D 138 23.56 6.34 -40.78
N ASP D 139 23.08 7.51 -40.31
CA ASP D 139 23.62 8.81 -40.79
C ASP D 139 25.04 9.02 -40.34
N VAL D 140 25.45 8.33 -39.30
CA VAL D 140 26.80 8.51 -38.78
C VAL D 140 27.51 7.15 -38.72
N PHE D 141 26.99 6.14 -39.39
CA PHE D 141 27.51 4.82 -39.11
C PHE D 141 28.67 4.50 -40.02
N ASP D 142 29.78 4.02 -39.46
CA ASP D 142 30.92 3.66 -40.27
C ASP D 142 30.95 2.17 -40.50
N SER D 143 31.05 1.43 -39.41
CA SER D 143 31.10 -0.02 -39.47
C SER D 143 30.87 -0.67 -38.13
N LEU D 144 30.71 -1.98 -38.16
CA LEU D 144 30.72 -2.76 -36.95
C LEU D 144 31.40 -4.09 -37.17
N THR D 145 31.73 -4.73 -36.05
CA THR D 145 32.27 -6.07 -36.02
C THR D 145 31.26 -6.99 -35.39
N ALA D 146 30.93 -8.06 -36.12
CA ALA D 146 29.95 -9.01 -35.66
C ALA D 146 30.51 -10.42 -35.72
N LEU D 147 30.09 -11.24 -34.75
CA LEU D 147 30.44 -12.63 -34.69
C LEU D 147 29.39 -13.41 -35.44
N ASP D 148 29.85 -14.21 -36.39
CA ASP D 148 29.00 -15.07 -37.19
C ASP D 148 28.67 -16.31 -36.38
N ARG D 149 27.43 -16.46 -35.94
CA ARG D 149 27.07 -17.59 -35.06
C ARG D 149 27.01 -18.91 -35.78
N GLN D 150 27.08 -18.88 -37.11
CA GLN D 150 27.18 -20.11 -37.90
C GLN D 150 28.59 -20.69 -37.86
N ASP D 151 29.60 -19.84 -37.94
CA ASP D 151 31.00 -20.26 -38.08
C ASP D 151 31.84 -20.00 -36.83
N GLY D 152 31.35 -19.11 -35.97
CA GLY D 152 32.20 -18.56 -34.93
C GLY D 152 33.24 -17.56 -35.45
N THR D 153 33.10 -17.09 -36.69
CA THR D 153 34.08 -16.16 -37.27
C THR D 153 33.61 -14.73 -37.18
N LEU D 154 34.54 -13.79 -37.26
CA LEU D 154 34.24 -12.38 -37.25
C LEU D 154 34.08 -11.79 -38.64
N ARG D 155 33.13 -10.88 -38.77
CA ARG D 155 32.93 -10.17 -40.02
C ARG D 155 32.78 -8.70 -39.70
N GLU D 156 33.26 -7.87 -40.60
CA GLU D 156 33.10 -6.45 -40.48
C GLU D 156 32.00 -6.05 -41.40
N PHE D 157 31.14 -5.18 -40.90
CA PHE D 157 30.05 -4.68 -41.69
C PHE D 157 30.23 -3.19 -41.90
N ASP D 158 30.35 -2.77 -43.15
CA ASP D 158 30.32 -1.34 -43.45
C ASP D 158 28.85 -0.90 -43.59
N ARG D 159 28.65 0.39 -43.81
CA ARG D 159 27.31 0.95 -43.84
C ARG D 159 26.38 0.27 -44.82
N GLN D 160 26.69 0.24 -46.10
CA GLN D 160 25.83 -0.44 -47.05
C GLN D 160 25.54 -1.90 -46.64
N ALA D 161 26.53 -2.63 -46.14
CA ALA D 161 26.36 -4.05 -45.84
C ALA D 161 25.23 -4.28 -44.81
N CYS D 162 25.10 -3.37 -43.86
CA CYS D 162 24.04 -3.47 -42.86
C CYS D 162 22.60 -3.29 -43.38
N ARG D 163 22.44 -2.76 -44.59
CA ARG D 163 21.10 -2.58 -45.20
C ARG D 163 20.16 -1.85 -44.27
N PHE D 164 20.58 -0.68 -43.82
CA PHE D 164 19.74 0.06 -42.91
C PHE D 164 18.50 0.57 -43.63
N GLY D 165 17.39 0.54 -42.91
CA GLY D 165 16.12 1.10 -43.35
C GLY D 165 15.43 1.74 -42.17
N TYR D 166 14.18 2.14 -42.38
CA TYR D 166 13.38 2.68 -41.29
C TYR D 166 13.07 1.55 -40.28
N ARG D 167 13.63 1.65 -39.06
CA ARG D 167 13.53 0.64 -37.98
C ARG D 167 13.95 -0.76 -38.45
N ASP D 168 15.02 -0.82 -39.23
CA ASP D 168 15.38 -2.05 -39.91
C ASP D 168 16.87 -2.11 -40.27
N SER D 169 17.35 -3.35 -40.39
CA SER D 169 18.73 -3.66 -40.68
C SER D 169 18.76 -5.10 -41.13
N LEU D 170 19.90 -5.49 -41.70
CA LEU D 170 20.21 -6.88 -42.00
C LEU D 170 20.03 -7.79 -40.79
N PHE D 171 20.39 -7.29 -39.61
CA PHE D 171 20.41 -8.12 -38.38
C PHE D 171 19.00 -8.40 -37.85
N LYS D 172 18.08 -7.48 -38.12
CA LYS D 172 16.65 -7.70 -37.89
C LYS D 172 16.05 -8.66 -38.97
N GLN D 173 16.55 -8.61 -40.21
CA GLN D 173 16.04 -9.46 -41.29
C GLN D 173 16.54 -10.90 -41.22
N GLU D 174 17.77 -11.07 -40.74
CA GLU D 174 18.41 -12.37 -40.59
C GLU D 174 18.67 -12.53 -39.13
N PRO D 175 17.61 -12.68 -38.35
CA PRO D 175 17.82 -12.69 -36.93
C PRO D 175 18.59 -13.93 -36.46
N ASP D 176 19.21 -13.81 -35.28
CA ASP D 176 19.83 -14.94 -34.58
C ASP D 176 21.12 -15.46 -35.25
N ARG D 177 21.70 -14.65 -36.12
CA ARG D 177 22.87 -15.03 -36.86
C ARG D 177 24.08 -14.23 -36.41
N TRP D 178 23.91 -12.92 -36.23
CA TRP D 178 25.04 -12.06 -35.95
C TRP D 178 24.94 -11.56 -34.57
N LEU D 179 26.09 -11.48 -33.95
CA LEU D 179 26.20 -11.01 -32.59
C LEU D 179 27.17 -9.87 -32.68
N ILE D 180 26.70 -8.68 -32.37
CA ILE D 180 27.46 -7.47 -32.55
C ILE D 180 28.33 -7.26 -31.33
N LEU D 181 29.63 -7.16 -31.58
CA LEU D 181 30.61 -7.01 -30.54
C LEU D 181 31.00 -5.56 -30.33
N ARG D 182 31.12 -4.80 -31.43
CA ARG D 182 31.42 -3.35 -31.31
C ARG D 182 30.98 -2.57 -32.55
N VAL D 183 30.91 -1.27 -32.37
CA VAL D 183 30.29 -0.36 -33.32
C VAL D 183 31.17 0.88 -33.46
N ARG D 184 31.40 1.25 -34.71
CA ARG D 184 32.20 2.39 -35.05
C ARG D 184 31.32 3.40 -35.75
N LEU D 185 31.39 4.63 -35.26
CA LEU D 185 30.62 5.74 -35.79
C LEU D 185 31.55 6.86 -36.20
N ARG D 186 31.22 7.55 -37.27
CA ARG D 186 32.00 8.68 -37.73
C ARG D 186 31.31 9.97 -37.34
N LEU D 187 31.95 10.75 -36.48
CA LEU D 187 31.40 12.01 -35.99
C LEU D 187 32.30 13.15 -36.45
N THR D 188 31.93 14.37 -36.12
CA THR D 188 32.65 15.54 -36.57
C THR D 188 33.01 16.49 -35.49
N ARG D 189 34.05 17.31 -35.71
CA ARG D 189 34.38 18.38 -34.80
C ARG D 189 33.78 19.71 -35.28
N ARG D 190 33.28 19.76 -36.49
CA ARG D 190 32.65 20.98 -36.95
C ARG D 190 31.21 20.98 -36.52
N GLU D 191 30.62 22.15 -36.54
CA GLU D 191 29.27 22.36 -36.07
C GLU D 191 28.25 21.69 -37.03
N ARG D 192 27.35 20.88 -36.52
CA ARG D 192 26.27 20.27 -37.31
C ARG D 192 25.01 20.33 -36.48
N LEU D 193 23.93 20.76 -37.09
CA LEU D 193 22.65 20.81 -36.41
C LEU D 193 21.59 20.24 -37.33
N HIS D 194 20.81 19.29 -36.81
CA HIS D 194 19.69 18.75 -37.54
C HIS D 194 18.46 19.14 -36.72
N LEU D 195 17.87 20.29 -37.04
CA LEU D 195 16.77 20.82 -36.22
C LEU D 195 15.44 20.63 -36.89
N ASP D 196 15.27 19.45 -37.51
CA ASP D 196 14.12 19.16 -38.37
C ASP D 196 12.80 19.20 -37.66
N TYR D 197 12.75 18.70 -36.43
CA TYR D 197 11.46 18.57 -35.73
C TYR D 197 11.20 19.86 -35.01
N GLY D 198 10.04 20.46 -35.28
CA GLY D 198 9.66 21.78 -34.77
C GLY D 198 9.81 22.00 -33.28
N PRO D 199 9.36 21.05 -32.46
CA PRO D 199 9.48 21.25 -30.99
C PRO D 199 10.91 21.48 -30.50
N VAL D 200 11.90 20.90 -31.18
CA VAL D 200 13.29 21.11 -30.86
C VAL D 200 13.66 22.55 -31.20
N ARG D 201 13.47 22.90 -32.45
CA ARG D 201 13.65 24.25 -32.92
C ARG D 201 12.94 25.28 -32.02
N GLN D 202 11.70 24.98 -31.67
CA GLN D 202 10.84 25.93 -30.94
C GLN D 202 11.37 26.13 -29.54
N ARG D 203 11.70 25.05 -28.86
CA ARG D 203 12.23 25.19 -27.53
C ARG D 203 13.54 25.96 -27.50
N LEU D 204 14.33 25.77 -28.53
CA LEU D 204 15.63 26.42 -28.61
C LEU D 204 15.46 27.93 -28.73
N GLU D 205 14.42 28.33 -29.47
CA GLU D 205 14.09 29.74 -29.60
C GLU D 205 13.50 30.33 -28.33
N GLU D 206 12.71 29.55 -27.61
CA GLU D 206 12.10 30.02 -26.38
C GLU D 206 13.12 30.24 -25.30
N GLU D 207 14.18 29.45 -25.32
CA GLU D 207 15.24 29.60 -24.36
C GLU D 207 16.28 30.57 -24.89
N GLY D 208 16.00 31.15 -26.06
CA GLY D 208 16.80 32.24 -26.63
C GLY D 208 18.18 31.87 -27.12
N ILE D 209 18.35 30.68 -27.69
CA ILE D 209 19.64 30.25 -28.24
C ILE D 209 19.57 30.29 -29.76
N ALA D 210 20.02 31.42 -30.30
CA ALA D 210 19.94 31.71 -31.73
C ALA D 210 21.02 30.96 -32.49
N SER D 211 22.17 30.74 -31.83
CA SER D 211 23.27 29.99 -32.40
C SER D 211 23.61 28.76 -31.55
N PRO D 212 22.80 27.72 -31.65
CA PRO D 212 23.00 26.59 -30.76
C PRO D 212 24.11 25.66 -31.19
N THR D 213 24.66 24.95 -30.22
CA THR D 213 25.66 23.93 -30.44
C THR D 213 25.01 22.59 -30.31
N ALA D 214 25.73 21.55 -30.70
CA ALA D 214 25.17 20.21 -30.63
C ALA D 214 24.84 19.84 -29.18
N ARG D 215 25.60 20.36 -28.22
CA ARG D 215 25.28 20.15 -26.81
C ARG D 215 23.94 20.76 -26.41
N ASP D 216 23.67 21.98 -26.84
CA ASP D 216 22.39 22.66 -26.54
C ASP D 216 21.23 21.85 -27.07
N VAL D 217 21.38 21.34 -28.29
CA VAL D 217 20.37 20.47 -28.86
C VAL D 217 20.18 19.26 -27.99
N SER D 218 21.26 18.59 -27.62
CA SER D 218 21.17 17.40 -26.75
C SER D 218 20.42 17.69 -25.45
N ARG D 219 20.71 18.81 -24.80
CA ARG D 219 20.03 19.14 -23.57
C ARG D 219 18.55 19.35 -23.83
N VAL D 220 18.23 20.05 -24.91
CA VAL D 220 16.85 20.34 -25.24
C VAL D 220 16.10 19.03 -25.52
N ILE D 221 16.79 18.13 -26.21
CA ILE D 221 16.20 16.85 -26.52
C ILE D 221 15.99 16.05 -25.25
N CYS D 222 16.95 16.08 -24.36
CA CYS D 222 16.80 15.38 -23.10
C CYS D 222 15.62 15.93 -22.34
N ALA D 223 15.48 17.26 -22.29
CA ALA D 223 14.38 17.87 -21.55
C ALA D 223 13.01 17.47 -22.13
N ILE D 224 12.85 17.54 -23.45
CA ILE D 224 11.59 17.19 -24.06
C ILE D 224 11.28 15.72 -23.77
N ARG D 225 12.26 14.85 -23.97
CA ARG D 225 12.08 13.43 -23.73
C ARG D 225 11.72 13.15 -22.28
N ARG D 226 12.35 13.84 -21.35
CA ARG D 226 11.99 13.66 -19.93
C ARG D 226 10.57 14.08 -19.64
N GLU D 227 10.15 15.21 -20.20
CA GLU D 227 8.80 15.68 -20.03
C GLU D 227 7.79 14.70 -20.57
N LYS D 228 8.02 14.09 -21.73
CA LYS D 228 6.88 13.45 -22.35
C LYS D 228 6.87 11.92 -22.36
N LEU D 229 8.04 11.28 -22.30
CA LEU D 229 8.09 9.84 -22.27
C LEU D 229 8.03 9.28 -20.87
N PRO D 230 7.24 8.23 -20.69
CA PRO D 230 7.16 7.55 -19.39
C PRO D 230 8.50 6.92 -19.09
N ASP D 231 9.04 7.18 -17.91
CA ASP D 231 10.25 6.49 -17.48
C ASP D 231 9.87 5.06 -17.13
N PRO D 232 10.58 4.06 -17.70
CA PRO D 232 10.36 2.63 -17.34
C PRO D 232 10.36 2.35 -15.85
N ALA D 233 11.17 3.07 -15.09
CA ALA D 233 11.16 2.96 -13.59
C ALA D 233 9.75 3.20 -12.97
N VAL D 234 8.99 4.14 -13.49
CA VAL D 234 7.64 4.38 -12.99
C VAL D 234 6.60 3.43 -13.57
N LEU D 235 6.76 3.18 -14.86
CA LEU D 235 5.75 2.56 -15.70
C LEU D 235 6.48 1.76 -16.78
N GLY D 236 6.59 0.45 -16.60
CA GLY D 236 7.32 -0.40 -17.53
C GLY D 236 6.84 -0.26 -18.96
N ASN D 237 7.78 -0.08 -19.88
CA ASN D 237 7.48 0.06 -21.29
C ASN D 237 8.72 -0.20 -22.09
N ALA D 238 8.49 -0.37 -23.39
CA ALA D 238 9.59 -0.52 -24.35
C ALA D 238 9.51 0.62 -25.37
N GLY D 239 9.19 1.83 -24.91
CA GLY D 239 8.94 2.96 -25.80
C GLY D 239 7.82 2.73 -26.81
N SER D 240 8.01 3.20 -28.04
CA SER D 240 7.03 3.01 -29.09
C SER D 240 6.86 1.55 -29.39
N PHE D 241 5.63 1.04 -29.29
CA PHE D 241 5.40 -0.38 -29.45
C PHE D 241 5.24 -0.73 -30.89
N PHE D 242 4.93 0.22 -31.73
CA PHE D 242 4.66 -0.08 -33.15
C PHE D 242 5.49 0.82 -34.06
N LYS D 243 5.85 0.31 -35.22
CA LYS D 243 6.42 1.14 -36.29
C LYS D 243 5.37 1.96 -37.00
N ASN D 244 5.74 3.17 -37.41
CA ASN D 244 4.92 4.01 -38.26
C ASN D 244 4.83 3.38 -39.62
N PRO D 245 3.62 3.09 -40.09
CA PRO D 245 3.50 2.42 -41.37
C PRO D 245 3.70 3.38 -42.54
N LEU D 246 4.24 2.82 -43.63
CA LEU D 246 4.35 3.52 -44.90
C LEU D 246 3.33 2.99 -45.90
N VAL D 247 2.62 3.91 -46.53
CA VAL D 247 1.66 3.52 -47.56
C VAL D 247 1.93 4.30 -48.83
N ASP D 248 1.42 3.77 -49.93
CA ASP D 248 1.54 4.39 -51.25
C ASP D 248 0.57 5.55 -51.40
N ALA D 249 0.85 6.42 -52.38
CA ALA D 249 -0.04 7.56 -52.66
C ALA D 249 -1.47 7.13 -53.03
N THR D 250 -1.64 5.96 -53.64
CA THR D 250 -2.97 5.38 -53.89
C THR D 250 -3.77 5.29 -52.61
N GLN D 251 -3.21 4.56 -51.65
CA GLN D 251 -3.88 4.30 -50.42
C GLN D 251 -3.92 5.61 -49.64
N ALA D 252 -2.88 6.43 -49.80
CA ALA D 252 -2.79 7.71 -49.09
C ALA D 252 -3.89 8.69 -49.51
N GLU D 253 -4.21 8.68 -50.81
CA GLU D 253 -5.33 9.49 -51.30
C GLU D 253 -6.64 8.96 -50.78
N ARG D 254 -6.82 7.65 -50.88
CA ARG D 254 -8.06 7.05 -50.43
C ARG D 254 -8.24 7.24 -48.93
N LEU D 255 -7.17 7.12 -48.16
CA LEU D 255 -7.24 7.36 -46.72
C LEU D 255 -7.61 8.80 -46.38
N ARG D 256 -7.04 9.74 -47.13
CA ARG D 256 -7.24 11.17 -46.84
C ARG D 256 -8.68 11.62 -47.09
N GLN D 257 -9.33 11.04 -48.09
CA GLN D 257 -10.73 11.35 -48.36
C GLN D 257 -11.60 10.89 -47.22
N ALA D 258 -11.36 9.67 -46.77
CA ALA D 258 -12.06 9.11 -45.63
C ALA D 258 -11.67 9.84 -44.33
N PHE D 259 -10.42 10.30 -44.25
CA PHE D 259 -9.89 10.95 -43.04
C PHE D 259 -9.05 12.19 -43.33
N PRO D 260 -9.69 13.37 -43.44
CA PRO D 260 -8.94 14.56 -43.84
C PRO D 260 -7.90 14.98 -42.81
N ASP D 261 -8.20 14.78 -41.54
CA ASP D 261 -7.31 15.10 -40.43
C ASP D 261 -6.07 14.16 -40.29
N LEU D 262 -5.96 13.17 -41.17
CA LEU D 262 -4.85 12.20 -41.20
C LEU D 262 -3.44 12.78 -41.08
N VAL D 263 -2.65 12.28 -40.14
CA VAL D 263 -1.28 12.73 -39.99
C VAL D 263 -0.33 11.81 -40.72
N GLY D 264 0.38 12.38 -41.68
CA GLY D 264 1.33 11.65 -42.49
C GLY D 264 2.44 12.54 -43.04
N TYR D 265 3.58 11.93 -43.29
CA TYR D 265 4.74 12.64 -43.80
C TYR D 265 5.15 12.01 -45.10
N PRO D 266 5.04 12.77 -46.22
CA PRO D 266 5.35 12.11 -47.49
C PRO D 266 6.83 12.04 -47.65
N GLN D 267 7.24 10.96 -48.25
CA GLN D 267 8.62 10.60 -48.29
C GLN D 267 9.18 11.10 -49.61
N ALA D 268 10.49 11.28 -49.63
CA ALA D 268 11.18 11.54 -50.87
C ALA D 268 10.71 10.57 -51.99
N ASP D 269 10.56 9.29 -51.67
CA ASP D 269 10.00 8.34 -52.66
C ASP D 269 8.58 8.69 -53.03
N GLY D 270 7.91 9.51 -52.22
CA GLY D 270 6.54 9.93 -52.48
C GLY D 270 5.47 9.13 -51.73
N ARG D 271 5.83 7.97 -51.19
CA ARG D 271 4.95 7.23 -50.26
C ARG D 271 4.75 8.03 -48.99
N LEU D 272 3.73 7.65 -48.21
CA LEU D 272 3.38 8.38 -47.00
C LEU D 272 3.62 7.60 -45.70
N LYS D 273 4.34 8.25 -44.79
CA LYS D 273 4.55 7.75 -43.43
C LYS D 273 3.46 8.28 -42.50
N LEU D 274 2.62 7.39 -42.00
CA LEU D 274 1.53 7.79 -41.11
C LEU D 274 2.04 7.84 -39.70
N ALA D 275 1.53 8.77 -38.92
CA ALA D 275 1.79 8.73 -37.49
C ALA D 275 0.93 7.61 -36.89
N ALA D 276 1.57 6.52 -36.48
CA ALA D 276 0.90 5.41 -35.85
C ALA D 276 0.09 5.91 -34.69
N GLY D 277 0.67 6.84 -33.93
CA GLY D 277 0.03 7.41 -32.75
C GLY D 277 -1.30 8.08 -33.05
N TRP D 278 -1.40 8.71 -34.21
CA TRP D 278 -2.66 9.32 -34.60
C TRP D 278 -3.70 8.24 -34.88
N LEU D 279 -3.33 7.22 -35.62
CA LEU D 279 -4.29 6.16 -35.94
C LEU D 279 -4.83 5.52 -34.66
N ILE D 280 -3.92 5.32 -33.69
CA ILE D 280 -4.26 4.62 -32.46
C ILE D 280 -5.18 5.51 -31.59
N ASP D 281 -4.82 6.77 -31.45
CA ASP D 281 -5.65 7.77 -30.80
C ASP D 281 -7.05 7.76 -31.37
N LYS D 282 -7.18 7.73 -32.70
CA LYS D 282 -8.50 7.72 -33.35
C LYS D 282 -9.28 6.46 -33.05
N GLY D 283 -8.59 5.38 -32.71
CA GLY D 283 -9.26 4.22 -32.17
C GLY D 283 -9.75 4.37 -30.73
N GLY D 284 -9.36 5.46 -30.06
CA GLY D 284 -9.76 5.71 -28.68
C GLY D 284 -8.90 5.01 -27.64
N TRP D 285 -7.71 4.54 -28.03
CA TRP D 285 -6.91 3.69 -27.14
C TRP D 285 -6.11 4.44 -26.10
N LYS D 286 -6.03 5.73 -26.26
CA LYS D 286 -5.16 6.53 -25.45
C LYS D 286 -5.68 6.57 -23.99
N GLY D 287 -4.77 6.24 -23.06
CA GLY D 287 -5.06 6.15 -21.66
C GLY D 287 -5.82 4.88 -21.28
N PHE D 288 -6.12 4.02 -22.24
CA PHE D 288 -6.84 2.81 -21.95
C PHE D 288 -6.06 1.94 -20.92
N ARG D 289 -6.79 1.20 -20.12
CA ARG D 289 -6.16 0.36 -19.16
C ARG D 289 -7.02 -0.86 -18.99
N ASP D 290 -6.39 -2.01 -19.08
CA ASP D 290 -7.01 -3.28 -18.69
C ASP D 290 -6.07 -4.04 -17.72
N GLY D 291 -6.38 -3.88 -16.43
CA GLY D 291 -5.66 -4.51 -15.35
C GLY D 291 -4.26 -3.97 -15.39
N PRO D 292 -3.28 -4.85 -15.50
CA PRO D 292 -1.91 -4.39 -15.37
C PRO D 292 -1.29 -3.79 -16.64
N VAL D 293 -2.01 -3.85 -17.78
CA VAL D 293 -1.49 -3.23 -19.01
C VAL D 293 -2.33 -2.09 -19.52
N GLY D 294 -1.75 -1.26 -20.36
CA GLY D 294 -2.46 -0.13 -20.88
C GLY D 294 -1.72 0.62 -21.93
N VAL D 295 -2.37 1.67 -22.42
CA VAL D 295 -1.79 2.60 -23.39
C VAL D 295 -1.57 3.91 -22.68
N HIS D 296 -0.40 4.49 -22.79
CA HIS D 296 -0.12 5.74 -22.12
C HIS D 296 -1.15 6.84 -22.55
N ALA D 297 -1.43 7.79 -21.67
CA ALA D 297 -2.51 8.77 -21.89
C ALA D 297 -2.17 9.91 -22.86
N GLN D 298 -0.89 10.16 -23.11
CA GLN D 298 -0.45 11.16 -24.07
C GLN D 298 0.35 10.53 -25.20
N GLN D 299 1.10 9.49 -24.93
CA GLN D 299 1.88 8.79 -25.96
C GLN D 299 1.14 7.51 -26.43
N ALA D 300 0.31 7.67 -27.42
CA ALA D 300 -0.50 6.58 -27.89
C ALA D 300 0.28 5.33 -28.32
N LEU D 301 1.52 5.50 -28.75
CA LEU D 301 2.35 4.38 -29.20
C LEU D 301 2.88 3.53 -28.07
N VAL D 302 2.91 4.10 -26.88
CA VAL D 302 3.53 3.43 -25.74
C VAL D 302 2.55 2.54 -24.95
N LEU D 303 2.71 1.22 -25.11
CA LEU D 303 2.05 0.26 -24.25
C LEU D 303 2.78 0.25 -22.94
N VAL D 304 2.04 0.19 -21.82
CA VAL D 304 2.63 0.24 -20.47
C VAL D 304 2.20 -0.90 -19.54
N ASN D 305 2.99 -1.06 -18.48
CA ASN D 305 2.82 -2.05 -17.45
C ASN D 305 2.67 -1.27 -16.15
N HIS D 306 1.48 -1.35 -15.56
CA HIS D 306 1.18 -0.60 -14.39
C HIS D 306 1.66 -1.35 -13.19
N GLY D 307 2.20 -2.56 -13.39
CA GLY D 307 2.64 -3.45 -12.30
C GLY D 307 2.10 -4.88 -12.46
N GLY D 308 2.99 -5.86 -12.55
CA GLY D 308 2.62 -7.25 -12.61
C GLY D 308 2.16 -7.79 -13.95
N ALA D 309 2.33 -7.05 -15.01
CA ALA D 309 1.85 -7.54 -16.31
C ALA D 309 2.58 -8.77 -16.75
N THR D 310 1.88 -9.72 -17.37
CA THR D 310 2.57 -10.78 -18.08
C THR D 310 2.85 -10.25 -19.44
N GLY D 311 3.83 -10.80 -20.13
CA GLY D 311 4.03 -10.43 -21.53
C GLY D 311 2.87 -10.78 -22.44
N ALA D 312 2.19 -11.90 -22.14
CA ALA D 312 1.02 -12.33 -22.91
C ALA D 312 -0.10 -11.29 -22.87
N GLN D 313 -0.22 -10.62 -21.72
CA GLN D 313 -1.22 -9.58 -21.58
C GLN D 313 -0.89 -8.36 -22.44
N VAL D 314 0.38 -7.97 -22.42
CA VAL D 314 0.85 -6.91 -23.25
C VAL D 314 0.59 -7.25 -24.68
N ARG D 315 0.88 -8.47 -25.08
CA ARG D 315 0.69 -8.87 -26.46
C ARG D 315 -0.78 -8.88 -26.86
N ALA D 316 -1.64 -9.38 -25.97
CA ALA D 316 -3.07 -9.38 -26.24
C ALA D 316 -3.59 -7.98 -26.47
N LEU D 317 -3.06 -7.04 -25.70
CA LEU D 317 -3.45 -5.63 -25.86
C LEU D 317 -2.98 -5.10 -27.19
N ALA D 318 -1.73 -5.35 -27.53
CA ALA D 318 -1.22 -4.94 -28.83
C ALA D 318 -2.01 -5.52 -30.00
N GLU D 319 -2.46 -6.75 -29.83
CA GLU D 319 -3.20 -7.43 -30.86
C GLU D 319 -4.57 -6.81 -31.06
N ARG D 320 -5.21 -6.37 -29.97
CA ARG D 320 -6.48 -5.69 -30.08
C ARG D 320 -6.34 -4.36 -30.79
N ILE D 321 -5.25 -3.66 -30.55
CA ILE D 321 -5.00 -2.38 -31.17
C ILE D 321 -4.68 -2.58 -32.66
N GLN D 322 -3.86 -3.58 -32.98
CA GLN D 322 -3.58 -3.87 -34.38
C GLN D 322 -4.83 -4.18 -35.15
N GLU D 323 -5.70 -5.02 -34.60
CA GLU D 323 -6.94 -5.35 -35.28
C GLU D 323 -7.87 -4.13 -35.48
N ASP D 324 -7.99 -3.29 -34.45
CA ASP D 324 -8.80 -2.09 -34.51
C ASP D 324 -8.32 -1.18 -35.61
N VAL D 325 -7.02 -1.00 -35.70
CA VAL D 325 -6.45 -0.19 -36.78
C VAL D 325 -6.65 -0.83 -38.16
N ARG D 326 -6.51 -2.16 -38.28
CA ARG D 326 -6.71 -2.82 -39.58
C ARG D 326 -8.15 -2.59 -40.03
N ARG D 327 -9.09 -2.71 -39.11
CA ARG D 327 -10.48 -2.53 -39.44
C ARG D 327 -10.83 -1.09 -39.78
N ARG D 328 -10.39 -0.17 -38.93
CA ARG D 328 -10.69 1.24 -39.13
C ARG D 328 -10.00 1.85 -40.36
N PHE D 329 -8.72 1.51 -40.60
CA PHE D 329 -7.94 2.17 -41.63
C PHE D 329 -7.41 1.27 -42.74
N GLY D 330 -7.63 -0.04 -42.65
CA GLY D 330 -7.06 -0.97 -43.64
C GLY D 330 -5.55 -0.97 -43.62
N VAL D 331 -4.96 -0.65 -42.47
CA VAL D 331 -3.52 -0.50 -42.36
C VAL D 331 -2.95 -1.48 -41.32
N GLU D 332 -1.85 -2.13 -41.67
CA GLU D 332 -1.24 -3.09 -40.77
C GLU D 332 -0.19 -2.40 -39.94
N LEU D 333 -0.24 -2.63 -38.63
CA LEU D 333 0.78 -2.09 -37.76
C LEU D 333 1.70 -3.21 -37.38
N GLU D 334 3.00 -2.99 -37.54
CA GLU D 334 4.03 -3.93 -37.08
C GLU D 334 4.55 -3.51 -35.72
N PRO D 335 4.69 -4.47 -34.80
CA PRO D 335 5.36 -4.03 -33.57
C PRO D 335 6.85 -3.79 -33.79
N GLU D 336 7.38 -2.96 -32.93
CA GLU D 336 8.77 -2.62 -32.93
C GLU D 336 9.55 -3.48 -31.95
N PRO D 337 9.03 -3.67 -30.73
CA PRO D 337 9.86 -4.47 -29.84
C PRO D 337 9.97 -5.90 -30.30
N ASN D 338 11.12 -6.49 -30.10
CA ASN D 338 11.29 -7.90 -30.38
C ASN D 338 10.45 -8.69 -29.42
N LEU D 339 9.63 -9.57 -29.97
CA LEU D 339 8.78 -10.38 -29.16
C LEU D 339 9.39 -11.77 -29.04
N TYR D 340 9.74 -12.18 -27.84
CA TYR D 340 10.09 -13.58 -27.61
C TYR D 340 8.90 -14.31 -26.96
#